data_9KUD
#
_entry.id   9KUD
#
_cell.length_a   128.674
_cell.length_b   129.157
_cell.length_c   138.062
_cell.angle_alpha   90.00
_cell.angle_beta   90.00
_cell.angle_gamma   90.00
#
_symmetry.space_group_name_H-M   'P 21 21 21'
#
loop_
_entity.id
_entity.type
_entity.pdbx_description
1 polymer 'Angiotensin-converting enzyme'
2 polymer 'Spike protein S1'
3 branched alpha-D-mannopyranose-(1-6)-beta-D-mannopyranose-(1-4)-2-acetamido-2-deoxy-beta-D-glucopyranose-(1-4)-2-acetamido-2-deoxy-beta-D-glucopyranose
4 non-polymer 2-acetamido-2-deoxy-beta-D-glucopyranose
5 non-polymer 'ZINC ION'
#
loop_
_entity_poly.entity_id
_entity_poly.type
_entity_poly.pdbx_seq_one_letter_code
_entity_poly.pdbx_strand_id
1 'polypeptide(L)'
;STIEELAKTFLDKFNQEAEDLDHQRSLAAWNYNTNITKENTEKMNEAEAKWSAFYEEQSKLAKDYPLQEIQNFTLKRQLQ
ALQQSGSSALSANKREQLNTILNTMSTIYSTGKVCNPKKPQECLLLEPGLDEIMANSTDYSERLWVWEGWRSEVGKQLRP
LYEEYVVLKNEMARANNYEDYGDYWRGDYEAEGADGYGYNRNQLIEDVERTFAEIKPLYEHLHAYVRAKLMNTYPSYISP
TGCLPAHLLGDMWGRFWTNLYSLTVPFPEKPNIDVTDAMINQNWNAVRIFKEAEKFFVSVGLPNMTQGFWENSMLTEPTD
GRKVVCHPTAWDLQKGDFRIKMCTKVTMDNFLTAHHEMGHIQYDMAYAMQPYLLRNGANEGFHEAVGEIMSLSASTPKHL
KSIGLLPSDFREDNETEINFLLKQALTIVGTLPFTYMLEKWRWMVFKGEIPKDQWMKKWWEMKREIVGVMEPVPHDETYC
DPAALYHVSNDFSFIRYYTRTIYQFQFQEALCQAAKHEGPLHKCDISNSTEAGQKLLNMLRLGKSKPWTLALENVVGARN
MDVRPLLNYFEPLFGWLKDQNRNSFVGWNTDWSPYT
;
A,B
2 'polypeptide(L)'
;PTNLCPFHEVFNATRFASVYAWNRTRISNCVADYSVLYNFAPFFAFKCYGVSPTKLNDLCFTNVYADSFVIKGNEVSQIA
PGQTGNIADYNYKLPDDFTGCVIAWNSNKLDSKHSGNYDYWYRSFRKSKLKPFERDISTEIYQAGNKPCKGKGPNCYFPL
QSYGFRPTYGVGHQPYRVVVLSFELLHAPATVCGPHH
;
E,F
#
loop_
_chem_comp.id
_chem_comp.type
_chem_comp.name
_chem_comp.formula
BMA D-saccharide, beta linking beta-D-mannopyranose 'C6 H12 O6'
MAN D-saccharide, alpha linking alpha-D-mannopyranose 'C6 H12 O6'
NAG D-saccharide, beta linking 2-acetamido-2-deoxy-beta-D-glucopyranose 'C8 H15 N O6'
ZN non-polymer 'ZINC ION' 'Zn 2'
#
# COMPACT_ATOMS: atom_id res chain seq x y z
N GLU A 4 28.98 10.97 -17.39
CA GLU A 4 29.70 10.71 -16.17
C GLU A 4 28.83 10.92 -14.97
N GLU A 5 28.65 12.18 -14.60
CA GLU A 5 27.79 12.51 -13.49
C GLU A 5 26.39 12.86 -13.99
N LEU A 6 25.58 11.85 -14.19
CA LEU A 6 24.22 12.03 -14.56
C LEU A 6 23.65 12.05 -13.17
N ALA A 7 24.53 11.97 -12.19
CA ALA A 7 24.11 12.04 -10.80
C ALA A 7 23.53 13.41 -10.46
N LYS A 8 24.25 14.48 -10.82
CA LYS A 8 23.73 15.82 -10.61
C LYS A 8 22.30 15.96 -11.14
N THR A 9 22.04 15.41 -12.34
CA THR A 9 20.75 15.53 -13.00
C THR A 9 19.65 14.76 -12.29
N PHE A 10 19.89 13.46 -12.05
CA PHE A 10 18.96 12.62 -11.29
C PHE A 10 18.63 13.25 -9.93
N LEU A 11 19.66 13.72 -9.24
CA LEU A 11 19.43 14.36 -7.96
C LEU A 11 18.58 15.61 -8.14
N ASP A 12 18.72 16.32 -9.28
CA ASP A 12 17.96 17.55 -9.52
C ASP A 12 16.50 17.29 -9.78
N LYS A 13 16.15 16.20 -10.45
CA LYS A 13 14.73 15.85 -10.57
C LYS A 13 14.18 15.36 -9.24
N PHE A 14 15.00 14.61 -8.50
CA PHE A 14 14.58 14.08 -7.21
C PHE A 14 14.25 15.20 -6.23
N ASN A 15 15.16 16.19 -6.09
CA ASN A 15 14.94 17.25 -5.13
C ASN A 15 13.56 17.87 -5.30
N GLN A 16 13.20 18.13 -6.56
CA GLN A 16 12.03 18.88 -6.92
C GLN A 16 10.73 18.08 -6.76
N GLU A 17 10.74 16.75 -6.97
CA GLU A 17 9.56 15.95 -6.58
C GLU A 17 9.49 15.69 -5.08
N ALA A 18 10.61 15.27 -4.48
CA ALA A 18 10.61 14.91 -3.08
C ALA A 18 10.14 16.04 -2.20
N GLU A 19 10.44 17.30 -2.54
CA GLU A 19 9.95 18.31 -1.61
C GLU A 19 8.45 18.55 -1.78
N ASP A 20 7.88 18.33 -2.97
CA ASP A 20 6.43 18.42 -3.07
C ASP A 20 5.76 17.36 -2.21
N LEU A 21 6.29 16.13 -2.29
CA LEU A 21 5.71 14.97 -1.63
C LEU A 21 5.96 15.01 -0.11
N ASP A 22 7.11 15.52 0.32
CA ASP A 22 7.37 15.65 1.74
C ASP A 22 6.53 16.76 2.35
N HIS A 23 6.28 17.87 1.64
CA HIS A 23 5.30 18.81 2.15
C HIS A 23 3.94 18.16 2.30
N GLN A 24 3.53 17.33 1.34
CA GLN A 24 2.22 16.69 1.49
C GLN A 24 2.19 15.87 2.79
N ARG A 25 3.18 14.99 2.94
CA ARG A 25 3.25 14.13 4.13
C ARG A 25 3.25 14.95 5.41
N SER A 26 4.06 16.00 5.44
CA SER A 26 4.16 16.84 6.62
C SER A 26 2.83 17.50 6.94
N LEU A 27 2.16 18.11 5.96
CA LEU A 27 0.81 18.65 6.21
C LEU A 27 -0.11 17.61 6.79
N ALA A 28 -0.13 16.41 6.23
CA ALA A 28 -1.04 15.39 6.75
C ALA A 28 -0.72 15.04 8.20
N ALA A 29 0.58 14.87 8.51
CA ALA A 29 0.99 14.58 9.88
C ALA A 29 0.64 15.72 10.83
N TRP A 30 0.84 16.95 10.38
CA TRP A 30 0.44 18.12 11.16
C TRP A 30 -1.07 18.12 11.42
N ASN A 31 -1.85 17.92 10.38
CA ASN A 31 -3.30 17.95 10.51
C ASN A 31 -3.78 16.88 11.46
N TYR A 32 -3.03 15.78 11.57
CA TYR A 32 -3.30 14.78 12.60
C TYR A 32 -2.89 15.27 13.99
N ASN A 33 -1.62 15.69 14.15
CA ASN A 33 -1.07 16.19 15.42
C ASN A 33 -1.80 17.39 16.02
N THR A 34 -2.69 18.07 15.26
CA THR A 34 -3.45 19.19 15.80
C THR A 34 -4.96 18.96 15.74
N ASN A 35 -5.40 17.76 15.34
CA ASN A 35 -6.80 17.38 15.18
C ASN A 35 -6.87 15.85 15.10
N ILE A 36 -6.81 15.15 16.22
CA ILE A 36 -6.71 13.68 16.23
C ILE A 36 -8.09 13.06 15.99
N THR A 37 -8.34 12.59 14.76
CA THR A 37 -9.57 11.91 14.43
C THR A 37 -9.22 10.64 13.69
N LYS A 38 -10.20 9.77 13.47
CA LYS A 38 -10.01 8.63 12.59
C LYS A 38 -9.67 9.08 11.19
N GLU A 39 -10.42 10.06 10.66
CA GLU A 39 -10.23 10.47 9.28
C GLU A 39 -8.83 11.02 9.05
N ASN A 40 -8.40 12.00 9.86
CA ASN A 40 -7.07 12.54 9.64
C ASN A 40 -5.98 11.52 9.88
N THR A 41 -6.24 10.52 10.74
CA THR A 41 -5.31 9.42 10.92
C THR A 41 -5.12 8.66 9.61
N GLU A 42 -6.22 8.37 8.92
CA GLU A 42 -6.12 7.66 7.65
C GLU A 42 -5.51 8.54 6.55
N LYS A 43 -5.83 9.84 6.53
CA LYS A 43 -5.21 10.71 5.53
C LYS A 43 -3.70 10.80 5.74
N MET A 44 -3.27 10.70 7.00
CA MET A 44 -1.85 10.54 7.29
C MET A 44 -1.32 9.22 6.74
N ASN A 45 -2.02 8.11 6.96
CA ASN A 45 -1.52 6.85 6.40
C ASN A 45 -1.32 6.93 4.91
N GLU A 46 -2.25 7.55 4.19
CA GLU A 46 -2.17 7.61 2.73
C GLU A 46 -1.04 8.52 2.24
N ALA A 47 -0.80 9.66 2.93
CA ALA A 47 0.35 10.48 2.58
C ALA A 47 1.66 9.74 2.80
N GLU A 48 1.75 8.98 3.91
CA GLU A 48 2.94 8.18 4.21
C GLU A 48 3.16 7.10 3.17
N ALA A 49 2.08 6.47 2.72
CA ALA A 49 2.16 5.45 1.69
C ALA A 49 2.74 6.01 0.42
N LYS A 50 2.30 7.22 0.01
CA LYS A 50 2.81 7.79 -1.24
C LYS A 50 4.27 8.21 -1.09
N TRP A 51 4.63 8.85 0.03
CA TRP A 51 6.03 9.13 0.28
C TRP A 51 6.89 7.88 0.11
N SER A 52 6.57 6.80 0.83
CA SER A 52 7.50 5.67 0.83
C SER A 52 7.45 4.89 -0.50
N ALA A 53 6.29 4.81 -1.17
CA ALA A 53 6.28 4.23 -2.51
C ALA A 53 7.20 4.98 -3.46
N PHE A 54 7.20 6.31 -3.37
CA PHE A 54 8.12 7.14 -4.15
C PHE A 54 9.58 6.89 -3.77
N TYR A 55 9.87 6.95 -2.46
CA TYR A 55 11.26 6.88 -2.03
C TYR A 55 11.87 5.53 -2.37
N GLU A 56 11.03 4.51 -2.51
CA GLU A 56 11.53 3.20 -2.88
C GLU A 56 12.16 3.24 -4.26
N GLU A 57 11.40 3.69 -5.27
CA GLU A 57 11.93 3.74 -6.63
C GLU A 57 13.12 4.67 -6.73
N GLN A 58 13.04 5.83 -6.08
CA GLN A 58 14.18 6.73 -6.16
C GLN A 58 15.41 6.12 -5.51
N SER A 59 15.23 5.30 -4.48
CA SER A 59 16.39 4.73 -3.75
C SER A 59 17.10 3.71 -4.64
N LYS A 60 16.36 2.71 -5.14
CA LYS A 60 16.97 1.71 -6.06
C LYS A 60 17.59 2.46 -7.24
N LEU A 61 16.83 3.39 -7.85
CA LEU A 61 17.35 4.15 -9.02
C LEU A 61 18.69 4.80 -8.67
N ALA A 62 18.96 5.01 -7.39
CA ALA A 62 20.19 5.76 -7.05
C ALA A 62 21.29 4.74 -6.83
N LYS A 63 20.91 3.59 -6.34
CA LYS A 63 21.90 2.55 -6.01
C LYS A 63 22.57 2.14 -7.31
N ASP A 64 22.12 2.67 -8.43
CA ASP A 64 22.68 2.23 -9.74
C ASP A 64 23.86 3.15 -10.07
N TYR A 65 23.97 4.29 -9.38
CA TYR A 65 25.11 5.21 -9.57
C TYR A 65 26.20 4.85 -8.55
N PRO A 66 27.35 4.28 -8.98
CA PRO A 66 28.39 3.85 -8.05
C PRO A 66 28.93 5.05 -7.28
N LEU A 67 29.02 4.94 -5.95
CA LEU A 67 29.40 6.13 -5.14
C LEU A 67 30.92 6.23 -5.09
N GLN A 68 31.62 5.27 -5.68
CA GLN A 68 33.07 5.40 -5.73
C GLN A 68 33.55 6.04 -7.01
N GLU A 69 32.63 6.48 -7.87
CA GLU A 69 32.94 7.28 -9.05
C GLU A 69 32.69 8.77 -8.83
N ILE A 70 31.90 9.11 -7.80
CA ILE A 70 31.61 10.50 -7.45
C ILE A 70 32.81 11.09 -6.69
N GLN A 71 33.34 12.20 -7.19
CA GLN A 71 34.40 12.93 -6.51
C GLN A 71 33.94 14.20 -5.81
N ASN A 72 32.76 14.72 -6.19
CA ASN A 72 32.19 15.91 -5.52
C ASN A 72 31.63 15.41 -4.21
N PHE A 73 32.32 15.64 -3.10
CA PHE A 73 31.88 15.09 -1.80
C PHE A 73 30.46 15.55 -1.49
N THR A 74 30.07 16.72 -2.00
CA THR A 74 28.69 17.20 -1.81
C THR A 74 27.74 16.20 -2.46
N LEU A 75 27.84 16.01 -3.78
CA LEU A 75 27.00 15.01 -4.45
C LEU A 75 27.21 13.62 -3.87
N LYS A 76 28.40 13.32 -3.36
CA LYS A 76 28.59 12.00 -2.77
C LYS A 76 27.80 11.87 -1.47
N ARG A 77 27.77 12.92 -0.65
CA ARG A 77 26.92 12.85 0.54
C ARG A 77 25.45 12.72 0.16
N GLN A 78 25.01 13.48 -0.85
CA GLN A 78 23.62 13.37 -1.30
C GLN A 78 23.30 11.95 -1.80
N LEU A 79 24.15 11.39 -2.66
CA LEU A 79 23.88 10.06 -3.21
C LEU A 79 23.92 9.00 -2.12
N GLN A 80 24.78 9.16 -1.12
CA GLN A 80 24.77 8.19 -0.03
C GLN A 80 23.52 8.32 0.83
N ALA A 81 23.12 9.55 1.14
CA ALA A 81 21.84 9.77 1.79
C ALA A 81 20.74 9.05 1.04
N LEU A 82 20.79 9.06 -0.29
CA LEU A 82 19.62 8.56 -1.00
C LEU A 82 19.72 7.04 -1.23
N GLN A 83 20.95 6.56 -1.44
CA GLN A 83 21.14 5.09 -1.54
C GLN A 83 20.69 4.49 -0.21
N GLN A 84 20.57 5.32 0.83
CA GLN A 84 20.02 4.83 2.12
C GLN A 84 18.50 4.76 1.94
N SER A 85 17.93 3.55 2.01
CA SER A 85 16.48 3.40 1.75
C SER A 85 15.70 3.23 3.07
N GLY A 86 15.70 4.26 3.92
CA GLY A 86 14.88 4.17 5.15
C GLY A 86 13.42 3.99 4.81
N SER A 87 12.68 3.23 5.62
CA SER A 87 11.23 2.95 5.35
C SER A 87 11.11 2.05 4.12
N SER A 88 11.65 2.51 2.98
CA SER A 88 11.61 1.67 1.74
C SER A 88 12.11 0.27 2.07
N ALA A 89 12.88 0.14 3.16
CA ALA A 89 13.38 -1.19 3.59
C ALA A 89 12.18 -2.06 3.99
N LEU A 90 11.33 -1.60 4.90
CA LEU A 90 10.09 -2.35 5.23
C LEU A 90 9.21 -2.36 3.97
N SER A 91 8.27 -3.30 3.85
CA SER A 91 7.53 -3.35 2.56
C SER A 91 6.06 -3.74 2.69
N ALA A 92 5.18 -3.00 1.99
CA ALA A 92 3.75 -3.37 1.90
C ALA A 92 3.11 -3.63 3.26
N ASN A 93 2.64 -4.86 3.47
CA ASN A 93 1.96 -5.20 4.74
C ASN A 93 2.78 -4.63 5.88
N LYS A 94 4.10 -4.74 5.84
CA LYS A 94 4.91 -4.38 7.02
C LYS A 94 5.19 -2.88 7.12
N ARG A 95 4.91 -2.11 6.07
CA ARG A 95 5.08 -0.64 6.18
C ARG A 95 3.79 -0.07 6.76
N GLU A 96 2.64 -0.64 6.40
CA GLU A 96 1.32 -0.18 6.91
C GLU A 96 1.07 -0.79 8.29
N GLN A 97 1.50 -2.03 8.50
CA GLN A 97 1.39 -2.58 9.88
C GLN A 97 2.13 -1.64 10.83
N LEU A 98 3.41 -1.39 10.55
CA LEU A 98 4.18 -0.47 11.37
C LEU A 98 3.39 0.81 11.58
N ASN A 99 2.80 1.35 10.51
CA ASN A 99 2.12 2.64 10.62
C ASN A 99 0.87 2.53 11.50
N THR A 100 0.14 1.42 11.42
CA THR A 100 -0.96 1.29 12.37
C THR A 100 -0.45 1.23 13.80
N ILE A 101 0.58 0.41 14.06
CA ILE A 101 1.16 0.31 15.40
C ILE A 101 1.54 1.71 15.89
N LEU A 102 2.10 2.51 14.98
CA LEU A 102 2.67 3.79 15.34
C LEU A 102 1.58 4.79 15.63
N ASN A 103 0.53 4.79 14.80
CA ASN A 103 -0.64 5.62 15.05
C ASN A 103 -1.29 5.25 16.37
N THR A 104 -1.37 3.96 16.67
CA THR A 104 -2.05 3.52 17.90
C THR A 104 -1.29 3.97 19.12
N MET A 105 0.02 3.70 19.17
CA MET A 105 0.85 4.20 20.25
C MET A 105 0.68 5.71 20.42
N SER A 106 0.63 6.43 19.30
CA SER A 106 0.56 7.88 19.34
C SER A 106 -0.77 8.38 19.91
N THR A 107 -1.88 7.82 19.44
CA THR A 107 -3.17 8.27 19.95
C THR A 107 -3.41 7.80 21.38
N ILE A 108 -2.83 6.65 21.77
CA ILE A 108 -2.91 6.24 23.18
C ILE A 108 -2.19 7.27 24.03
N TYR A 109 -0.98 7.63 23.63
CA TYR A 109 -0.18 8.52 24.45
C TYR A 109 -0.88 9.86 24.63
N SER A 110 -1.60 10.32 23.63
CA SER A 110 -2.15 11.67 23.71
C SER A 110 -3.65 11.69 23.98
N THR A 111 -4.24 10.54 24.26
CA THR A 111 -5.65 10.44 24.65
C THR A 111 -5.81 9.73 25.98
N GLY A 112 -4.71 9.27 26.58
CA GLY A 112 -4.81 8.48 27.79
C GLY A 112 -5.26 9.32 28.95
N LYS A 113 -6.23 8.81 29.70
CA LYS A 113 -6.81 9.49 30.85
C LYS A 113 -6.75 8.55 32.05
N VAL A 114 -6.27 9.04 33.18
CA VAL A 114 -6.24 8.23 34.39
C VAL A 114 -7.07 8.92 35.48
N CYS A 115 -7.75 8.12 36.30
CA CYS A 115 -8.73 8.58 37.29
C CYS A 115 -8.23 8.43 38.72
N ASN A 116 -8.82 9.21 39.62
CA ASN A 116 -8.36 9.24 41.03
C ASN A 116 -9.18 8.31 41.90
N PRO A 117 -8.57 7.33 42.62
CA PRO A 117 -9.32 6.50 43.55
C PRO A 117 -10.21 7.34 44.48
N LYS A 118 -9.73 8.52 44.90
CA LYS A 118 -10.50 9.37 45.85
C LYS A 118 -11.78 9.85 45.18
N LYS A 119 -11.66 10.54 44.04
CA LYS A 119 -12.86 11.01 43.28
C LYS A 119 -12.89 10.27 41.95
N PRO A 120 -13.37 9.01 41.88
CA PRO A 120 -13.30 8.20 40.64
C PRO A 120 -13.92 8.85 39.42
N GLN A 121 -14.61 9.98 39.56
CA GLN A 121 -15.30 10.58 38.38
C GLN A 121 -14.33 11.56 37.74
N GLU A 122 -13.15 11.71 38.34
CA GLU A 122 -12.16 12.69 37.85
C GLU A 122 -11.12 12.00 36.99
N CYS A 123 -11.42 11.74 35.73
CA CYS A 123 -10.37 11.20 34.83
C CYS A 123 -9.66 12.42 34.24
N LEU A 124 -8.36 12.30 33.96
CA LEU A 124 -7.58 13.47 33.64
C LEU A 124 -6.41 13.09 32.73
N LEU A 125 -6.09 13.99 31.80
CA LEU A 125 -5.13 13.84 30.70
C LEU A 125 -3.73 14.28 31.10
N LEU A 126 -2.72 13.74 30.39
CA LEU A 126 -1.35 14.09 30.72
C LEU A 126 -0.93 15.43 30.09
N GLU A 127 -0.94 15.52 28.76
CA GLU A 127 -0.47 16.71 28.04
C GLU A 127 -0.80 18.03 28.72
N PRO A 128 -2.04 18.27 29.19
CA PRO A 128 -2.27 19.42 30.09
C PRO A 128 -2.23 19.12 31.61
N GLY A 129 -3.20 18.36 32.18
CA GLY A 129 -3.41 18.27 33.62
C GLY A 129 -2.55 17.42 34.57
N LEU A 130 -2.30 16.16 34.25
CA LEU A 130 -1.49 15.33 35.14
C LEU A 130 -0.07 15.89 35.27
N ASP A 131 0.41 16.52 34.20
CA ASP A 131 1.65 17.29 34.24
C ASP A 131 1.61 18.32 35.36
N GLU A 132 0.52 19.10 35.41
CA GLU A 132 0.28 20.06 36.49
C GLU A 132 0.49 19.41 37.86
N ILE A 133 -0.19 18.27 38.12
CA ILE A 133 -0.02 17.61 39.43
C ILE A 133 1.45 17.30 39.67
N MET A 134 2.09 16.67 38.69
CA MET A 134 3.48 16.25 38.88
C MET A 134 4.46 17.43 39.03
N ALA A 135 4.05 18.65 38.65
CA ALA A 135 4.90 19.83 38.83
C ALA A 135 4.65 20.57 40.14
N ASN A 136 3.40 20.59 40.65
CA ASN A 136 3.16 21.27 41.93
C ASN A 136 3.24 20.35 43.13
N SER A 137 2.48 19.26 43.12
CA SER A 137 2.16 18.52 44.33
C SER A 137 3.41 18.11 45.09
N THR A 138 3.24 17.92 46.41
CA THR A 138 4.25 17.38 47.30
C THR A 138 3.62 16.35 48.25
N ASP A 139 2.57 15.69 47.77
CA ASP A 139 1.84 14.66 48.51
C ASP A 139 2.26 13.30 47.96
N TYR A 140 3.00 12.53 48.77
CA TYR A 140 3.56 11.28 48.27
C TYR A 140 2.49 10.38 47.67
N SER A 141 1.33 10.28 48.33
CA SER A 141 0.32 9.33 47.86
C SER A 141 -0.42 9.85 46.62
N GLU A 142 -0.59 11.17 46.52
CA GLU A 142 -1.18 11.78 45.32
C GLU A 142 -0.29 11.57 44.11
N ARG A 143 0.94 12.06 44.20
CA ARG A 143 1.95 11.81 43.18
C ARG A 143 2.01 10.32 42.83
N LEU A 144 1.95 9.45 43.84
CA LEU A 144 2.12 8.05 43.54
C LEU A 144 0.94 7.49 42.77
N TRP A 145 -0.30 7.91 43.08
CA TRP A 145 -1.39 7.37 42.29
C TRP A 145 -1.37 7.93 40.88
N VAL A 146 -0.91 9.17 40.67
CA VAL A 146 -0.81 9.63 39.29
C VAL A 146 0.28 8.87 38.54
N TRP A 147 1.42 8.60 39.20
CA TRP A 147 2.55 7.95 38.53
C TRP A 147 2.22 6.51 38.18
N GLU A 148 1.71 5.76 39.15
CA GLU A 148 1.34 4.39 38.92
C GLU A 148 0.10 4.30 38.04
N GLY A 149 -0.74 5.33 37.99
CA GLY A 149 -1.93 5.25 37.18
C GLY A 149 -1.58 5.44 35.74
N TRP A 150 -0.70 6.40 35.47
CA TRP A 150 -0.22 6.58 34.12
C TRP A 150 0.48 5.30 33.64
N ARG A 151 1.42 4.78 34.42
CA ARG A 151 2.11 3.59 33.92
C ARG A 151 1.18 2.39 33.81
N SER A 152 0.20 2.27 34.71
CA SER A 152 -0.71 1.12 34.67
C SER A 152 -1.70 1.19 33.51
N GLU A 153 -2.17 2.40 33.19
CA GLU A 153 -3.29 2.51 32.27
C GLU A 153 -2.86 2.90 30.86
N VAL A 154 -1.64 3.38 30.63
CA VAL A 154 -1.12 3.47 29.28
C VAL A 154 0.06 2.53 29.05
N GLY A 155 1.03 2.45 29.96
CA GLY A 155 2.19 1.61 29.68
C GLY A 155 1.79 0.17 29.43
N LYS A 156 0.81 -0.30 30.20
CA LYS A 156 0.25 -1.62 29.98
C LYS A 156 -0.46 -1.72 28.63
N GLN A 157 -1.11 -0.63 28.16
CA GLN A 157 -1.71 -0.64 26.84
C GLN A 157 -0.67 -0.61 25.73
N LEU A 158 0.53 -0.12 26.01
CA LEU A 158 1.55 0.05 25.00
C LEU A 158 2.46 -1.16 24.84
N ARG A 159 2.58 -1.98 25.89
CA ARG A 159 3.52 -3.11 25.89
C ARG A 159 3.45 -3.97 24.60
N PRO A 160 2.30 -4.58 24.27
CA PRO A 160 2.29 -5.45 23.08
C PRO A 160 2.68 -4.71 21.81
N LEU A 161 2.29 -3.44 21.75
CA LEU A 161 2.66 -2.60 20.63
C LEU A 161 4.16 -2.42 20.58
N TYR A 162 4.78 -2.05 21.71
CA TYR A 162 6.23 -1.84 21.65
C TYR A 162 6.92 -3.10 21.15
N GLU A 163 6.44 -4.27 21.55
CA GLU A 163 7.05 -5.51 21.06
C GLU A 163 6.99 -5.57 19.53
N GLU A 164 5.77 -5.52 18.95
CA GLU A 164 5.68 -5.70 17.50
C GLU A 164 6.46 -4.60 16.78
N TYR A 165 6.49 -3.42 17.40
CA TYR A 165 7.24 -2.28 16.90
C TYR A 165 8.72 -2.60 16.83
N VAL A 166 9.25 -3.29 17.83
CA VAL A 166 10.67 -3.55 17.83
C VAL A 166 11.01 -4.57 16.74
N VAL A 167 10.18 -5.59 16.55
CA VAL A 167 10.52 -6.55 15.48
C VAL A 167 10.56 -5.84 14.12
N LEU A 168 9.52 -5.03 13.81
CA LEU A 168 9.49 -4.43 12.47
C LEU A 168 10.58 -3.36 12.29
N LYS A 169 10.82 -2.51 13.30
CA LYS A 169 11.85 -1.49 13.16
C LYS A 169 13.22 -2.13 12.95
N ASN A 170 13.45 -3.25 13.65
CA ASN A 170 14.70 -3.98 13.47
C ASN A 170 14.81 -4.58 12.07
N GLU A 171 13.71 -5.13 11.55
CA GLU A 171 13.71 -5.67 10.18
C GLU A 171 14.10 -4.60 9.18
N MET A 172 13.50 -3.41 9.31
CA MET A 172 13.85 -2.32 8.41
C MET A 172 15.33 -1.96 8.51
N ALA A 173 15.86 -1.84 9.73
CA ALA A 173 17.28 -1.56 9.89
C ALA A 173 18.16 -2.63 9.23
N ARG A 174 17.93 -3.91 9.55
CA ARG A 174 18.68 -4.99 8.90
C ARG A 174 18.59 -4.87 7.39
N ALA A 175 17.43 -4.45 6.87
CA ALA A 175 17.32 -4.33 5.42
C ALA A 175 18.16 -3.20 4.89
N ASN A 176 18.46 -2.21 5.73
CA ASN A 176 19.41 -1.13 5.42
C ASN A 176 20.85 -1.45 5.84
N ASN A 177 21.16 -2.73 6.04
CA ASN A 177 22.53 -3.19 6.37
C ASN A 177 23.05 -2.67 7.71
N TYR A 178 22.17 -2.56 8.71
CA TYR A 178 22.56 -2.14 10.05
C TYR A 178 22.38 -3.33 10.97
N GLU A 179 23.15 -3.37 12.05
CA GLU A 179 23.02 -4.48 13.00
C GLU A 179 21.59 -4.54 13.56
N ASP A 180 21.05 -3.40 14.00
CA ASP A 180 19.66 -3.34 14.42
C ASP A 180 19.18 -1.89 14.29
N TYR A 181 17.96 -1.63 14.76
CA TYR A 181 17.43 -0.26 14.73
C TYR A 181 18.30 0.71 15.51
N GLY A 182 18.86 0.27 16.65
CA GLY A 182 19.77 1.12 17.39
C GLY A 182 21.01 1.48 16.59
N ASP A 183 21.45 0.63 15.67
CA ASP A 183 22.61 0.98 14.80
C ASP A 183 22.16 1.97 13.73
N TYR A 184 20.89 1.93 13.35
CA TYR A 184 20.33 2.86 12.34
C TYR A 184 20.35 4.24 12.95
N TRP A 185 19.84 4.35 14.17
CA TRP A 185 19.80 5.64 14.89
C TRP A 185 21.20 6.13 15.20
N ARG A 186 22.13 5.24 15.56
CA ARG A 186 23.45 5.82 15.85
C ARG A 186 24.17 6.23 14.59
N GLY A 187 23.75 5.71 13.43
CA GLY A 187 24.31 6.14 12.14
C GLY A 187 24.15 7.62 11.85
N ASP A 188 23.39 8.36 12.67
CA ASP A 188 23.31 9.78 12.44
C ASP A 188 24.67 10.45 12.60
N TYR A 189 25.51 9.90 13.49
CA TYR A 189 26.82 10.45 13.82
C TYR A 189 27.91 9.91 12.90
N GLU A 190 27.55 9.34 11.77
CA GLU A 190 28.54 8.82 10.86
C GLU A 190 28.85 9.85 9.78
N ALA A 191 30.14 10.14 9.60
CA ALA A 191 30.58 11.23 8.74
C ALA A 191 31.77 10.80 7.90
N GLU A 192 31.73 11.25 6.66
CA GLU A 192 32.79 10.85 5.71
C GLU A 192 33.43 12.12 5.13
N GLY A 193 34.57 12.55 5.69
CA GLY A 193 35.32 13.68 5.14
C GLY A 193 36.75 13.25 4.87
N ALA A 194 37.74 13.76 5.61
CA ALA A 194 39.16 13.41 5.32
C ALA A 194 40.09 13.60 6.54
N ASP A 195 41.41 13.36 6.38
CA ASP A 195 42.27 13.49 7.59
C ASP A 195 41.63 12.70 8.73
N GLY A 196 41.22 13.41 9.78
CA GLY A 196 40.55 12.74 10.91
C GLY A 196 39.20 13.38 11.11
N TYR A 197 38.52 13.65 10.01
CA TYR A 197 37.17 14.19 10.15
C TYR A 197 36.13 13.12 9.97
N GLY A 198 36.55 11.86 9.80
CA GLY A 198 35.61 10.77 9.75
C GLY A 198 35.09 10.40 11.11
N TYR A 199 34.00 9.65 11.12
CA TYR A 199 33.42 9.15 12.36
C TYR A 199 32.64 7.89 12.04
N ASN A 200 32.94 6.80 12.75
CA ASN A 200 32.23 5.54 12.61
C ASN A 200 31.23 5.39 13.73
N ARG A 201 30.03 4.90 13.41
CA ARG A 201 28.93 4.78 14.36
C ARG A 201 29.41 4.24 15.70
N ASN A 202 30.24 3.19 15.65
CA ASN A 202 30.61 2.44 16.84
C ASN A 202 31.50 3.24 17.77
N GLN A 203 31.92 4.44 17.36
CA GLN A 203 32.63 5.33 18.27
C GLN A 203 31.67 5.99 19.25
N LEU A 204 30.42 6.23 18.83
CA LEU A 204 29.49 7.00 19.65
C LEU A 204 29.35 6.38 21.03
N ILE A 205 29.17 5.05 21.10
CA ILE A 205 28.99 4.42 22.41
C ILE A 205 30.25 4.58 23.27
N GLU A 206 31.43 4.45 22.67
CA GLU A 206 32.63 4.77 23.44
C GLU A 206 32.60 6.22 23.92
N ASP A 207 32.33 7.16 22.99
CA ASP A 207 32.47 8.60 23.27
C ASP A 207 31.44 9.10 24.27
N VAL A 208 30.23 8.51 24.24
CA VAL A 208 29.26 8.72 25.32
C VAL A 208 29.83 8.23 26.63
N GLU A 209 30.25 6.95 26.66
CA GLU A 209 30.66 6.36 27.94
C GLU A 209 31.89 7.04 28.52
N ARG A 210 32.79 7.54 27.66
CA ARG A 210 33.84 8.43 28.15
C ARG A 210 33.22 9.60 28.90
N THR A 211 32.43 10.41 28.21
CA THR A 211 32.00 11.68 28.77
C THR A 211 31.12 11.47 30.01
N PHE A 212 30.22 10.47 29.98
CA PHE A 212 29.41 10.19 31.15
C PHE A 212 30.28 10.09 32.40
N ALA A 213 31.37 9.30 32.32
CA ALA A 213 32.32 9.19 33.43
C ALA A 213 32.75 10.55 33.93
N GLU A 214 33.16 11.43 33.02
CA GLU A 214 33.63 12.77 33.40
C GLU A 214 32.50 13.59 34.01
N ILE A 215 31.26 13.41 33.53
CA ILE A 215 30.10 14.06 34.13
C ILE A 215 29.74 13.41 35.48
N LYS A 216 30.09 12.13 35.66
CA LYS A 216 29.49 11.33 36.73
C LYS A 216 29.71 11.94 38.11
N PRO A 217 30.98 12.34 38.51
CA PRO A 217 31.18 13.00 39.82
C PRO A 217 30.17 14.10 40.13
N LEU A 218 30.05 15.07 39.22
CA LEU A 218 29.17 16.21 39.43
C LEU A 218 27.73 15.74 39.66
N TYR A 219 27.20 14.92 38.75
CA TYR A 219 25.86 14.37 38.97
C TYR A 219 25.74 13.80 40.37
N GLU A 220 26.71 12.97 40.76
CA GLU A 220 26.62 12.27 42.03
C GLU A 220 26.44 13.24 43.18
N HIS A 221 27.20 14.35 43.17
CA HIS A 221 27.07 15.33 44.25
C HIS A 221 25.72 15.99 44.22
N LEU A 222 25.31 16.46 43.04
CA LEU A 222 23.97 17.01 42.91
C LEU A 222 22.93 16.01 43.43
N HIS A 223 23.16 14.71 43.19
CA HIS A 223 22.20 13.72 43.59
C HIS A 223 22.10 13.69 45.10
N ALA A 224 23.24 13.57 45.79
CA ALA A 224 23.22 13.46 47.25
C ALA A 224 22.47 14.63 47.87
N TYR A 225 22.83 15.86 47.44
CA TYR A 225 22.18 17.07 47.91
C TYR A 225 20.67 17.03 47.68
N VAL A 226 20.25 16.70 46.46
CA VAL A 226 18.80 16.69 46.23
C VAL A 226 18.13 15.69 47.16
N ARG A 227 18.79 14.55 47.44
CA ARG A 227 18.19 13.56 48.31
C ARG A 227 17.98 14.15 49.70
N ALA A 228 19.01 14.87 50.18
CA ALA A 228 18.95 15.49 51.49
C ALA A 228 17.71 16.37 51.62
N LYS A 229 17.55 17.33 50.69
CA LYS A 229 16.39 18.23 50.73
C LYS A 229 15.10 17.46 50.59
N LEU A 230 15.10 16.42 49.76
CA LEU A 230 13.86 15.67 49.58
C LEU A 230 13.51 14.90 50.84
N MET A 231 14.53 14.50 51.62
CA MET A 231 14.25 13.89 52.92
C MET A 231 13.48 14.82 53.84
N ASN A 232 13.66 16.15 53.69
CA ASN A 232 12.94 17.05 54.58
C ASN A 232 11.45 17.11 54.26
N THR A 233 11.05 16.69 53.07
CA THR A 233 9.65 16.75 52.68
C THR A 233 9.02 15.37 52.70
N TYR A 234 9.81 14.34 52.50
CA TYR A 234 9.35 12.96 52.58
C TYR A 234 10.24 12.13 53.51
N PRO A 235 10.31 12.44 54.83
CA PRO A 235 11.17 11.72 55.76
C PRO A 235 11.31 10.20 55.75
N SER A 236 10.21 9.44 55.65
CA SER A 236 10.27 7.97 55.82
C SER A 236 10.32 7.21 54.50
N TYR A 237 10.11 7.91 53.40
CA TYR A 237 10.01 7.26 52.08
C TYR A 237 11.36 7.27 51.38
N ILE A 238 12.38 7.91 51.96
CA ILE A 238 13.63 8.02 51.22
C ILE A 238 14.80 7.60 52.12
N SER A 239 15.60 6.71 51.65
CA SER A 239 16.72 6.38 52.52
C SER A 239 17.86 7.36 52.32
N PRO A 240 18.61 7.68 53.39
CA PRO A 240 19.75 8.62 53.28
C PRO A 240 20.96 8.07 52.57
N THR A 241 20.87 6.85 52.06
CA THR A 241 21.99 6.18 51.45
C THR A 241 21.62 5.51 50.13
N GLY A 242 20.35 5.58 49.72
CA GLY A 242 19.88 4.87 48.56
C GLY A 242 19.34 5.78 47.48
N CYS A 243 18.14 5.52 46.97
CA CYS A 243 17.70 6.14 45.72
C CYS A 243 16.54 7.10 45.97
N LEU A 244 16.43 8.11 45.07
CA LEU A 244 15.28 9.01 45.00
C LEU A 244 14.09 8.28 44.39
N PRO A 245 12.90 8.35 44.97
CA PRO A 245 11.76 7.66 44.37
C PRO A 245 11.42 8.27 43.01
N ALA A 246 10.94 7.43 42.08
CA ALA A 246 10.78 7.88 40.69
C ALA A 246 9.65 8.91 40.57
N HIS A 247 8.60 8.81 41.37
CA HIS A 247 7.45 9.71 41.27
C HIS A 247 7.63 11.03 42.07
N LEU A 248 8.85 11.39 42.46
CA LEU A 248 9.06 12.55 43.33
C LEU A 248 9.94 13.60 42.67
N LEU A 249 10.08 13.56 41.38
CA LEU A 249 10.98 14.47 40.70
C LEU A 249 10.16 15.54 39.94
N GLY A 250 10.85 16.36 39.13
CA GLY A 250 10.19 17.52 38.52
C GLY A 250 8.90 17.21 37.74
N ASP A 251 8.90 16.12 36.96
CA ASP A 251 7.79 15.75 36.07
C ASP A 251 7.48 14.26 36.23
N MET A 252 6.67 13.74 35.29
CA MET A 252 6.04 12.40 35.35
C MET A 252 7.04 11.27 35.15
N TRP A 253 8.27 11.58 34.75
CA TRP A 253 9.41 10.68 34.67
C TRP A 253 10.53 11.37 35.41
N GLY A 254 11.70 10.79 35.45
CA GLY A 254 12.73 11.51 36.16
C GLY A 254 13.53 12.45 35.29
N ARG A 255 12.90 13.08 34.29
CA ARG A 255 13.65 13.60 33.15
C ARG A 255 14.39 14.88 33.47
N PHE A 256 13.62 15.86 33.95
CA PHE A 256 14.27 17.09 34.42
C PHE A 256 13.86 17.32 35.86
N TRP A 257 14.82 17.77 36.66
CA TRP A 257 14.60 17.99 38.09
C TRP A 257 14.28 19.45 38.32
N THR A 258 13.71 20.13 37.30
CA THR A 258 13.45 21.60 37.32
C THR A 258 12.15 21.96 38.03
N ASN A 259 11.59 21.07 38.85
CA ASN A 259 10.36 21.46 39.57
C ASN A 259 10.68 21.16 41.03
N LEU A 260 11.96 20.93 41.31
CA LEU A 260 12.41 20.69 42.70
C LEU A 260 13.21 21.93 43.14
N TYR A 261 13.38 22.90 42.24
CA TYR A 261 14.01 24.16 42.66
C TYR A 261 13.37 24.71 43.94
N SER A 262 12.03 24.76 43.97
CA SER A 262 11.31 25.18 45.16
C SER A 262 11.79 24.41 46.39
N LEU A 263 11.81 23.08 46.30
CA LEU A 263 12.23 22.29 47.45
C LEU A 263 13.74 22.37 47.71
N THR A 264 14.54 22.87 46.77
CA THR A 264 15.98 22.70 46.91
C THR A 264 16.79 23.98 46.71
N VAL A 265 16.15 25.13 46.55
CA VAL A 265 16.81 26.41 46.38
C VAL A 265 17.86 26.66 47.47
N PRO A 266 19.14 26.79 47.11
CA PRO A 266 20.19 26.96 48.12
C PRO A 266 19.97 28.09 49.12
N PHE A 267 19.80 29.35 48.66
CA PHE A 267 19.56 30.48 49.55
C PHE A 267 18.17 31.05 49.33
N PRO A 268 17.13 30.50 49.97
CA PRO A 268 15.75 30.84 49.59
C PRO A 268 15.43 32.31 49.74
N GLU A 269 16.16 33.03 50.57
CA GLU A 269 15.75 34.43 50.86
C GLU A 269 16.49 35.39 49.93
N LYS A 270 16.23 35.33 48.62
CA LYS A 270 16.99 36.14 47.65
C LYS A 270 16.13 36.37 46.40
N PRO A 271 16.56 37.13 45.38
CA PRO A 271 15.79 37.25 44.13
C PRO A 271 15.56 35.85 43.54
N ASN A 272 14.39 35.63 42.93
CA ASN A 272 14.05 34.28 42.43
C ASN A 272 14.55 34.07 40.99
N ILE A 273 15.26 32.96 40.75
CA ILE A 273 15.69 32.64 39.37
C ILE A 273 14.44 32.20 38.60
N ASP A 274 13.63 31.29 39.17
CA ASP A 274 12.34 30.97 38.51
C ASP A 274 11.63 32.31 38.46
N VAL A 275 10.88 32.59 37.40
CA VAL A 275 10.40 33.94 37.19
C VAL A 275 8.95 33.79 36.76
N THR A 276 8.35 32.64 37.09
CA THR A 276 6.96 32.36 36.64
C THR A 276 6.00 33.33 37.32
N ASP A 277 5.99 33.37 38.64
CA ASP A 277 5.15 34.34 39.39
C ASP A 277 5.18 35.68 38.66
N ALA A 278 6.39 36.18 38.36
CA ALA A 278 6.52 37.46 37.63
C ALA A 278 5.65 37.45 36.38
N MET A 279 5.84 36.46 35.48
CA MET A 279 5.01 36.47 34.28
C MET A 279 3.53 36.46 34.64
N ILE A 280 3.18 35.67 35.65
CA ILE A 280 1.74 35.54 36.03
C ILE A 280 1.19 36.95 36.26
N ASN A 281 1.86 37.74 37.11
CA ASN A 281 1.39 39.10 37.44
C ASN A 281 1.68 40.05 36.28
N GLN A 282 2.73 39.78 35.49
CA GLN A 282 3.10 40.65 34.34
C GLN A 282 2.11 40.41 33.19
N ASN A 283 1.10 39.57 33.42
CA ASN A 283 0.03 39.36 32.39
C ASN A 283 0.63 38.91 31.05
N TRP A 284 1.57 37.95 31.07
CA TRP A 284 2.07 37.43 29.82
C TRP A 284 1.10 36.40 29.26
N ASN A 285 1.28 36.12 27.98
CA ASN A 285 0.49 35.14 27.25
C ASN A 285 1.41 34.38 26.30
N ALA A 286 0.83 33.50 25.50
CA ALA A 286 1.63 32.69 24.60
C ALA A 286 2.32 33.55 23.56
N VAL A 287 1.55 34.47 22.96
CA VAL A 287 2.05 35.31 21.86
C VAL A 287 3.23 36.17 22.32
N ARG A 288 3.22 36.61 23.58
CA ARG A 288 4.30 37.46 24.05
C ARG A 288 5.55 36.65 24.34
N ILE A 289 5.41 35.44 24.90
CA ILE A 289 6.56 34.55 25.07
C ILE A 289 7.26 34.35 23.72
N PHE A 290 6.47 34.10 22.67
CA PHE A 290 7.11 33.87 21.37
C PHE A 290 7.65 35.17 20.77
N LYS A 291 6.95 36.29 20.92
CA LYS A 291 7.52 37.55 20.48
C LYS A 291 8.85 37.85 21.21
N GLU A 292 8.99 37.38 22.46
CA GLU A 292 10.25 37.55 23.19
C GLU A 292 11.35 36.64 22.64
N ALA A 293 11.02 35.37 22.36
CA ALA A 293 11.98 34.50 21.68
C ALA A 293 12.45 35.12 20.36
N GLU A 294 11.49 35.63 19.58
CA GLU A 294 11.79 36.28 18.30
C GLU A 294 12.75 37.43 18.49
N LYS A 295 12.45 38.33 19.46
CA LYS A 295 13.36 39.45 19.72
C LYS A 295 14.76 38.97 20.07
N PHE A 296 14.88 37.91 20.87
CA PHE A 296 16.23 37.47 21.24
C PHE A 296 17.01 37.09 19.98
N PHE A 297 16.37 36.28 19.11
CA PHE A 297 17.05 35.84 17.89
C PHE A 297 17.39 37.00 16.96
N VAL A 298 16.52 38.00 16.83
CA VAL A 298 16.89 39.18 16.01
C VAL A 298 18.05 39.91 16.68
N SER A 299 17.98 40.11 17.99
CA SER A 299 19.04 40.81 18.76
C SER A 299 20.41 40.29 18.36
N VAL A 300 20.48 39.06 17.86
CA VAL A 300 21.79 38.46 17.50
C VAL A 300 21.92 38.53 15.99
N GLY A 301 20.81 38.82 15.30
CA GLY A 301 21.01 38.98 13.87
C GLY A 301 20.39 37.91 13.00
N LEU A 302 19.50 37.11 13.56
CA LEU A 302 18.87 36.07 12.77
C LEU A 302 17.53 36.58 12.27
N PRO A 303 16.99 36.00 11.18
CA PRO A 303 15.65 36.36 10.70
C PRO A 303 14.55 36.29 11.74
N ASN A 304 13.54 37.09 11.45
CA ASN A 304 12.40 37.02 12.36
C ASN A 304 11.63 35.83 11.83
N MET A 305 10.40 35.68 12.27
CA MET A 305 9.70 34.45 11.88
C MET A 305 8.81 34.78 10.72
N THR A 306 8.53 33.79 9.90
CA THR A 306 7.69 34.00 8.70
C THR A 306 6.25 34.30 9.14
N GLN A 307 5.41 34.78 8.22
CA GLN A 307 3.99 35.06 8.51
C GLN A 307 3.26 33.75 8.71
N GLY A 308 3.64 32.76 7.92
CA GLY A 308 2.99 31.44 8.05
C GLY A 308 3.31 30.86 9.41
N PHE A 309 4.47 31.21 9.95
CA PHE A 309 4.76 30.75 11.30
C PHE A 309 3.72 31.29 12.27
N TRP A 310 3.30 32.52 12.10
CA TRP A 310 2.32 33.08 13.00
C TRP A 310 0.91 32.66 12.61
N GLU A 311 0.65 32.45 11.34
CA GLU A 311 -0.71 32.23 10.90
C GLU A 311 -1.09 30.76 10.89
N ASN A 312 -0.12 29.84 11.03
CA ASN A 312 -0.33 28.41 10.92
C ASN A 312 0.13 27.57 12.12
N SER A 313 0.90 28.13 13.05
CA SER A 313 1.42 27.40 14.19
C SER A 313 0.34 27.15 15.23
N MET A 314 0.60 26.23 16.15
CA MET A 314 -0.25 25.99 17.31
C MET A 314 0.53 26.48 18.52
N LEU A 315 0.06 27.55 19.14
CA LEU A 315 0.72 28.10 20.31
C LEU A 315 -0.11 27.97 21.58
N THR A 316 -1.42 28.10 21.47
CA THR A 316 -2.33 27.75 22.55
C THR A 316 -2.83 26.33 22.31
N GLU A 317 -3.17 25.64 23.40
CA GLU A 317 -3.92 24.42 23.25
C GLU A 317 -5.35 24.74 22.79
N PRO A 318 -5.82 24.18 21.68
CA PRO A 318 -7.11 24.61 21.13
C PRO A 318 -8.27 24.30 22.06
N THR A 319 -9.08 25.32 22.30
CA THR A 319 -10.35 25.22 23.01
C THR A 319 -11.53 24.94 22.08
N ASP A 320 -11.33 24.16 21.02
CA ASP A 320 -12.35 23.89 20.01
C ASP A 320 -13.16 22.64 20.31
N GLY A 321 -12.80 21.87 21.34
CA GLY A 321 -13.12 20.46 21.44
C GLY A 321 -12.09 19.56 20.80
N ARG A 322 -11.19 20.12 20.01
CA ARG A 322 -10.18 19.37 19.29
C ARG A 322 -9.23 18.66 20.25
N LYS A 323 -8.91 17.40 19.97
CA LYS A 323 -7.95 16.64 20.75
C LYS A 323 -6.60 16.61 20.04
N VAL A 324 -5.55 17.01 20.76
CA VAL A 324 -4.28 17.44 20.18
C VAL A 324 -3.12 16.82 20.94
N VAL A 325 -2.12 16.32 20.21
CA VAL A 325 -0.87 15.94 20.85
C VAL A 325 -0.06 17.17 21.21
N CYS A 326 0.21 17.36 22.51
CA CYS A 326 0.67 18.65 23.03
C CYS A 326 2.19 18.79 23.18
N HIS A 327 2.95 17.74 22.94
CA HIS A 327 4.36 17.78 23.28
C HIS A 327 5.06 18.77 22.35
N PRO A 328 5.94 19.64 22.86
CA PRO A 328 6.50 20.73 22.03
C PRO A 328 7.37 20.21 20.89
N THR A 329 7.04 20.64 19.65
CA THR A 329 7.74 20.20 18.44
C THR A 329 7.82 21.34 17.43
N ALA A 330 8.93 21.39 16.68
CA ALA A 330 9.18 22.45 15.70
C ALA A 330 9.25 21.86 14.29
N TRP A 331 8.26 22.20 13.48
CA TRP A 331 8.05 21.58 12.18
C TRP A 331 8.64 22.39 11.05
N ASP A 332 9.38 21.69 10.19
CA ASP A 332 9.82 22.13 8.87
C ASP A 332 9.08 21.25 7.87
N LEU A 333 8.04 21.79 7.24
CA LEU A 333 7.26 21.06 6.26
C LEU A 333 7.80 21.23 4.84
N GLN A 334 9.07 21.55 4.68
CA GLN A 334 9.77 21.56 3.39
C GLN A 334 9.48 22.67 2.42
N LYS A 335 8.80 23.75 2.79
CA LYS A 335 8.51 24.67 1.71
C LYS A 335 8.59 26.12 2.14
N GLY A 336 9.53 26.46 3.02
CA GLY A 336 9.38 27.67 3.78
C GLY A 336 8.11 27.67 4.61
N ASP A 337 7.51 26.49 4.83
CA ASP A 337 6.31 26.33 5.65
C ASP A 337 6.80 25.84 6.99
N PHE A 338 7.19 26.76 7.88
CA PHE A 338 7.65 26.42 9.24
C PHE A 338 6.53 26.66 10.22
N ARG A 339 6.39 25.76 11.19
CA ARG A 339 5.45 25.97 12.29
C ARG A 339 6.05 25.44 13.60
N ILE A 340 5.41 25.80 14.72
CA ILE A 340 5.66 25.19 16.02
C ILE A 340 4.34 24.73 16.59
N LYS A 341 4.31 23.49 17.07
CA LYS A 341 3.14 22.86 17.68
C LYS A 341 3.50 22.68 19.14
N MET A 342 2.91 23.54 19.97
CA MET A 342 3.21 23.63 21.37
C MET A 342 1.95 24.10 22.08
N CYS A 343 1.74 23.62 23.30
CA CYS A 343 0.61 24.05 24.13
C CYS A 343 1.09 25.02 25.20
N THR A 344 1.68 26.13 24.78
CA THR A 344 2.47 26.92 25.73
C THR A 344 1.56 27.51 26.81
N LYS A 345 1.90 27.20 28.06
CA LYS A 345 1.26 27.73 29.26
C LYS A 345 2.18 28.81 29.82
N VAL A 346 1.60 29.73 30.59
CA VAL A 346 2.40 30.86 31.07
C VAL A 346 3.25 30.44 32.27
N THR A 347 4.45 29.94 31.99
CA THR A 347 5.45 29.65 33.00
C THR A 347 6.83 29.99 32.44
N MET A 348 7.85 29.92 33.30
CA MET A 348 9.23 30.10 32.85
C MET A 348 9.74 28.88 32.06
N ASP A 349 9.22 27.70 32.40
CA ASP A 349 9.63 26.49 31.69
C ASP A 349 9.21 26.54 30.21
N ASN A 350 7.94 26.87 29.95
CA ASN A 350 7.50 27.13 28.57
C ASN A 350 8.25 28.28 27.90
N PHE A 351 8.64 29.30 28.66
CA PHE A 351 9.35 30.42 28.03
C PHE A 351 10.70 29.95 27.48
N LEU A 352 11.43 29.16 28.27
CA LEU A 352 12.67 28.60 27.75
C LEU A 352 12.43 27.57 26.64
N THR A 353 11.36 26.78 26.70
CA THR A 353 11.18 25.81 25.61
C THR A 353 10.74 26.49 24.32
N ALA A 354 10.06 27.64 24.40
CA ALA A 354 9.82 28.45 23.22
C ALA A 354 11.13 28.91 22.61
N HIS A 355 12.07 29.32 23.46
CA HIS A 355 13.43 29.53 22.97
C HIS A 355 13.94 28.30 22.20
N HIS A 356 13.77 27.10 22.78
CA HIS A 356 14.37 25.87 22.20
C HIS A 356 13.79 25.51 20.84
N GLU A 357 12.45 25.45 20.78
CA GLU A 357 11.77 25.04 19.54
C GLU A 357 11.88 26.13 18.47
N MET A 358 11.96 27.41 18.86
CA MET A 358 12.27 28.40 17.86
C MET A 358 13.71 28.31 17.40
N GLY A 359 14.63 27.88 18.25
CA GLY A 359 15.97 27.60 17.77
C GLY A 359 15.97 26.54 16.70
N HIS A 360 15.07 25.55 16.82
CA HIS A 360 14.91 24.60 15.70
C HIS A 360 14.47 25.32 14.44
N ILE A 361 13.38 26.08 14.53
CA ILE A 361 12.86 26.77 13.34
C ILE A 361 13.95 27.62 12.69
N GLN A 362 14.77 28.28 13.51
CA GLN A 362 15.86 29.09 12.97
C GLN A 362 16.90 28.24 12.25
N TYR A 363 17.23 27.07 12.77
CA TYR A 363 18.13 26.20 12.04
C TYR A 363 17.51 25.79 10.69
N ASP A 364 16.23 25.41 10.70
CA ASP A 364 15.57 24.99 9.47
C ASP A 364 15.59 26.10 8.42
N MET A 365 15.24 27.33 8.83
CA MET A 365 15.37 28.49 7.94
C MET A 365 16.81 28.66 7.48
N ALA A 366 17.76 28.48 8.38
CA ALA A 366 19.16 28.69 8.04
C ALA A 366 19.59 27.85 6.84
N TYR A 367 19.37 26.54 6.87
CA TYR A 367 19.99 25.73 5.83
C TYR A 367 19.08 25.49 4.60
N ALA A 368 18.05 26.32 4.40
CA ALA A 368 17.14 26.08 3.27
C ALA A 368 17.79 26.38 1.94
N MET A 369 18.96 27.03 1.94
CA MET A 369 19.82 27.15 0.76
C MET A 369 20.39 25.81 0.28
N GLN A 370 20.39 24.73 1.17
CA GLN A 370 21.04 23.48 0.78
C GLN A 370 20.08 22.58 0.00
N PRO A 371 20.60 21.69 -0.82
CA PRO A 371 19.72 20.79 -1.58
C PRO A 371 18.98 19.82 -0.64
N TYR A 372 17.84 19.32 -1.14
CA TYR A 372 16.85 18.67 -0.28
C TYR A 372 17.53 17.66 0.64
N LEU A 373 18.43 16.87 0.07
CA LEU A 373 18.97 15.71 0.78
C LEU A 373 19.94 16.12 1.87
N LEU A 374 20.35 17.39 1.90
CA LEU A 374 21.35 17.95 2.80
C LEU A 374 20.77 18.94 3.79
N ARG A 375 19.46 19.22 3.73
CA ARG A 375 18.77 20.10 4.67
C ARG A 375 18.44 19.34 5.95
N ASN A 376 19.46 19.12 6.76
CA ASN A 376 19.30 18.60 8.10
C ASN A 376 20.29 19.31 9.01
N GLY A 377 20.33 18.89 10.26
CA GLY A 377 21.41 19.32 11.12
C GLY A 377 22.68 18.60 10.71
N ALA A 378 23.81 19.03 11.28
CA ALA A 378 25.00 18.22 11.08
C ALA A 378 24.88 16.88 11.81
N ASN A 379 24.15 16.89 12.93
CA ASN A 379 23.84 15.64 13.68
C ASN A 379 22.64 15.96 14.58
N GLU A 380 21.87 14.95 14.99
CA GLU A 380 20.63 15.22 15.78
C GLU A 380 20.95 16.21 16.91
N GLY A 381 22.03 15.97 17.64
CA GLY A 381 22.40 16.86 18.76
C GLY A 381 22.47 18.32 18.35
N PHE A 382 23.22 18.64 17.29
CA PHE A 382 23.41 20.05 16.90
C PHE A 382 22.05 20.74 16.80
N HIS A 383 21.06 20.06 16.20
CA HIS A 383 19.74 20.71 16.01
C HIS A 383 19.16 21.09 17.39
N GLU A 384 19.14 20.14 18.31
CA GLU A 384 18.65 20.41 19.69
C GLU A 384 19.59 21.43 20.35
N ALA A 385 20.90 21.19 20.26
CA ALA A 385 21.89 22.08 20.89
C ALA A 385 21.58 23.53 20.51
N VAL A 386 21.34 23.80 19.23
CA VAL A 386 21.14 25.18 18.80
C VAL A 386 19.95 25.77 19.54
N GLY A 387 18.85 25.00 19.62
CA GLY A 387 17.73 25.48 20.42
C GLY A 387 18.12 26.01 21.81
N GLU A 388 19.14 25.39 22.43
CA GLU A 388 19.44 25.51 23.86
C GLU A 388 20.60 26.46 24.15
N ILE A 389 21.46 26.69 23.16
CA ILE A 389 22.57 27.68 23.34
C ILE A 389 21.91 29.03 23.64
N MET A 390 20.99 29.44 22.77
CA MET A 390 20.25 30.71 22.99
C MET A 390 19.64 30.68 24.39
N SER A 391 19.00 29.56 24.73
CA SER A 391 18.37 29.42 26.08
C SER A 391 19.42 29.73 27.16
N LEU A 392 20.64 29.21 27.05
CA LEU A 392 21.59 29.45 28.13
C LEU A 392 21.76 30.92 28.41
N SER A 393 21.66 31.75 27.36
CA SER A 393 21.78 33.20 27.50
C SER A 393 20.45 33.80 27.91
N ALA A 394 19.38 33.35 27.28
CA ALA A 394 18.04 33.78 27.63
C ALA A 394 17.73 33.60 29.10
N SER A 395 18.56 32.87 29.82
CA SER A 395 18.23 32.43 31.17
C SER A 395 19.07 33.07 32.26
N THR A 396 20.19 33.66 31.85
CA THR A 396 21.07 34.37 32.79
C THR A 396 20.22 35.39 33.53
N PRO A 397 20.52 35.66 34.82
CA PRO A 397 19.79 36.69 35.54
C PRO A 397 19.88 38.02 34.79
N LYS A 398 21.08 38.40 34.37
CA LYS A 398 21.32 39.70 33.69
C LYS A 398 20.26 39.96 32.62
N HIS A 399 19.96 38.98 31.79
CA HIS A 399 18.96 39.11 30.69
C HIS A 399 17.59 39.15 31.34
N LEU A 400 17.30 38.17 32.20
CA LEU A 400 16.00 38.20 32.93
C LEU A 400 15.77 39.60 33.48
N LYS A 401 16.83 40.22 34.05
CA LYS A 401 16.72 41.60 34.58
C LYS A 401 16.36 42.53 33.41
N SER A 402 17.14 42.47 32.33
CA SER A 402 16.88 43.32 31.13
C SER A 402 15.41 43.19 30.70
N ILE A 403 14.88 41.96 30.71
CA ILE A 403 13.46 41.71 30.30
C ILE A 403 12.53 42.54 31.20
N GLY A 404 12.90 42.73 32.47
CA GLY A 404 11.99 43.43 33.41
C GLY A 404 11.35 42.40 34.31
N LEU A 405 11.47 41.13 33.94
CA LEU A 405 10.96 40.03 34.76
C LEU A 405 11.69 39.85 36.09
N LEU A 406 12.88 40.37 36.22
CA LEU A 406 13.52 40.34 37.55
C LEU A 406 13.23 41.70 38.14
N PRO A 407 13.52 41.97 39.43
CA PRO A 407 13.05 43.20 40.05
C PRO A 407 13.98 44.40 39.84
N SER A 408 14.88 44.31 38.87
CA SER A 408 15.82 45.42 38.62
C SER A 408 16.86 45.53 39.73
N ASP A 409 16.44 45.71 41.00
CA ASP A 409 17.43 45.95 42.11
C ASP A 409 18.62 44.99 41.98
N PHE A 410 19.84 45.49 42.22
CA PHE A 410 21.08 44.68 42.03
C PHE A 410 21.46 43.92 43.30
N ARG A 411 20.89 42.74 43.52
CA ARG A 411 21.26 41.85 44.65
C ARG A 411 22.21 40.79 44.09
N GLU A 412 23.16 41.21 43.23
CA GLU A 412 24.12 40.25 42.63
C GLU A 412 25.08 39.74 43.70
N ASP A 413 25.48 38.47 43.62
CA ASP A 413 26.43 37.85 44.58
C ASP A 413 26.62 36.39 44.20
N ASN A 414 27.68 35.75 44.70
CA ASN A 414 27.83 34.30 44.46
C ASN A 414 26.54 33.64 44.97
N GLU A 415 25.96 34.16 46.05
CA GLU A 415 24.69 33.64 46.58
C GLU A 415 23.71 33.44 45.42
N THR A 416 23.45 34.48 44.62
CA THR A 416 22.44 34.27 43.58
C THR A 416 23.01 33.49 42.41
N GLU A 417 24.32 33.59 42.19
CA GLU A 417 24.96 32.72 41.21
C GLU A 417 24.84 31.24 41.58
N ILE A 418 24.88 30.90 42.88
CA ILE A 418 24.66 29.51 43.33
C ILE A 418 23.20 29.12 43.17
N ASN A 419 22.28 30.01 43.51
CA ASN A 419 20.87 29.84 43.17
C ASN A 419 20.68 29.49 41.69
N PHE A 420 21.30 30.28 40.80
CA PHE A 420 21.13 30.12 39.35
C PHE A 420 21.77 28.82 38.88
N LEU A 421 23.06 28.61 39.16
CA LEU A 421 23.73 27.35 38.84
C LEU A 421 22.97 26.12 39.32
N LEU A 422 22.27 26.20 40.46
CA LEU A 422 21.51 25.02 40.86
C LEU A 422 20.24 24.84 40.01
N LYS A 423 19.46 25.91 39.78
CA LYS A 423 18.34 25.75 38.85
C LYS A 423 18.83 25.27 37.49
N GLN A 424 20.08 25.57 37.14
CA GLN A 424 20.62 25.11 35.87
C GLN A 424 21.03 23.66 35.95
N ALA A 425 21.62 23.25 37.08
CA ALA A 425 22.03 21.85 37.24
C ALA A 425 20.82 20.95 37.26
N LEU A 426 19.73 21.39 37.90
CA LEU A 426 18.52 20.59 38.01
C LEU A 426 17.96 20.19 36.66
N THR A 427 18.23 20.98 35.61
CA THR A 427 17.66 20.67 34.31
C THR A 427 18.69 20.14 33.33
N ILE A 428 19.91 20.65 33.39
CA ILE A 428 21.00 20.26 32.51
C ILE A 428 21.68 19.00 33.01
N VAL A 429 22.28 19.07 34.21
CA VAL A 429 23.02 17.93 34.72
C VAL A 429 22.07 16.81 35.10
N GLY A 430 20.90 17.16 35.66
CA GLY A 430 19.98 16.15 36.13
C GLY A 430 19.56 15.20 35.01
N THR A 431 19.40 15.72 33.81
CA THR A 431 18.84 14.92 32.75
C THR A 431 19.87 13.99 32.10
N LEU A 432 21.16 14.14 32.44
CA LEU A 432 22.18 13.39 31.70
C LEU A 432 22.13 11.89 32.01
N PRO A 433 22.08 11.45 33.28
CA PRO A 433 22.00 10.00 33.49
C PRO A 433 20.66 9.43 33.07
N PHE A 434 19.56 10.16 33.28
CA PHE A 434 18.27 9.66 32.82
C PHE A 434 18.29 9.42 31.33
N THR A 435 18.85 10.37 30.58
CA THR A 435 18.92 10.29 29.13
C THR A 435 19.77 9.12 28.69
N TYR A 436 20.99 9.09 29.19
CA TYR A 436 21.92 8.08 28.75
C TYR A 436 21.39 6.69 29.09
N MET A 437 20.78 6.55 30.27
CA MET A 437 20.26 5.26 30.65
C MET A 437 19.10 4.84 29.77
N LEU A 438 18.17 5.76 29.46
CA LEU A 438 17.06 5.45 28.55
C LEU A 438 17.56 4.96 27.19
N GLU A 439 18.42 5.75 26.53
CA GLU A 439 18.94 5.25 25.26
C GLU A 439 19.67 3.94 25.42
N LYS A 440 20.35 3.71 26.55
CA LYS A 440 21.14 2.49 26.60
C LYS A 440 20.21 1.29 26.72
N TRP A 441 19.11 1.45 27.45
CA TRP A 441 18.08 0.41 27.50
C TRP A 441 17.54 0.10 26.12
N ARG A 442 17.20 1.14 25.36
CA ARG A 442 16.73 0.90 24.00
C ARG A 442 17.79 0.22 23.14
N TRP A 443 19.05 0.65 23.25
CA TRP A 443 20.06 0.04 22.42
C TRP A 443 20.17 -1.45 22.72
N MET A 444 20.05 -1.79 24.00
CA MET A 444 20.07 -3.19 24.43
C MET A 444 18.90 -3.96 23.83
N VAL A 445 17.67 -3.46 24.03
CA VAL A 445 16.46 -4.09 23.49
C VAL A 445 16.53 -4.33 21.99
N PHE A 446 17.08 -3.37 21.25
CA PHE A 446 17.26 -3.57 19.82
C PHE A 446 18.30 -4.64 19.52
N LYS A 447 19.42 -4.65 20.26
CA LYS A 447 20.49 -5.59 19.96
C LYS A 447 20.16 -7.03 20.41
N GLY A 448 18.99 -7.28 20.98
CA GLY A 448 18.61 -8.60 21.45
C GLY A 448 19.10 -9.01 22.82
N GLU A 449 19.73 -8.10 23.57
CA GLU A 449 20.40 -8.43 24.81
C GLU A 449 19.44 -8.59 25.99
N ILE A 450 18.22 -8.05 25.90
CA ILE A 450 17.22 -8.19 26.95
C ILE A 450 16.12 -9.12 26.44
N PRO A 451 15.99 -10.35 26.97
CA PRO A 451 14.75 -11.12 26.78
C PRO A 451 13.55 -10.34 27.30
N LYS A 452 12.43 -10.44 26.61
CA LYS A 452 11.21 -9.69 26.99
C LYS A 452 10.65 -10.16 28.34
N ASP A 453 11.03 -11.34 28.80
CA ASP A 453 10.60 -11.86 30.13
C ASP A 453 11.34 -11.07 31.19
N GLN A 454 12.27 -10.21 30.76
CA GLN A 454 13.05 -9.38 31.69
C GLN A 454 13.16 -7.96 31.15
N TRP A 455 12.12 -7.44 30.49
CA TRP A 455 12.25 -6.04 30.05
C TRP A 455 12.31 -5.08 31.23
N MET A 456 11.21 -5.01 32.03
CA MET A 456 11.19 -4.06 33.14
C MET A 456 12.20 -4.43 34.21
N LYS A 457 12.49 -5.72 34.36
CA LYS A 457 13.57 -6.11 35.26
C LYS A 457 14.87 -5.40 34.90
N LYS A 458 15.23 -5.38 33.61
CA LYS A 458 16.41 -4.63 33.19
C LYS A 458 16.15 -3.12 33.00
N TRP A 459 14.89 -2.66 33.02
CA TRP A 459 14.69 -1.22 33.04
C TRP A 459 15.05 -0.66 34.40
N TRP A 460 14.29 -1.08 35.42
CA TRP A 460 14.47 -0.57 36.78
C TRP A 460 15.85 -0.89 37.31
N GLU A 461 16.43 -2.00 36.89
CA GLU A 461 17.77 -2.31 37.34
C GLU A 461 18.74 -1.22 36.87
N MET A 462 18.73 -0.94 35.57
CA MET A 462 19.54 0.15 35.03
C MET A 462 19.16 1.49 35.64
N LYS A 463 17.86 1.73 35.82
CA LYS A 463 17.40 2.92 36.53
C LYS A 463 18.18 3.05 37.81
N ARG A 464 17.98 2.09 38.73
CA ARG A 464 18.60 2.17 40.04
C ARG A 464 20.09 2.32 39.90
N GLU A 465 20.69 1.57 38.98
CA GLU A 465 22.14 1.51 38.95
C GLU A 465 22.72 2.80 38.38
N ILE A 466 22.13 3.36 37.33
CA ILE A 466 22.82 4.38 36.51
C ILE A 466 22.35 5.79 36.84
N VAL A 467 21.04 5.94 37.02
CA VAL A 467 20.43 7.20 37.41
C VAL A 467 20.46 7.43 38.92
N GLY A 468 20.38 6.38 39.73
CA GLY A 468 20.16 6.56 41.15
C GLY A 468 18.70 6.76 41.49
N VAL A 469 17.81 6.07 40.79
CA VAL A 469 16.37 6.24 40.96
C VAL A 469 15.71 4.87 40.99
N MET A 470 14.81 4.69 41.95
CA MET A 470 14.19 3.41 42.27
C MET A 470 12.69 3.55 42.08
N GLU A 471 12.01 2.42 41.91
CA GLU A 471 10.58 2.58 41.65
C GLU A 471 9.76 2.31 42.91
N PRO A 472 8.61 3.01 43.01
CA PRO A 472 7.81 3.01 44.25
C PRO A 472 6.99 1.76 44.45
N VAL A 473 6.43 1.23 43.36
CA VAL A 473 5.71 -0.04 43.41
C VAL A 473 6.39 -0.97 42.41
N PRO A 474 6.31 -2.28 42.57
CA PRO A 474 7.06 -3.17 41.67
C PRO A 474 6.30 -3.37 40.37
N HIS A 475 7.04 -3.52 39.28
CA HIS A 475 6.44 -3.61 37.95
C HIS A 475 6.89 -4.88 37.24
N ASP A 476 5.93 -5.74 36.90
CA ASP A 476 6.16 -6.98 36.19
C ASP A 476 6.22 -6.71 34.68
N GLU A 477 6.41 -7.78 33.92
CA GLU A 477 6.53 -7.49 32.51
C GLU A 477 5.27 -7.21 31.92
N THR A 478 4.19 -6.98 32.65
CA THR A 478 2.99 -6.53 31.99
C THR A 478 3.03 -5.02 31.74
N TYR A 479 3.93 -4.31 32.40
CA TYR A 479 4.17 -2.89 32.15
C TYR A 479 5.08 -2.70 30.96
N CYS A 480 5.14 -1.46 30.46
CA CYS A 480 6.12 -1.05 29.41
C CYS A 480 6.45 0.40 29.74
N ASP A 481 6.75 0.66 31.00
CA ASP A 481 7.09 2.02 31.47
C ASP A 481 7.88 2.80 30.42
N PRO A 482 9.01 2.31 29.88
CA PRO A 482 9.80 3.10 28.97
C PRO A 482 8.97 3.79 27.89
N ALA A 483 7.79 3.27 27.56
CA ALA A 483 6.98 3.77 26.44
C ALA A 483 6.03 4.88 26.88
N ALA A 484 6.07 5.22 28.15
CA ALA A 484 5.20 6.29 28.69
C ALA A 484 5.86 7.64 28.49
N LEU A 485 6.91 7.70 27.69
CA LEU A 485 7.54 9.00 27.35
C LEU A 485 7.22 9.27 25.89
N TYR A 486 7.04 10.54 25.51
CA TYR A 486 6.69 10.89 24.11
C TYR A 486 7.68 10.22 23.18
N HIS A 487 8.94 10.48 23.44
CA HIS A 487 9.98 10.00 22.50
C HIS A 487 9.96 8.49 22.34
N VAL A 488 9.71 7.73 23.40
CA VAL A 488 9.82 6.29 23.16
C VAL A 488 8.66 5.80 22.29
N SER A 489 7.43 6.17 22.64
CA SER A 489 6.24 5.69 21.94
C SER A 489 5.92 6.46 20.67
N ASN A 490 6.56 7.61 20.45
CA ASN A 490 6.35 8.37 19.23
C ASN A 490 7.59 8.32 18.34
N ASP A 491 8.42 7.30 18.55
CA ASP A 491 9.51 6.87 17.69
C ASP A 491 10.50 8.00 17.39
N PHE A 492 11.10 8.51 18.46
CA PHE A 492 12.13 9.54 18.37
C PHE A 492 13.40 9.07 19.06
N SER A 493 14.51 9.11 18.32
CA SER A 493 15.85 8.93 18.85
C SER A 493 16.09 9.84 20.05
N PHE A 494 16.76 9.32 21.08
CA PHE A 494 16.86 10.05 22.33
C PHE A 494 18.27 10.43 22.77
N ILE A 495 19.32 9.92 22.12
CA ILE A 495 20.67 10.20 22.61
C ILE A 495 21.10 11.61 22.24
N ARG A 496 20.44 12.21 21.25
CA ARG A 496 20.56 13.64 20.94
C ARG A 496 20.56 14.51 22.19
N TYR A 497 19.55 14.36 23.08
CA TYR A 497 19.46 15.13 24.31
C TYR A 497 20.62 14.86 25.25
N TYR A 498 21.51 13.96 24.88
CA TYR A 498 22.77 13.83 25.59
C TYR A 498 23.85 14.63 24.88
N THR A 499 24.19 14.24 23.66
CA THR A 499 25.23 14.97 22.87
C THR A 499 24.93 16.47 22.91
N ARG A 500 23.68 16.86 22.77
CA ARG A 500 23.26 18.29 22.80
C ARG A 500 23.78 18.98 24.05
N THR A 501 23.54 18.39 25.22
CA THR A 501 23.92 19.06 26.48
C THR A 501 25.43 19.26 26.53
N ILE A 502 26.23 18.35 25.95
CA ILE A 502 27.65 18.64 25.96
C ILE A 502 28.01 19.65 24.87
N TYR A 503 27.45 19.47 23.68
CA TYR A 503 27.86 20.33 22.55
C TYR A 503 27.59 21.79 22.94
N GLN A 504 26.59 22.04 23.77
CA GLN A 504 26.17 23.41 24.14
C GLN A 504 27.33 24.24 24.67
N PHE A 505 27.86 23.85 25.82
CA PHE A 505 28.95 24.62 26.47
C PHE A 505 30.14 24.75 25.52
N GLN A 506 30.33 23.80 24.60
CA GLN A 506 31.35 23.97 23.57
C GLN A 506 31.01 25.15 22.65
N PHE A 507 29.72 25.32 22.32
CA PHE A 507 29.26 26.42 21.48
C PHE A 507 29.25 27.74 22.24
N GLN A 508 28.46 27.82 23.33
CA GLN A 508 28.41 29.04 24.13
C GLN A 508 29.80 29.57 24.48
N GLU A 509 30.69 28.70 24.98
CA GLU A 509 32.06 29.13 25.27
C GLU A 509 32.66 29.84 24.08
N ALA A 510 32.65 29.17 22.91
CA ALA A 510 33.13 29.80 21.68
C ALA A 510 32.34 31.07 21.36
N LEU A 511 31.01 31.00 21.44
CA LEU A 511 30.30 32.21 21.05
C LEU A 511 30.44 33.27 22.14
N CYS A 512 30.96 32.93 23.32
CA CYS A 512 31.17 34.00 24.33
C CYS A 512 32.56 34.61 24.11
N GLN A 513 33.50 33.80 23.64
CA GLN A 513 34.85 34.32 23.31
C GLN A 513 34.70 35.40 22.24
N ALA A 514 33.82 35.16 21.26
CA ALA A 514 33.58 36.15 20.19
C ALA A 514 33.06 37.45 20.80
N ALA A 515 31.98 37.36 21.57
CA ALA A 515 31.41 38.56 22.24
C ALA A 515 32.45 39.10 23.23
N LYS A 516 33.59 38.41 23.36
CA LYS A 516 34.66 38.85 24.29
C LYS A 516 34.11 39.03 25.70
N HIS A 517 33.08 38.26 26.07
CA HIS A 517 32.57 38.35 27.46
C HIS A 517 33.69 37.90 28.41
N GLU A 518 34.10 38.78 29.33
CA GLU A 518 35.12 38.38 30.30
C GLU A 518 34.47 37.80 31.54
N GLY A 519 35.08 36.76 32.09
CA GLY A 519 34.60 36.22 33.32
C GLY A 519 33.82 34.96 33.08
N PRO A 520 33.06 34.55 34.08
CA PRO A 520 32.57 33.17 34.11
C PRO A 520 31.60 32.88 32.96
N LEU A 521 31.85 31.76 32.27
CA LEU A 521 31.01 31.33 31.16
C LEU A 521 29.52 31.33 31.48
N HIS A 522 29.16 31.25 32.76
CA HIS A 522 27.76 31.21 33.17
C HIS A 522 27.15 32.59 33.38
N LYS A 523 27.93 33.66 33.36
CA LYS A 523 27.34 34.99 33.37
C LYS A 523 27.32 35.60 31.98
N CYS A 524 27.78 34.86 30.98
CA CYS A 524 27.81 35.36 29.62
C CYS A 524 26.41 35.41 29.00
N ASP A 525 26.22 36.39 28.14
CA ASP A 525 24.95 36.64 27.47
C ASP A 525 25.28 37.16 26.08
N ILE A 526 24.77 36.51 25.05
CA ILE A 526 25.11 36.88 23.69
C ILE A 526 24.03 37.77 23.12
N SER A 527 23.21 38.40 23.95
CA SER A 527 22.22 39.31 23.41
C SER A 527 22.91 40.55 22.84
N ASN A 528 22.27 41.12 21.81
CA ASN A 528 22.77 42.27 21.04
C ASN A 528 24.18 42.02 20.48
N SER A 529 24.54 40.76 20.29
CA SER A 529 25.86 40.42 19.76
C SER A 529 25.66 39.90 18.35
N THR A 530 25.88 40.76 17.36
CA THR A 530 25.70 40.37 15.98
C THR A 530 26.86 39.53 15.48
N GLU A 531 28.03 39.67 16.10
CA GLU A 531 29.15 38.88 15.64
C GLU A 531 29.01 37.41 16.05
N ALA A 532 28.45 37.16 17.24
CA ALA A 532 28.17 35.80 17.67
C ALA A 532 27.10 35.17 16.79
N GLY A 533 25.99 35.87 16.60
CA GLY A 533 24.99 35.41 15.66
C GLY A 533 25.58 35.06 14.32
N GLN A 534 26.51 35.88 13.83
CA GLN A 534 27.17 35.58 12.56
C GLN A 534 28.01 34.30 12.64
N LYS A 535 28.79 34.15 13.74
CA LYS A 535 29.59 32.96 13.96
C LYS A 535 28.76 31.69 13.91
N LEU A 536 27.55 31.74 14.47
CA LEU A 536 26.72 30.54 14.53
C LEU A 536 25.99 30.31 13.22
N LEU A 537 25.48 31.38 12.60
CA LEU A 537 24.74 31.21 11.36
C LEU A 537 25.65 30.68 10.24
N ASN A 538 26.94 31.05 10.23
CA ASN A 538 27.80 30.52 9.18
C ASN A 538 27.80 29.01 9.14
N MET A 539 27.57 28.35 10.29
CA MET A 539 27.62 26.90 10.38
C MET A 539 26.24 26.26 10.35
N LEU A 540 25.21 26.98 10.82
CA LEU A 540 23.86 26.51 10.56
C LEU A 540 23.55 26.55 9.07
N ARG A 541 24.29 27.34 8.30
CA ARG A 541 24.10 27.39 6.87
C ARG A 541 24.66 26.15 6.18
N LEU A 542 25.51 25.40 6.86
CA LEU A 542 26.05 24.19 6.28
C LEU A 542 25.00 23.09 6.28
N GLY A 543 24.37 22.88 7.44
CA GLY A 543 23.53 21.73 7.61
C GLY A 543 24.39 20.49 7.62
N LYS A 544 23.95 19.49 6.89
CA LYS A 544 24.64 18.19 6.82
C LYS A 544 25.55 18.10 5.58
N SER A 545 25.83 19.24 4.94
CA SER A 545 26.68 19.24 3.74
C SER A 545 28.15 18.96 4.02
N LYS A 546 28.58 19.18 5.27
CA LYS A 546 30.00 18.95 5.66
C LYS A 546 30.06 18.01 6.88
N PRO A 547 31.18 17.31 7.15
CA PRO A 547 31.31 16.46 8.33
C PRO A 547 31.05 17.26 9.63
N TRP A 548 30.14 16.77 10.47
CA TRP A 548 29.80 17.50 11.72
C TRP A 548 31.07 17.78 12.53
N THR A 549 32.10 16.96 12.33
CA THR A 549 33.38 17.12 13.07
C THR A 549 34.03 18.43 12.63
N LEU A 550 34.10 18.64 11.31
CA LEU A 550 34.64 19.92 10.79
C LEU A 550 33.67 21.03 11.21
N ALA A 551 32.36 20.80 11.02
CA ALA A 551 31.36 21.79 11.46
C ALA A 551 31.67 22.24 12.88
N LEU A 552 32.02 21.30 13.77
CA LEU A 552 32.38 21.66 15.13
C LEU A 552 33.61 22.58 15.12
N GLU A 553 34.69 22.09 14.53
CA GLU A 553 35.97 22.85 14.52
C GLU A 553 35.71 24.25 13.95
N ASN A 554 34.82 24.36 12.97
CA ASN A 554 34.56 25.68 12.32
C ASN A 554 34.20 26.73 13.36
N VAL A 555 33.66 26.34 14.51
CA VAL A 555 33.21 27.34 15.52
C VAL A 555 33.91 27.09 16.86
N VAL A 556 34.10 25.84 17.27
CA VAL A 556 34.62 25.57 18.60
C VAL A 556 36.06 25.07 18.59
N GLY A 557 36.57 24.52 17.49
CA GLY A 557 37.94 24.04 17.52
C GLY A 557 38.13 22.63 18.05
N ALA A 558 37.06 21.85 18.15
CA ALA A 558 37.10 20.43 18.49
C ALA A 558 36.54 19.61 17.35
N ARG A 559 37.01 18.36 17.23
CA ARG A 559 36.40 17.40 16.33
C ARG A 559 35.47 16.42 17.03
N ASN A 560 35.37 16.46 18.36
CA ASN A 560 34.49 15.54 19.08
C ASN A 560 34.00 16.22 20.35
N MET A 561 33.18 15.49 21.10
CA MET A 561 32.68 16.05 22.35
C MET A 561 33.80 16.25 23.36
N ASP A 562 33.51 17.11 24.32
CA ASP A 562 34.50 17.63 25.26
C ASP A 562 33.75 18.14 26.49
N VAL A 563 33.83 17.38 27.58
CA VAL A 563 33.14 17.76 28.78
C VAL A 563 33.69 19.01 29.44
N ARG A 564 34.86 19.51 29.00
CA ARG A 564 35.55 20.59 29.69
C ARG A 564 34.68 21.84 29.89
N PRO A 565 34.08 22.41 28.83
CA PRO A 565 33.26 23.59 29.06
C PRO A 565 32.08 23.36 29.98
N LEU A 566 31.41 22.21 29.88
CA LEU A 566 30.28 21.94 30.77
C LEU A 566 30.74 21.96 32.22
N LEU A 567 31.79 21.20 32.52
CA LEU A 567 32.34 21.12 33.88
C LEU A 567 32.76 22.49 34.39
N ASN A 568 33.35 23.30 33.51
CA ASN A 568 33.84 24.61 33.94
C ASN A 568 32.70 25.59 34.18
N TYR A 569 31.63 25.46 33.39
CA TYR A 569 30.43 26.27 33.60
C TYR A 569 29.85 26.04 34.97
N PHE A 570 29.76 24.79 35.42
CA PHE A 570 29.15 24.43 36.69
C PHE A 570 30.14 24.38 37.85
N GLU A 571 31.39 24.85 37.66
CA GLU A 571 32.43 24.67 38.68
C GLU A 571 32.11 25.27 40.05
N PRO A 572 31.64 26.53 40.17
CA PRO A 572 31.21 27.03 41.50
C PRO A 572 30.17 26.16 42.21
N LEU A 573 29.16 25.66 41.48
CA LEU A 573 28.20 24.76 42.09
C LEU A 573 28.86 23.47 42.53
N PHE A 574 29.85 22.98 41.76
CA PHE A 574 30.55 21.77 42.20
C PHE A 574 31.17 21.99 43.56
N GLY A 575 31.89 23.10 43.74
CA GLY A 575 32.51 23.36 45.04
C GLY A 575 31.53 23.47 46.19
N TRP A 576 30.48 24.29 46.01
CA TRP A 576 29.44 24.40 47.04
C TRP A 576 28.77 23.06 47.34
N LEU A 577 28.34 22.36 46.29
CA LEU A 577 27.66 21.08 46.44
C LEU A 577 28.51 20.09 47.20
N LYS A 578 29.82 20.12 46.94
CA LYS A 578 30.74 19.16 47.59
C LYS A 578 30.69 19.42 49.10
N ASP A 579 30.78 20.68 49.51
CA ASP A 579 30.65 21.02 50.96
C ASP A 579 29.33 20.45 51.47
N GLN A 580 28.24 20.72 50.75
CA GLN A 580 26.90 20.25 51.20
C GLN A 580 26.96 18.76 51.51
N ASN A 581 27.82 18.02 50.83
CA ASN A 581 27.83 16.54 51.01
C ASN A 581 29.20 16.12 51.54
N ARG A 582 29.66 16.77 52.61
CA ARG A 582 30.95 16.40 53.25
C ARG A 582 30.61 15.33 54.27
N ASN A 583 29.45 15.47 54.90
CA ASN A 583 29.00 14.43 55.85
C ASN A 583 27.84 13.71 55.15
N SER A 584 28.05 13.34 53.88
CA SER A 584 27.01 12.62 53.16
C SER A 584 27.68 11.60 52.26
N PHE A 585 26.94 10.53 51.99
CA PHE A 585 27.35 9.51 51.03
C PHE A 585 27.09 10.00 49.60
N VAL A 586 28.16 10.15 48.84
CA VAL A 586 28.04 10.64 47.47
C VAL A 586 27.94 9.40 46.59
N GLY A 587 26.70 8.96 46.41
CA GLY A 587 26.40 7.72 45.74
C GLY A 587 25.06 7.19 46.18
N TRP A 588 24.65 6.08 45.57
CA TRP A 588 23.41 5.39 45.87
C TRP A 588 23.67 3.88 45.90
N ASN A 589 22.78 3.16 46.59
CA ASN A 589 22.86 1.68 46.63
C ASN A 589 21.47 1.13 46.29
N THR A 590 21.41 0.04 45.53
CA THR A 590 20.09 -0.51 45.09
C THR A 590 19.61 -1.56 46.10
N ASP A 591 19.75 -1.27 47.41
CA ASP A 591 19.36 -2.25 48.45
C ASP A 591 17.97 -1.92 49.00
N TRP A 592 17.83 -0.78 49.70
CA TRP A 592 16.53 -0.43 50.32
C TRP A 592 15.47 -0.20 49.24
N SER A 593 14.20 -0.34 49.61
CA SER A 593 13.09 -0.03 48.68
C SER A 593 12.05 0.78 49.45
N PRO A 594 10.99 1.31 48.82
CA PRO A 594 10.02 2.16 49.47
C PRO A 594 8.83 1.24 49.76
N TYR A 595 9.07 0.18 50.53
CA TYR A 595 8.02 -0.82 50.85
C TYR A 595 7.88 -1.74 49.64
N THR A 596 8.11 -1.20 48.45
CA THR A 596 7.94 -2.00 47.20
C THR A 596 8.90 -1.49 46.12
N SER B 1 -19.98 15.99 -30.42
CA SER B 1 -19.13 15.27 -31.40
C SER B 1 -18.59 13.98 -30.76
N THR B 2 -19.00 13.71 -29.52
CA THR B 2 -18.45 12.54 -28.78
C THR B 2 -19.48 12.07 -27.75
N ILE B 3 -20.42 11.20 -28.15
CA ILE B 3 -21.48 10.70 -27.23
C ILE B 3 -20.85 10.10 -25.97
N GLU B 4 -21.53 10.28 -24.82
CA GLU B 4 -21.05 9.72 -23.53
C GLU B 4 -20.81 8.22 -23.71
N GLU B 5 -21.39 7.63 -24.76
CA GLU B 5 -21.16 6.19 -25.05
C GLU B 5 -19.69 5.98 -25.39
N LEU B 6 -18.89 7.05 -25.36
CA LEU B 6 -17.42 6.91 -25.55
C LEU B 6 -16.90 5.98 -24.46
N ALA B 7 -17.76 5.64 -23.49
CA ALA B 7 -17.37 4.67 -22.45
C ALA B 7 -16.79 3.43 -23.14
N LYS B 8 -17.28 3.11 -24.34
CA LYS B 8 -16.69 1.99 -25.11
C LYS B 8 -15.17 2.19 -25.15
N THR B 9 -14.69 3.36 -25.61
CA THR B 9 -13.25 3.51 -25.72
C THR B 9 -12.56 3.28 -24.37
N PHE B 10 -13.16 3.83 -23.31
CA PHE B 10 -12.69 3.61 -21.96
C PHE B 10 -12.59 2.11 -21.68
N LEU B 11 -13.72 1.41 -21.80
CA LEU B 11 -13.72 -0.01 -21.52
C LEU B 11 -12.76 -0.79 -22.42
N ASP B 12 -12.39 -0.30 -23.60
CA ASP B 12 -11.35 -1.00 -24.36
C ASP B 12 -9.99 -0.87 -23.69
N LYS B 13 -9.57 0.36 -23.41
CA LYS B 13 -8.37 0.54 -22.57
C LYS B 13 -8.43 -0.33 -21.32
N PHE B 14 -9.56 -0.32 -20.63
CA PHE B 14 -9.67 -1.04 -19.36
C PHE B 14 -9.55 -2.53 -19.55
N ASN B 15 -10.32 -3.11 -20.46
CA ASN B 15 -10.25 -4.53 -20.70
C ASN B 15 -8.81 -4.97 -20.95
N GLN B 16 -8.06 -4.20 -21.75
CA GLN B 16 -6.71 -4.64 -22.05
C GLN B 16 -5.81 -4.61 -20.81
N GLU B 17 -5.78 -3.49 -20.11
CA GLU B 17 -4.94 -3.40 -18.91
C GLU B 17 -5.39 -4.40 -17.86
N ALA B 18 -6.67 -4.35 -17.50
CA ALA B 18 -7.24 -5.26 -16.53
C ALA B 18 -6.80 -6.69 -16.78
N GLU B 19 -6.86 -7.17 -18.04
CA GLU B 19 -6.59 -8.59 -18.20
C GLU B 19 -5.10 -8.90 -18.06
N ASP B 20 -4.22 -7.99 -18.51
CA ASP B 20 -2.80 -8.24 -18.24
C ASP B 20 -2.52 -8.31 -16.73
N LEU B 21 -3.16 -7.42 -15.98
CA LEU B 21 -2.83 -7.31 -14.56
C LEU B 21 -3.50 -8.42 -13.74
N ASP B 22 -4.68 -8.88 -14.19
CA ASP B 22 -5.33 -10.02 -13.55
C ASP B 22 -4.53 -11.29 -13.80
N HIS B 23 -3.93 -11.43 -14.99
CA HIS B 23 -3.01 -12.55 -15.19
C HIS B 23 -1.87 -12.46 -14.19
N GLN B 24 -1.32 -11.27 -13.97
CA GLN B 24 -0.22 -11.19 -13.01
C GLN B 24 -0.69 -11.62 -11.60
N ARG B 25 -1.85 -11.14 -11.19
CA ARG B 25 -2.37 -11.51 -9.87
C ARG B 25 -2.62 -13.00 -9.75
N SER B 26 -3.11 -13.61 -10.83
CA SER B 26 -3.42 -15.03 -10.81
C SER B 26 -2.15 -15.87 -10.74
N LEU B 27 -1.13 -15.53 -11.56
CA LEU B 27 0.17 -16.18 -11.41
C LEU B 27 0.69 -16.10 -10.00
N ALA B 28 0.56 -14.93 -9.36
CA ALA B 28 1.07 -14.79 -8.00
C ALA B 28 0.38 -15.76 -7.03
N ALA B 29 -0.96 -15.74 -7.02
CA ALA B 29 -1.65 -16.68 -6.13
C ALA B 29 -1.30 -18.11 -6.49
N TRP B 30 -1.41 -18.48 -7.77
CA TRP B 30 -1.08 -19.84 -8.18
C TRP B 30 0.28 -20.29 -7.64
N ASN B 31 1.31 -19.48 -7.87
CA ASN B 31 2.63 -19.77 -7.32
C ASN B 31 2.59 -20.02 -5.82
N TYR B 32 1.76 -19.25 -5.09
CA TYR B 32 1.60 -19.53 -3.65
C TYR B 32 0.91 -20.88 -3.41
N ASN B 33 -0.25 -21.09 -4.04
CA ASN B 33 -1.05 -22.28 -3.78
C ASN B 33 -0.38 -23.58 -4.21
N THR B 34 0.52 -23.51 -5.20
CA THR B 34 1.21 -24.70 -5.76
C THR B 34 2.56 -24.84 -5.07
N ASN B 35 2.90 -23.86 -4.21
CA ASN B 35 4.23 -23.80 -3.52
C ASN B 35 4.11 -22.83 -2.35
N ILE B 36 3.81 -23.33 -1.14
CA ILE B 36 3.56 -22.44 0.03
C ILE B 36 4.89 -22.07 0.68
N THR B 37 5.46 -20.94 0.28
CA THR B 37 6.67 -20.39 0.93
C THR B 37 6.30 -19.01 1.45
N LYS B 38 7.09 -18.40 2.35
CA LYS B 38 6.78 -17.02 2.72
C LYS B 38 6.97 -16.08 1.55
N GLU B 39 8.05 -16.30 0.81
CA GLU B 39 8.35 -15.49 -0.35
C GLU B 39 7.14 -15.43 -1.28
N ASN B 40 6.53 -16.59 -1.59
CA ASN B 40 5.35 -16.59 -2.45
C ASN B 40 4.17 -15.91 -1.78
N THR B 41 4.09 -15.95 -0.46
CA THR B 41 3.03 -15.21 0.22
C THR B 41 3.16 -13.71 -0.04
N GLU B 42 4.36 -13.19 0.12
CA GLU B 42 4.51 -11.76 -0.01
C GLU B 42 4.45 -11.31 -1.47
N LYS B 43 4.94 -12.12 -2.40
CA LYS B 43 4.71 -11.81 -3.80
C LYS B 43 3.21 -11.84 -4.12
N MET B 44 2.45 -12.72 -3.48
CA MET B 44 1.00 -12.67 -3.65
C MET B 44 0.43 -11.37 -3.09
N ASN B 45 0.89 -10.94 -1.90
CA ASN B 45 0.43 -9.64 -1.36
C ASN B 45 0.76 -8.48 -2.30
N GLU B 46 1.94 -8.50 -2.90
CA GLU B 46 2.28 -7.41 -3.82
C GLU B 46 1.38 -7.42 -5.05
N ALA B 47 1.10 -8.60 -5.62
CA ALA B 47 0.23 -8.60 -6.80
C ALA B 47 -1.19 -8.18 -6.44
N GLU B 48 -1.67 -8.63 -5.29
CA GLU B 48 -3.00 -8.25 -4.82
C GLU B 48 -3.11 -6.74 -4.57
N ALA B 49 -2.04 -6.13 -4.03
CA ALA B 49 -2.04 -4.67 -3.81
C ALA B 49 -2.03 -3.91 -5.12
N LYS B 50 -1.16 -4.30 -6.05
CA LYS B 50 -1.15 -3.67 -7.37
C LYS B 50 -2.51 -3.76 -8.04
N TRP B 51 -3.15 -4.92 -7.96
CA TRP B 51 -4.47 -5.06 -8.58
C TRP B 51 -5.49 -4.11 -7.96
N SER B 52 -5.66 -4.14 -6.64
CA SER B 52 -6.74 -3.32 -6.10
C SER B 52 -6.43 -1.84 -6.19
N ALA B 53 -5.14 -1.48 -6.30
CA ALA B 53 -4.78 -0.09 -6.56
C ALA B 53 -5.17 0.34 -7.97
N PHE B 54 -5.00 -0.54 -8.96
CA PHE B 54 -5.46 -0.27 -10.32
C PHE B 54 -7.00 -0.19 -10.38
N TYR B 55 -7.68 -1.14 -9.74
CA TYR B 55 -9.13 -1.13 -9.77
C TYR B 55 -9.72 0.08 -9.07
N GLU B 56 -9.01 0.67 -8.12
CA GLU B 56 -9.55 1.84 -7.41
C GLU B 56 -9.64 3.05 -8.36
N GLU B 57 -8.59 3.31 -9.13
CA GLU B 57 -8.65 4.37 -10.14
C GLU B 57 -9.67 4.06 -11.21
N GLN B 58 -9.74 2.81 -11.67
CA GLN B 58 -10.68 2.53 -12.76
C GLN B 58 -12.13 2.60 -12.30
N SER B 59 -12.44 2.13 -11.11
CA SER B 59 -13.81 2.26 -10.67
C SER B 59 -14.16 3.73 -10.46
N LYS B 60 -13.22 4.52 -9.89
CA LYS B 60 -13.55 5.93 -9.70
C LYS B 60 -13.75 6.64 -11.03
N LEU B 61 -13.03 6.19 -12.07
CA LEU B 61 -13.21 6.76 -13.40
C LEU B 61 -14.55 6.33 -14.00
N ALA B 62 -14.85 5.03 -14.00
CA ALA B 62 -16.10 4.56 -14.55
C ALA B 62 -17.32 5.17 -13.88
N LYS B 63 -17.16 5.63 -12.62
CA LYS B 63 -18.26 6.38 -12.00
C LYS B 63 -18.57 7.68 -12.70
N ASP B 64 -17.62 8.22 -13.48
CA ASP B 64 -17.87 9.47 -14.20
C ASP B 64 -18.91 9.27 -15.32
N TYR B 65 -18.87 8.15 -16.02
CA TYR B 65 -19.85 7.85 -17.06
C TYR B 65 -21.15 7.39 -16.38
N PRO B 66 -22.25 8.13 -16.50
CA PRO B 66 -23.47 7.78 -15.73
C PRO B 66 -24.28 6.66 -16.37
N LEU B 67 -24.67 5.67 -15.58
CA LEU B 67 -25.30 4.47 -16.13
C LEU B 67 -26.64 4.74 -16.79
N GLN B 68 -27.24 5.92 -16.59
CA GLN B 68 -28.53 6.18 -17.21
C GLN B 68 -28.42 6.89 -18.57
N GLU B 69 -27.23 7.33 -18.97
CA GLU B 69 -27.02 7.79 -20.34
C GLU B 69 -26.61 6.65 -21.27
N ILE B 70 -26.39 5.44 -20.74
CA ILE B 70 -25.96 4.29 -21.52
C ILE B 70 -27.19 3.50 -21.94
N GLN B 71 -27.36 3.30 -23.24
CA GLN B 71 -28.48 2.55 -23.81
C GLN B 71 -28.11 1.12 -24.18
N ASN B 72 -26.96 0.93 -24.85
CA ASN B 72 -26.48 -0.42 -25.15
C ASN B 72 -26.32 -1.20 -23.86
N PHE B 73 -27.08 -2.29 -23.72
CA PHE B 73 -27.25 -2.89 -22.40
C PHE B 73 -26.04 -3.71 -21.96
N THR B 74 -25.20 -4.20 -22.89
CA THR B 74 -23.98 -4.87 -22.47
C THR B 74 -22.92 -3.85 -22.00
N LEU B 75 -22.81 -2.69 -22.67
CA LEU B 75 -21.96 -1.64 -22.11
C LEU B 75 -22.44 -1.23 -20.72
N LYS B 76 -23.75 -1.23 -20.51
CA LYS B 76 -24.27 -0.84 -19.21
C LYS B 76 -24.02 -1.91 -18.15
N ARG B 77 -24.10 -3.19 -18.51
CA ARG B 77 -23.70 -4.23 -17.56
C ARG B 77 -22.23 -4.13 -17.20
N GLN B 78 -21.34 -3.94 -18.18
CA GLN B 78 -19.92 -3.76 -17.85
C GLN B 78 -19.67 -2.52 -17.00
N LEU B 79 -20.32 -1.40 -17.32
CA LEU B 79 -20.06 -0.16 -16.60
C LEU B 79 -20.60 -0.22 -15.18
N GLN B 80 -21.82 -0.74 -15.00
CA GLN B 80 -22.39 -0.92 -13.66
C GLN B 80 -21.66 -2.00 -12.87
N ALA B 81 -20.95 -2.90 -13.55
CA ALA B 81 -19.97 -3.74 -12.86
C ALA B 81 -18.82 -2.90 -12.35
N LEU B 82 -18.11 -2.24 -13.26
CA LEU B 82 -16.87 -1.51 -12.95
C LEU B 82 -17.04 -0.39 -11.94
N GLN B 83 -18.22 0.23 -11.86
CA GLN B 83 -18.36 1.25 -10.84
C GLN B 83 -18.77 0.67 -9.48
N GLN B 84 -18.77 -0.66 -9.35
CA GLN B 84 -18.78 -1.33 -8.06
C GLN B 84 -17.33 -1.54 -7.68
N SER B 85 -16.82 -0.70 -6.79
CA SER B 85 -15.55 -0.99 -6.15
C SER B 85 -15.67 -2.22 -5.23
N GLY B 86 -14.67 -3.08 -5.28
CA GLY B 86 -14.75 -4.29 -4.47
C GLY B 86 -14.17 -4.04 -3.09
N SER B 87 -13.12 -4.78 -2.78
CA SER B 87 -12.34 -4.46 -1.60
C SER B 87 -11.38 -3.30 -1.86
N SER B 88 -11.40 -2.72 -3.04
CA SER B 88 -10.74 -1.44 -3.28
C SER B 88 -11.44 -0.29 -2.60
N ALA B 89 -12.66 -0.49 -2.09
CA ALA B 89 -13.35 0.47 -1.23
C ALA B 89 -12.74 0.54 0.17
N LEU B 90 -11.65 -0.20 0.35
CA LEU B 90 -11.05 -0.30 1.69
C LEU B 90 -9.70 0.40 1.68
N SER B 91 -9.47 1.26 2.66
CA SER B 91 -8.17 1.92 2.78
C SER B 91 -7.10 0.88 2.54
N ALA B 92 -5.99 1.24 1.93
CA ALA B 92 -4.94 0.22 1.78
C ALA B 92 -4.37 -0.16 3.16
N ASN B 93 -4.87 0.46 4.23
CA ASN B 93 -4.44 0.06 5.59
C ASN B 93 -5.31 -1.12 6.01
N LYS B 94 -6.58 -1.08 5.66
CA LYS B 94 -7.48 -2.18 6.06
C LYS B 94 -7.50 -3.19 4.92
N ARG B 95 -6.84 -2.89 3.82
CA ARG B 95 -6.74 -3.88 2.73
C ARG B 95 -5.67 -4.90 3.08
N GLU B 96 -4.47 -4.44 3.38
CA GLU B 96 -3.33 -5.34 3.73
C GLU B 96 -3.60 -6.00 5.07
N GLN B 97 -4.27 -5.30 6.00
CA GLN B 97 -4.69 -5.97 7.26
C GLN B 97 -5.55 -7.18 6.89
N LEU B 98 -6.63 -6.95 6.13
CA LEU B 98 -7.48 -8.06 5.71
C LEU B 98 -6.70 -9.09 4.91
N ASN B 99 -5.79 -8.65 4.05
CA ASN B 99 -5.00 -9.63 3.31
C ASN B 99 -4.15 -10.45 4.26
N THR B 100 -3.59 -9.81 5.29
CA THR B 100 -2.74 -10.55 6.21
C THR B 100 -3.57 -11.59 6.94
N ILE B 101 -4.73 -11.18 7.44
CA ILE B 101 -5.65 -12.13 8.07
C ILE B 101 -5.97 -13.26 7.11
N LEU B 102 -6.13 -12.92 5.84
CA LEU B 102 -6.58 -13.89 4.84
C LEU B 102 -5.47 -14.90 4.58
N ASN B 103 -4.27 -14.39 4.31
CA ASN B 103 -3.10 -15.22 4.14
C ASN B 103 -2.93 -16.15 5.32
N THR B 104 -3.14 -15.63 6.53
CA THR B 104 -2.83 -16.42 7.73
C THR B 104 -3.85 -17.53 7.94
N MET B 105 -5.14 -17.20 7.94
CA MET B 105 -6.15 -18.25 7.93
C MET B 105 -5.82 -19.30 6.87
N SER B 106 -5.46 -18.86 5.66
CA SER B 106 -5.17 -19.78 4.56
C SER B 106 -4.02 -20.75 4.86
N THR B 107 -2.88 -20.22 5.31
CA THR B 107 -1.75 -21.12 5.58
C THR B 107 -1.99 -21.99 6.82
N ILE B 108 -2.62 -21.44 7.87
CA ILE B 108 -2.96 -22.29 9.03
C ILE B 108 -3.80 -23.48 8.58
N TYR B 109 -4.83 -23.23 7.76
CA TYR B 109 -5.69 -24.31 7.30
C TYR B 109 -4.89 -25.34 6.50
N SER B 110 -4.13 -24.88 5.51
CA SER B 110 -3.45 -25.83 4.65
C SER B 110 -2.05 -26.20 5.16
N THR B 111 -1.82 -26.04 6.46
CA THR B 111 -0.59 -26.48 7.11
C THR B 111 -0.85 -27.03 8.51
N GLY B 112 -2.06 -26.87 9.06
CA GLY B 112 -2.35 -27.45 10.37
C GLY B 112 -2.17 -28.96 10.36
N LYS B 113 -1.67 -29.45 11.49
CA LYS B 113 -1.35 -30.86 11.69
C LYS B 113 -1.85 -31.24 13.08
N VAL B 114 -2.69 -32.28 13.16
CA VAL B 114 -3.21 -32.74 14.44
C VAL B 114 -2.47 -34.00 14.84
N CYS B 115 -2.25 -34.17 16.14
CA CYS B 115 -1.44 -35.25 16.67
C CYS B 115 -2.29 -36.32 17.37
N ASN B 116 -1.88 -37.56 17.18
CA ASN B 116 -2.48 -38.73 17.86
C ASN B 116 -2.35 -38.69 19.39
N PRO B 117 -3.44 -38.76 20.19
CA PRO B 117 -3.28 -38.82 21.64
C PRO B 117 -2.41 -39.99 22.11
N LYS B 118 -2.38 -41.09 21.36
CA LYS B 118 -1.64 -42.30 21.85
C LYS B 118 -0.17 -42.26 21.39
N LYS B 119 0.11 -41.73 20.19
CA LYS B 119 1.52 -41.57 19.74
C LYS B 119 1.74 -40.09 19.45
N PRO B 120 1.96 -39.23 20.46
CA PRO B 120 2.02 -37.77 20.21
C PRO B 120 3.13 -37.27 19.30
N GLN B 121 4.12 -38.09 18.97
CA GLN B 121 5.02 -37.64 17.92
C GLN B 121 4.47 -37.96 16.54
N GLU B 122 3.22 -38.43 16.47
CA GLU B 122 2.54 -38.76 15.20
C GLU B 122 1.50 -37.68 14.93
N CYS B 123 1.91 -36.65 14.18
CA CYS B 123 1.04 -35.55 13.79
C CYS B 123 0.89 -35.51 12.27
N LEU B 124 -0.27 -35.06 11.80
CA LEU B 124 -0.64 -35.35 10.43
C LEU B 124 -1.44 -34.18 9.80
N LEU B 125 -1.46 -34.08 8.45
CA LEU B 125 -2.13 -32.96 7.71
C LEU B 125 -3.54 -33.34 7.22
N LEU B 126 -4.44 -32.37 7.04
CA LEU B 126 -5.87 -32.72 6.71
C LEU B 126 -5.96 -33.49 5.39
N GLU B 127 -6.04 -32.76 4.27
CA GLU B 127 -6.20 -33.42 2.95
C GLU B 127 -5.16 -34.53 2.79
N PRO B 128 -3.82 -34.31 2.91
CA PRO B 128 -2.86 -35.40 2.68
C PRO B 128 -3.26 -36.74 3.31
N GLY B 129 -3.70 -36.74 4.58
CA GLY B 129 -3.97 -38.03 5.24
C GLY B 129 -5.20 -38.02 6.14
N LEU B 130 -5.41 -36.98 6.94
CA LEU B 130 -6.57 -37.03 7.88
C LEU B 130 -7.81 -37.41 7.08
N ASP B 131 -7.88 -36.95 5.83
CA ASP B 131 -9.09 -37.21 5.01
C ASP B 131 -9.22 -38.72 4.86
N GLU B 132 -8.10 -39.40 4.66
CA GLU B 132 -8.11 -40.85 4.57
C GLU B 132 -8.75 -41.46 5.81
N ILE B 133 -8.28 -41.05 7.00
CA ILE B 133 -8.85 -41.61 8.26
C ILE B 133 -10.34 -41.35 8.33
N MET B 134 -10.76 -40.10 8.09
CA MET B 134 -12.18 -39.77 8.19
C MET B 134 -13.05 -40.37 7.09
N ALA B 135 -12.45 -40.92 6.03
CA ALA B 135 -13.22 -41.59 5.00
C ALA B 135 -13.30 -43.11 5.20
N ASN B 136 -12.24 -43.72 5.75
CA ASN B 136 -12.17 -45.17 5.94
C ASN B 136 -12.62 -45.61 7.31
N SER B 137 -12.12 -44.96 8.36
CA SER B 137 -12.17 -45.54 9.69
C SER B 137 -13.60 -45.77 10.17
N THR B 138 -13.76 -46.84 10.95
CA THR B 138 -14.96 -47.11 11.73
C THR B 138 -14.63 -47.25 13.21
N ASP B 139 -13.52 -46.69 13.64
CA ASP B 139 -13.12 -46.73 15.04
C ASP B 139 -13.60 -45.42 15.66
N TYR B 140 -14.72 -45.49 16.38
CA TYR B 140 -15.34 -44.32 16.98
C TYR B 140 -14.32 -43.45 17.70
N SER B 141 -13.50 -44.05 18.57
CA SER B 141 -12.52 -43.25 19.29
C SER B 141 -11.51 -42.59 18.36
N GLU B 142 -11.18 -43.23 17.24
CA GLU B 142 -10.19 -42.69 16.32
C GLU B 142 -10.75 -41.52 15.51
N ARG B 143 -11.95 -41.69 14.97
CA ARG B 143 -12.62 -40.57 14.31
C ARG B 143 -12.88 -39.42 15.29
N LEU B 144 -13.19 -39.73 16.55
CA LEU B 144 -13.39 -38.65 17.51
C LEU B 144 -12.10 -37.88 17.78
N TRP B 145 -10.97 -38.57 17.99
CA TRP B 145 -9.78 -37.78 18.22
C TRP B 145 -9.39 -36.99 16.98
N VAL B 146 -9.66 -37.51 15.78
CA VAL B 146 -9.34 -36.73 14.56
C VAL B 146 -10.24 -35.50 14.44
N TRP B 147 -11.55 -35.69 14.63
CA TRP B 147 -12.51 -34.60 14.54
C TRP B 147 -12.24 -33.52 15.58
N GLU B 148 -12.17 -33.93 16.85
CA GLU B 148 -11.87 -32.97 17.90
C GLU B 148 -10.49 -32.37 17.71
N GLY B 149 -9.55 -33.15 17.20
CA GLY B 149 -8.19 -32.70 17.10
C GLY B 149 -8.03 -31.63 16.05
N TRP B 150 -8.59 -31.87 14.86
CA TRP B 150 -8.64 -30.83 13.84
C TRP B 150 -9.28 -29.56 14.41
N ARG B 151 -10.50 -29.68 14.94
CA ARG B 151 -11.19 -28.46 15.33
C ARG B 151 -10.46 -27.73 16.44
N SER B 152 -9.89 -28.47 17.40
CA SER B 152 -9.22 -27.84 18.55
C SER B 152 -7.83 -27.32 18.15
N GLU B 153 -7.16 -27.99 17.21
CA GLU B 153 -5.77 -27.58 16.87
C GLU B 153 -5.80 -26.40 15.89
N VAL B 154 -6.69 -26.43 14.89
CA VAL B 154 -6.66 -25.34 13.87
C VAL B 154 -7.80 -24.36 14.14
N GLY B 155 -9.00 -24.84 14.47
CA GLY B 155 -10.09 -23.91 14.63
C GLY B 155 -9.88 -22.96 15.79
N LYS B 156 -9.12 -23.38 16.80
CA LYS B 156 -8.86 -22.48 17.92
C LYS B 156 -7.89 -21.40 17.50
N GLN B 157 -6.95 -21.72 16.61
CA GLN B 157 -6.10 -20.68 16.02
C GLN B 157 -6.90 -19.72 15.15
N LEU B 158 -7.95 -20.23 14.50
CA LEU B 158 -8.74 -19.45 13.56
C LEU B 158 -9.77 -18.55 14.24
N ARG B 159 -10.21 -18.90 15.45
CA ARG B 159 -11.27 -18.11 16.08
C ARG B 159 -10.92 -16.63 16.19
N PRO B 160 -9.76 -16.23 16.71
CA PRO B 160 -9.47 -14.78 16.74
C PRO B 160 -9.42 -14.17 15.35
N LEU B 161 -8.84 -14.88 14.38
CA LEU B 161 -8.67 -14.39 13.03
C LEU B 161 -10.01 -14.20 12.31
N TYR B 162 -10.96 -15.14 12.49
CA TYR B 162 -12.28 -14.94 11.91
C TYR B 162 -12.99 -13.77 12.56
N GLU B 163 -12.82 -13.61 13.88
CA GLU B 163 -13.53 -12.51 14.52
C GLU B 163 -13.23 -11.17 13.84
N GLU B 164 -12.04 -11.01 13.26
CA GLU B 164 -11.68 -9.73 12.68
C GLU B 164 -11.74 -9.69 11.16
N TYR B 165 -11.58 -10.83 10.49
CA TYR B 165 -12.10 -10.99 9.14
C TYR B 165 -13.54 -10.50 9.05
N VAL B 166 -14.36 -10.83 10.05
CA VAL B 166 -15.77 -10.43 10.02
C VAL B 166 -15.88 -8.91 9.96
N VAL B 167 -15.18 -8.22 10.87
CA VAL B 167 -15.38 -6.78 10.92
C VAL B 167 -14.82 -6.09 9.69
N LEU B 168 -13.66 -6.54 9.16
CA LEU B 168 -13.18 -5.86 7.95
C LEU B 168 -14.03 -6.17 6.72
N LYS B 169 -14.52 -7.40 6.55
CA LYS B 169 -15.31 -7.62 5.33
C LYS B 169 -16.62 -6.85 5.41
N ASN B 170 -17.14 -6.68 6.63
CA ASN B 170 -18.34 -5.86 6.82
C ASN B 170 -18.05 -4.39 6.53
N GLU B 171 -16.93 -3.87 7.02
CA GLU B 171 -16.53 -2.49 6.70
C GLU B 171 -16.48 -2.30 5.20
N MET B 172 -15.87 -3.25 4.48
CA MET B 172 -15.83 -3.20 3.02
C MET B 172 -17.23 -3.18 2.41
N ALA B 173 -18.10 -4.11 2.84
CA ALA B 173 -19.40 -4.24 2.20
C ALA B 173 -20.29 -3.03 2.47
N ARG B 174 -20.18 -2.46 3.65
CA ARG B 174 -20.96 -1.24 3.95
C ARG B 174 -20.49 -0.09 3.07
N ALA B 175 -19.19 0.07 2.89
CA ALA B 175 -18.63 1.15 2.04
C ALA B 175 -19.06 0.93 0.60
N ASN B 176 -19.68 -0.20 0.34
CA ASN B 176 -20.09 -0.53 -1.05
C ASN B 176 -21.61 -0.44 -1.07
N ASN B 177 -22.19 0.12 -0.01
CA ASN B 177 -23.67 0.35 0.02
C ASN B 177 -24.40 -0.97 0.25
N TYR B 178 -23.80 -1.89 0.99
CA TYR B 178 -24.43 -3.19 1.30
C TYR B 178 -24.62 -3.23 2.80
N GLU B 179 -25.51 -4.09 3.29
CA GLU B 179 -25.76 -4.16 4.72
C GLU B 179 -24.65 -4.88 5.46
N ASP B 180 -24.11 -5.96 4.88
CA ASP B 180 -23.08 -6.78 5.51
C ASP B 180 -22.42 -7.61 4.45
N TYR B 181 -21.35 -8.29 4.83
CA TYR B 181 -20.66 -9.15 3.86
C TYR B 181 -21.60 -10.18 3.26
N GLY B 182 -22.67 -10.53 3.96
CA GLY B 182 -23.61 -11.48 3.41
C GLY B 182 -24.50 -10.83 2.36
N ASP B 183 -24.92 -9.60 2.61
CA ASP B 183 -25.64 -8.86 1.58
C ASP B 183 -24.80 -8.77 0.32
N TYR B 184 -23.55 -8.34 0.49
CA TYR B 184 -22.62 -8.29 -0.61
C TYR B 184 -22.60 -9.61 -1.37
N TRP B 185 -22.46 -10.74 -0.65
CA TRP B 185 -22.33 -12.03 -1.34
C TRP B 185 -23.60 -12.43 -2.06
N ARG B 186 -24.76 -12.28 -1.41
CA ARG B 186 -26.02 -12.61 -2.09
C ARG B 186 -26.23 -11.71 -3.29
N GLY B 187 -25.59 -10.54 -3.30
CA GLY B 187 -25.65 -9.68 -4.47
C GLY B 187 -25.16 -10.32 -5.74
N ASP B 188 -24.43 -11.43 -5.64
CA ASP B 188 -24.01 -12.16 -6.84
C ASP B 188 -25.22 -12.59 -7.66
N TYR B 189 -26.33 -12.92 -7.01
CA TYR B 189 -27.52 -13.35 -7.75
C TYR B 189 -28.39 -12.20 -8.25
N GLU B 190 -27.98 -10.94 -8.06
CA GLU B 190 -28.81 -9.84 -8.51
C GLU B 190 -28.76 -9.70 -10.03
N ALA B 191 -29.92 -9.36 -10.59
CA ALA B 191 -30.08 -9.33 -12.03
C ALA B 191 -31.03 -8.21 -12.41
N GLU B 192 -30.68 -7.49 -13.47
CA GLU B 192 -31.56 -6.41 -14.00
C GLU B 192 -31.65 -6.62 -15.51
N GLY B 193 -32.82 -6.37 -16.10
CA GLY B 193 -32.97 -6.50 -17.56
C GLY B 193 -34.40 -6.26 -18.00
N ALA B 194 -34.89 -7.06 -18.94
CA ALA B 194 -36.29 -6.93 -19.42
C ALA B 194 -37.25 -7.26 -18.28
N ASP B 195 -38.45 -6.68 -18.31
CA ASP B 195 -39.46 -6.94 -17.24
C ASP B 195 -39.62 -8.45 -17.06
N GLY B 196 -39.48 -8.93 -15.82
CA GLY B 196 -39.68 -10.36 -15.56
C GLY B 196 -38.31 -10.96 -15.32
N TYR B 197 -37.27 -10.27 -15.79
CA TYR B 197 -35.97 -10.90 -15.65
C TYR B 197 -35.11 -10.24 -14.58
N GLY B 198 -35.74 -9.54 -13.64
CA GLY B 198 -35.06 -8.98 -12.49
C GLY B 198 -35.10 -9.91 -11.29
N TYR B 199 -34.05 -9.82 -10.47
CA TYR B 199 -33.92 -10.63 -9.26
C TYR B 199 -33.20 -9.80 -8.20
N ASN B 200 -33.88 -9.46 -7.11
CA ASN B 200 -33.27 -8.66 -6.04
C ASN B 200 -32.56 -9.58 -5.06
N ARG B 201 -31.46 -9.09 -4.48
CA ARG B 201 -30.71 -9.89 -3.51
C ARG B 201 -31.65 -10.56 -2.51
N ASN B 202 -32.63 -9.81 -2.02
CA ASN B 202 -33.50 -10.25 -0.95
C ASN B 202 -34.53 -11.27 -1.39
N GLN B 203 -34.51 -11.64 -2.66
CA GLN B 203 -35.30 -12.79 -3.07
C GLN B 203 -34.57 -14.09 -2.75
N LEU B 204 -33.24 -14.06 -2.64
CA LEU B 204 -32.44 -15.29 -2.53
C LEU B 204 -32.80 -16.09 -1.30
N ILE B 205 -32.84 -15.46 -0.12
CA ILE B 205 -33.20 -16.21 1.09
C ILE B 205 -34.61 -16.74 1.01
N GLU B 206 -35.54 -16.01 0.37
CA GLU B 206 -36.87 -16.58 0.21
C GLU B 206 -36.82 -17.83 -0.66
N ASP B 207 -35.93 -17.87 -1.65
CA ASP B 207 -35.94 -18.96 -2.63
C ASP B 207 -35.07 -20.14 -2.20
N VAL B 208 -34.07 -19.90 -1.36
CA VAL B 208 -33.39 -20.99 -0.69
C VAL B 208 -34.36 -21.69 0.26
N GLU B 209 -34.93 -20.92 1.21
CA GLU B 209 -35.84 -21.48 2.20
C GLU B 209 -37.04 -22.16 1.54
N ARG B 210 -37.61 -21.54 0.51
CA ARG B 210 -38.60 -22.19 -0.33
C ARG B 210 -38.16 -23.57 -0.77
N THR B 211 -37.10 -23.63 -1.59
CA THR B 211 -36.75 -24.88 -2.24
C THR B 211 -36.36 -25.92 -1.23
N PHE B 212 -35.70 -25.49 -0.15
CA PHE B 212 -35.27 -26.41 0.90
C PHE B 212 -36.44 -27.14 1.53
N ALA B 213 -37.54 -26.43 1.81
CA ALA B 213 -38.66 -27.08 2.44
C ALA B 213 -39.25 -28.15 1.56
N GLU B 214 -38.82 -28.21 0.30
CA GLU B 214 -39.34 -29.18 -0.63
C GLU B 214 -38.44 -30.39 -0.74
N ILE B 215 -37.23 -30.28 -0.20
CA ILE B 215 -36.21 -31.29 -0.20
C ILE B 215 -36.28 -32.03 1.13
N LYS B 216 -36.63 -31.31 2.19
CA LYS B 216 -36.61 -31.85 3.56
C LYS B 216 -37.27 -33.22 3.71
N PRO B 217 -38.47 -33.52 3.11
CA PRO B 217 -38.98 -34.89 3.16
C PRO B 217 -37.94 -35.91 2.74
N LEU B 218 -37.52 -35.85 1.47
CA LEU B 218 -36.47 -36.72 0.95
C LEU B 218 -35.32 -36.86 1.93
N TYR B 219 -34.64 -35.74 2.24
CA TYR B 219 -33.50 -35.78 3.16
C TYR B 219 -33.82 -36.58 4.42
N GLU B 220 -34.94 -36.25 5.07
CA GLU B 220 -35.25 -36.87 6.36
C GLU B 220 -35.25 -38.38 6.22
N HIS B 221 -35.95 -38.90 5.21
CA HIS B 221 -35.95 -40.33 4.99
C HIS B 221 -34.54 -40.87 4.79
N LEU B 222 -33.77 -40.23 3.89
CA LEU B 222 -32.36 -40.59 3.77
C LEU B 222 -31.72 -40.65 5.14
N HIS B 223 -31.82 -39.55 5.88
CA HIS B 223 -31.28 -39.49 7.23
C HIS B 223 -31.73 -40.70 8.06
N ALA B 224 -33.06 -40.93 8.14
CA ALA B 224 -33.56 -42.04 8.94
C ALA B 224 -32.92 -43.35 8.50
N TYR B 225 -32.92 -43.62 7.20
CA TYR B 225 -32.27 -44.82 6.72
C TYR B 225 -30.81 -44.86 7.15
N VAL B 226 -30.07 -43.78 6.87
CA VAL B 226 -28.64 -43.78 7.15
C VAL B 226 -28.40 -43.93 8.65
N ARG B 227 -29.35 -43.46 9.47
CA ARG B 227 -29.20 -43.66 10.90
C ARG B 227 -29.25 -45.14 11.25
N ALA B 228 -30.29 -45.85 10.77
CA ALA B 228 -30.48 -47.25 11.13
C ALA B 228 -29.26 -48.09 10.80
N LYS B 229 -28.78 -48.01 9.56
CA LYS B 229 -27.58 -48.75 9.17
C LYS B 229 -26.35 -48.30 9.98
N LEU B 230 -26.21 -47.01 10.25
CA LEU B 230 -25.09 -46.63 11.11
C LEU B 230 -25.18 -47.25 12.48
N MET B 231 -26.39 -47.55 12.98
CA MET B 231 -26.41 -48.18 14.30
C MET B 231 -25.84 -49.58 14.29
N ASN B 232 -25.79 -50.26 13.14
CA ASN B 232 -25.10 -51.54 13.18
C ASN B 232 -23.61 -51.34 13.33
N THR B 233 -23.09 -50.20 12.91
CA THR B 233 -21.64 -50.02 13.02
C THR B 233 -21.22 -49.31 14.31
N TYR B 234 -22.07 -48.45 14.88
CA TYR B 234 -21.78 -47.79 16.15
C TYR B 234 -22.99 -47.86 17.07
N PRO B 235 -23.40 -49.07 17.44
CA PRO B 235 -24.41 -49.19 18.50
C PRO B 235 -23.86 -48.59 19.79
N SER B 236 -24.78 -48.16 20.66
CA SER B 236 -24.47 -47.60 21.97
C SER B 236 -23.93 -46.18 21.87
N TYR B 237 -23.63 -45.71 20.66
CA TYR B 237 -23.32 -44.30 20.40
C TYR B 237 -24.42 -43.55 19.69
N ILE B 238 -25.06 -44.15 18.69
CA ILE B 238 -26.03 -43.46 17.83
C ILE B 238 -27.43 -43.76 18.32
N SER B 239 -28.05 -42.79 18.98
CA SER B 239 -29.42 -42.97 19.45
C SER B 239 -30.41 -43.10 18.29
N PRO B 240 -31.36 -44.04 18.37
CA PRO B 240 -32.32 -44.23 17.28
C PRO B 240 -33.35 -43.13 17.14
N THR B 241 -33.32 -42.09 17.97
CA THR B 241 -34.22 -40.96 17.82
C THR B 241 -33.48 -39.65 17.63
N GLY B 242 -32.16 -39.64 17.86
CA GLY B 242 -31.41 -38.42 17.91
C GLY B 242 -30.64 -38.10 16.64
N CYS B 243 -29.77 -37.12 16.77
CA CYS B 243 -28.98 -36.66 15.65
C CYS B 243 -27.89 -37.69 15.33
N LEU B 244 -27.37 -37.63 14.10
CA LEU B 244 -26.17 -38.41 13.86
C LEU B 244 -24.95 -37.69 14.42
N PRO B 245 -24.02 -38.41 15.07
CA PRO B 245 -22.83 -37.74 15.61
C PRO B 245 -21.88 -37.30 14.50
N ALA B 246 -21.36 -36.08 14.63
CA ALA B 246 -20.76 -35.38 13.49
C ALA B 246 -19.47 -36.03 12.98
N HIS B 247 -18.72 -36.72 13.84
CA HIS B 247 -17.48 -37.34 13.39
C HIS B 247 -17.69 -38.65 12.64
N LEU B 248 -18.93 -39.10 12.46
CA LEU B 248 -19.23 -40.47 12.06
C LEU B 248 -19.71 -40.58 10.62
N LEU B 249 -19.46 -39.57 9.79
CA LEU B 249 -20.00 -39.47 8.44
C LEU B 249 -18.90 -39.70 7.38
N GLY B 250 -19.19 -39.35 6.14
CA GLY B 250 -18.23 -39.61 5.08
C GLY B 250 -16.88 -38.92 5.23
N ASP B 251 -16.85 -37.72 5.78
CA ASP B 251 -15.60 -36.97 5.78
C ASP B 251 -15.50 -36.18 7.08
N MET B 252 -14.58 -35.22 7.08
CA MET B 252 -14.19 -34.54 8.30
C MET B 252 -15.31 -33.66 8.85
N TRP B 253 -16.24 -33.33 7.96
CA TRP B 253 -17.45 -32.59 8.34
C TRP B 253 -18.58 -33.44 7.80
N GLY B 254 -19.77 -32.89 7.58
CA GLY B 254 -20.83 -33.68 6.95
C GLY B 254 -21.18 -33.15 5.58
N ARG B 255 -20.20 -32.62 4.87
CA ARG B 255 -20.53 -31.96 3.59
C ARG B 255 -21.13 -33.02 2.71
N PHE B 256 -20.48 -34.18 2.68
CA PHE B 256 -20.91 -35.25 1.75
C PHE B 256 -20.96 -36.55 2.54
N TRP B 257 -21.94 -37.36 2.22
CA TRP B 257 -22.09 -38.64 2.90
C TRP B 257 -21.63 -39.79 2.02
N THR B 258 -20.95 -39.45 0.94
CA THR B 258 -20.62 -40.42 -0.13
C THR B 258 -19.95 -41.67 0.39
N ASN B 259 -19.10 -41.52 1.43
CA ASN B 259 -18.27 -42.64 1.92
C ASN B 259 -18.95 -43.40 3.05
N LEU B 260 -20.26 -43.32 3.14
CA LEU B 260 -21.01 -44.15 4.12
C LEU B 260 -21.79 -45.13 3.26
N TYR B 261 -21.45 -45.21 1.98
CA TYR B 261 -22.16 -46.10 1.04
C TYR B 261 -21.81 -47.55 1.35
N SER B 262 -20.52 -47.87 1.46
CA SER B 262 -20.20 -49.25 1.85
C SER B 262 -21.02 -49.69 3.05
N LEU B 263 -21.32 -48.76 3.97
CA LEU B 263 -22.10 -49.16 5.13
C LEU B 263 -23.56 -49.33 4.76
N THR B 264 -24.08 -48.45 3.89
CA THR B 264 -25.52 -48.30 3.68
C THR B 264 -26.02 -48.79 2.33
N VAL B 265 -25.18 -49.46 1.54
CA VAL B 265 -25.59 -50.05 0.27
C VAL B 265 -26.85 -50.88 0.46
N PRO B 266 -27.96 -50.45 -0.12
CA PRO B 266 -29.20 -51.24 0.00
C PRO B 266 -29.02 -52.70 -0.34
N PHE B 267 -28.20 -53.01 -1.34
CA PHE B 267 -28.17 -54.33 -1.95
C PHE B 267 -26.72 -54.68 -2.24
N PRO B 268 -25.92 -55.15 -1.26
CA PRO B 268 -24.49 -55.40 -1.49
C PRO B 268 -24.30 -56.67 -2.34
N GLU B 269 -25.29 -57.56 -2.34
CA GLU B 269 -25.23 -58.79 -3.18
C GLU B 269 -25.11 -58.36 -4.64
N LYS B 270 -25.69 -57.21 -4.98
CA LYS B 270 -25.64 -56.70 -6.38
C LYS B 270 -24.20 -56.32 -6.73
N PRO B 271 -23.80 -56.33 -8.02
CA PRO B 271 -22.45 -55.90 -8.43
C PRO B 271 -22.21 -54.44 -8.15
N ASN B 272 -20.95 -54.12 -7.84
CA ASN B 272 -20.65 -52.82 -7.26
C ASN B 272 -20.68 -51.71 -8.30
N ILE B 273 -21.39 -50.64 -7.95
CA ILE B 273 -21.39 -49.44 -8.84
C ILE B 273 -20.23 -48.58 -8.33
N ASP B 274 -20.02 -48.54 -7.00
CA ASP B 274 -18.81 -47.85 -6.50
C ASP B 274 -17.69 -48.49 -7.31
N VAL B 275 -16.85 -47.68 -7.93
CA VAL B 275 -15.89 -48.28 -8.90
C VAL B 275 -14.43 -48.01 -8.53
N THR B 276 -14.15 -47.79 -7.24
CA THR B 276 -12.77 -47.43 -6.82
C THR B 276 -11.86 -48.64 -7.03
N ASP B 277 -12.19 -49.76 -6.39
CA ASP B 277 -11.38 -51.01 -6.54
C ASP B 277 -11.04 -51.23 -8.01
N ALA B 278 -12.04 -51.30 -8.87
CA ALA B 278 -11.81 -51.54 -10.32
C ALA B 278 -10.68 -50.63 -10.81
N MET B 279 -10.86 -49.31 -10.68
CA MET B 279 -9.83 -48.37 -11.12
C MET B 279 -8.44 -48.74 -10.64
N ILE B 280 -8.32 -49.16 -9.37
CA ILE B 280 -7.00 -49.50 -8.84
C ILE B 280 -6.48 -50.78 -9.48
N ASN B 281 -7.39 -51.74 -9.68
CA ASN B 281 -7.01 -53.02 -10.32
C ASN B 281 -6.52 -52.74 -11.74
N GLN B 282 -7.16 -51.79 -12.42
CA GLN B 282 -6.75 -51.42 -13.80
C GLN B 282 -5.58 -50.45 -13.70
N ASN B 283 -4.92 -50.41 -12.54
CA ASN B 283 -3.73 -49.52 -12.33
C ASN B 283 -4.02 -48.15 -12.94
N TRP B 284 -5.18 -47.57 -12.63
CA TRP B 284 -5.51 -46.21 -13.13
C TRP B 284 -4.61 -45.19 -12.43
N ASN B 285 -4.23 -44.12 -13.12
CA ASN B 285 -3.50 -43.04 -12.48
C ASN B 285 -4.26 -41.75 -12.67
N ALA B 286 -3.72 -40.68 -12.08
CA ALA B 286 -4.30 -39.35 -12.25
C ALA B 286 -4.49 -38.99 -13.73
N VAL B 287 -3.38 -39.08 -14.48
CA VAL B 287 -3.39 -38.69 -15.89
C VAL B 287 -4.55 -39.34 -16.62
N ARG B 288 -4.86 -40.59 -16.27
CA ARG B 288 -5.89 -41.28 -17.03
C ARG B 288 -7.28 -40.82 -16.61
N ILE B 289 -7.44 -40.36 -15.36
CA ILE B 289 -8.73 -39.83 -14.95
C ILE B 289 -9.04 -38.56 -15.72
N PHE B 290 -8.05 -37.67 -15.82
CA PHE B 290 -8.32 -36.46 -16.60
C PHE B 290 -8.46 -36.76 -18.08
N LYS B 291 -7.71 -37.74 -18.61
CA LYS B 291 -7.93 -38.18 -20.00
C LYS B 291 -9.37 -38.60 -20.22
N GLU B 292 -9.96 -39.32 -19.26
CA GLU B 292 -11.32 -39.83 -19.46
C GLU B 292 -12.34 -38.69 -19.41
N ALA B 293 -12.18 -37.76 -18.48
CA ALA B 293 -13.09 -36.62 -18.44
C ALA B 293 -13.02 -35.79 -19.72
N GLU B 294 -11.81 -35.67 -20.28
CA GLU B 294 -11.64 -35.02 -21.57
C GLU B 294 -12.47 -35.69 -22.64
N LYS B 295 -12.28 -37.03 -22.80
CA LYS B 295 -13.07 -37.78 -23.78
C LYS B 295 -14.55 -37.48 -23.67
N PHE B 296 -15.07 -37.39 -22.44
CA PHE B 296 -16.51 -37.19 -22.28
C PHE B 296 -16.93 -35.81 -22.77
N PHE B 297 -16.21 -34.77 -22.35
CA PHE B 297 -16.53 -33.44 -22.85
C PHE B 297 -16.46 -33.37 -24.36
N VAL B 298 -15.35 -33.84 -24.95
CA VAL B 298 -15.21 -33.85 -26.41
C VAL B 298 -16.42 -34.53 -27.03
N SER B 299 -16.92 -35.59 -26.40
CA SER B 299 -18.00 -36.35 -27.00
C SER B 299 -19.29 -35.57 -27.08
N VAL B 300 -19.50 -34.60 -26.18
CA VAL B 300 -20.73 -33.81 -26.39
C VAL B 300 -20.51 -32.60 -27.29
N GLY B 301 -19.37 -32.54 -27.98
CA GLY B 301 -19.14 -31.46 -28.92
C GLY B 301 -18.52 -30.22 -28.33
N LEU B 302 -17.93 -30.32 -27.16
CA LEU B 302 -17.17 -29.24 -26.59
C LEU B 302 -15.68 -29.52 -26.80
N PRO B 303 -14.83 -28.47 -26.72
CA PRO B 303 -13.44 -28.61 -27.09
C PRO B 303 -12.58 -29.42 -26.13
N ASN B 304 -11.35 -29.68 -26.55
CA ASN B 304 -10.43 -30.48 -25.74
C ASN B 304 -9.69 -29.52 -24.83
N MET B 305 -8.61 -29.97 -24.22
CA MET B 305 -7.93 -29.14 -23.21
C MET B 305 -6.63 -28.60 -23.80
N THR B 306 -6.36 -27.34 -23.53
CA THR B 306 -5.16 -26.69 -24.08
C THR B 306 -3.92 -27.50 -23.71
N GLN B 307 -2.90 -27.45 -24.54
CA GLN B 307 -1.64 -28.12 -24.17
C GLN B 307 -1.10 -27.44 -22.92
N GLY B 308 -1.31 -26.13 -22.80
CA GLY B 308 -0.88 -25.49 -21.58
C GLY B 308 -1.53 -26.04 -20.33
N PHE B 309 -2.76 -26.55 -20.45
CA PHE B 309 -3.44 -27.17 -19.31
C PHE B 309 -2.71 -28.42 -18.81
N TRP B 310 -2.30 -29.31 -19.74
CA TRP B 310 -1.55 -30.50 -19.32
C TRP B 310 -0.18 -30.10 -18.80
N GLU B 311 0.36 -29.00 -19.32
CA GLU B 311 1.70 -28.63 -18.93
C GLU B 311 1.75 -27.97 -17.56
N ASN B 312 0.84 -27.04 -17.28
CA ASN B 312 0.94 -26.20 -16.09
C ASN B 312 0.11 -26.66 -14.90
N SER B 313 -0.91 -27.50 -15.12
CA SER B 313 -1.75 -27.93 -14.01
C SER B 313 -0.95 -28.75 -12.98
N MET B 314 -1.57 -28.95 -11.81
CA MET B 314 -1.04 -29.80 -10.75
C MET B 314 -2.04 -30.92 -10.53
N LEU B 315 -1.77 -32.08 -11.09
CA LEU B 315 -2.75 -33.16 -10.97
C LEU B 315 -2.40 -34.15 -9.89
N THR B 316 -1.14 -34.54 -9.78
CA THR B 316 -0.69 -35.26 -8.60
C THR B 316 -0.13 -34.27 -7.57
N GLU B 317 -0.19 -34.65 -6.29
CA GLU B 317 0.45 -33.83 -5.26
C GLU B 317 1.95 -33.81 -5.49
N PRO B 318 2.62 -32.69 -5.27
CA PRO B 318 4.06 -32.67 -5.52
C PRO B 318 4.76 -33.54 -4.50
N THR B 319 5.82 -34.20 -4.96
CA THR B 319 6.72 -34.94 -4.08
C THR B 319 8.09 -34.25 -4.03
N ASP B 320 8.09 -32.91 -4.09
CA ASP B 320 9.31 -32.11 -4.12
C ASP B 320 9.76 -31.73 -2.72
N GLY B 321 8.85 -31.75 -1.77
CA GLY B 321 8.93 -30.96 -0.56
C GLY B 321 7.95 -29.81 -0.57
N ARG B 322 7.52 -29.39 -1.75
CA ARG B 322 6.57 -28.30 -1.90
C ARG B 322 5.35 -28.51 -1.02
N LYS B 323 5.02 -27.49 -0.24
CA LYS B 323 3.76 -27.48 0.49
C LYS B 323 2.69 -26.88 -0.42
N VAL B 324 1.54 -27.51 -0.45
CA VAL B 324 0.53 -27.22 -1.47
C VAL B 324 -0.82 -27.21 -0.77
N VAL B 325 -1.71 -26.34 -1.22
CA VAL B 325 -3.12 -26.42 -0.83
C VAL B 325 -3.82 -27.40 -1.79
N CYS B 326 -4.14 -28.59 -1.27
CA CYS B 326 -4.61 -29.70 -2.09
C CYS B 326 -6.08 -29.59 -2.50
N HIS B 327 -6.71 -28.45 -2.30
CA HIS B 327 -8.16 -28.55 -2.46
C HIS B 327 -8.48 -28.34 -3.93
N PRO B 328 -9.38 -29.13 -4.53
CA PRO B 328 -9.58 -29.04 -5.98
C PRO B 328 -10.07 -27.65 -6.36
N THR B 329 -9.29 -26.96 -7.19
CA THR B 329 -9.74 -25.70 -7.75
C THR B 329 -9.46 -25.71 -9.24
N ALA B 330 -10.30 -25.00 -9.98
CA ALA B 330 -10.08 -24.75 -11.40
C ALA B 330 -9.71 -23.29 -11.57
N TRP B 331 -8.82 -23.02 -12.52
CA TRP B 331 -8.21 -21.70 -12.66
C TRP B 331 -8.33 -21.21 -14.10
N ASP B 332 -8.85 -19.99 -14.25
CA ASP B 332 -8.72 -19.16 -15.45
C ASP B 332 -7.81 -17.99 -15.09
N LEU B 333 -6.58 -18.01 -15.59
CA LEU B 333 -5.65 -16.89 -15.44
C LEU B 333 -5.71 -15.89 -16.63
N GLN B 334 -6.85 -15.79 -17.31
CA GLN B 334 -7.25 -14.69 -18.17
C GLN B 334 -6.59 -14.59 -19.54
N LYS B 335 -5.71 -15.52 -19.91
CA LYS B 335 -4.92 -15.22 -21.10
C LYS B 335 -4.79 -16.43 -21.99
N GLY B 336 -5.80 -17.29 -21.96
CA GLY B 336 -5.72 -18.66 -22.43
C GLY B 336 -5.10 -19.65 -21.46
N ASP B 337 -4.73 -19.21 -20.26
CA ASP B 337 -3.93 -20.00 -19.33
C ASP B 337 -4.93 -20.66 -18.38
N PHE B 338 -5.25 -21.93 -18.63
CA PHE B 338 -6.22 -22.68 -17.85
C PHE B 338 -5.52 -23.81 -17.11
N ARG B 339 -5.77 -23.92 -15.81
CA ARG B 339 -5.15 -25.01 -15.05
C ARG B 339 -6.15 -25.60 -14.05
N ILE B 340 -5.88 -26.83 -13.64
CA ILE B 340 -6.60 -27.40 -12.52
C ILE B 340 -5.54 -27.65 -11.46
N LYS B 341 -5.95 -27.60 -10.20
CA LYS B 341 -5.03 -27.75 -9.07
C LYS B 341 -5.71 -28.68 -8.07
N MET B 342 -5.31 -29.95 -8.09
CA MET B 342 -6.01 -30.98 -7.35
C MET B 342 -4.99 -32.05 -7.01
N CYS B 343 -5.03 -32.56 -5.79
CA CYS B 343 -4.19 -33.71 -5.41
C CYS B 343 -4.99 -34.99 -5.67
N THR B 344 -5.08 -35.32 -6.95
CA THR B 344 -5.96 -36.44 -7.34
C THR B 344 -5.41 -37.78 -6.89
N LYS B 345 -6.33 -38.61 -6.39
CA LYS B 345 -6.04 -40.01 -6.03
C LYS B 345 -7.02 -40.83 -6.89
N VAL B 346 -6.87 -42.15 -7.02
CA VAL B 346 -7.69 -42.96 -7.98
C VAL B 346 -9.18 -43.16 -7.57
N THR B 347 -9.62 -42.80 -6.38
CA THR B 347 -11.03 -42.99 -5.99
C THR B 347 -12.07 -42.46 -6.99
N MET B 348 -13.30 -43.02 -7.02
CA MET B 348 -14.42 -42.48 -7.81
C MET B 348 -14.60 -41.04 -7.34
N ASP B 349 -14.51 -40.83 -6.03
CA ASP B 349 -14.76 -39.48 -5.53
C ASP B 349 -13.95 -38.46 -6.33
N ASN B 350 -12.68 -38.77 -6.58
CA ASN B 350 -11.81 -37.85 -7.30
C ASN B 350 -12.05 -37.85 -8.80
N PHE B 351 -12.45 -38.97 -9.36
CA PHE B 351 -12.76 -39.04 -10.78
C PHE B 351 -13.95 -38.15 -11.11
N LEU B 352 -14.99 -38.24 -10.28
CA LEU B 352 -16.13 -37.34 -10.45
C LEU B 352 -15.71 -35.89 -10.22
N THR B 353 -14.85 -35.64 -9.21
CA THR B 353 -14.39 -34.28 -8.98
C THR B 353 -13.65 -33.71 -10.20
N ALA B 354 -12.88 -34.55 -10.90
CA ALA B 354 -12.16 -34.08 -12.08
C ALA B 354 -13.13 -33.70 -13.18
N HIS B 355 -14.20 -34.48 -13.35
CA HIS B 355 -15.27 -34.03 -14.24
C HIS B 355 -15.78 -32.65 -13.83
N HIS B 356 -15.97 -32.43 -12.52
CA HIS B 356 -16.51 -31.15 -12.04
C HIS B 356 -15.54 -29.98 -12.32
N GLU B 357 -14.26 -30.22 -12.06
CA GLU B 357 -13.26 -29.19 -12.24
C GLU B 357 -13.09 -28.87 -13.72
N MET B 358 -13.06 -29.91 -14.55
CA MET B 358 -12.95 -29.70 -15.99
C MET B 358 -14.19 -29.04 -16.54
N GLY B 359 -15.35 -29.26 -15.92
CA GLY B 359 -16.52 -28.44 -16.14
C GLY B 359 -16.27 -26.95 -15.99
N HIS B 360 -15.76 -26.54 -14.81
CA HIS B 360 -15.40 -25.14 -14.60
C HIS B 360 -14.56 -24.60 -15.75
N ILE B 361 -13.45 -25.29 -16.02
CA ILE B 361 -12.53 -24.91 -17.10
C ILE B 361 -13.25 -24.75 -18.46
N GLN B 362 -14.22 -25.64 -18.77
CA GLN B 362 -14.92 -25.49 -20.05
C GLN B 362 -15.76 -24.24 -20.08
N TYR B 363 -16.42 -23.92 -18.96
CA TYR B 363 -17.19 -22.68 -18.90
C TYR B 363 -16.29 -21.48 -19.15
N ASP B 364 -15.09 -21.49 -18.54
CA ASP B 364 -14.09 -20.45 -18.73
C ASP B 364 -13.68 -20.31 -20.19
N MET B 365 -13.47 -21.44 -20.87
CA MET B 365 -13.10 -21.38 -22.28
C MET B 365 -14.27 -20.87 -23.11
N ALA B 366 -15.49 -21.25 -22.74
CA ALA B 366 -16.63 -20.95 -23.59
C ALA B 366 -16.95 -19.46 -23.58
N TYR B 367 -16.77 -18.79 -22.45
CA TYR B 367 -17.14 -17.35 -22.34
C TYR B 367 -15.92 -16.44 -22.51
N ALA B 368 -14.93 -16.87 -23.28
CA ALA B 368 -13.70 -16.10 -23.47
C ALA B 368 -13.82 -15.15 -24.65
N MET B 369 -14.83 -15.35 -25.48
CA MET B 369 -15.09 -14.43 -26.61
C MET B 369 -15.86 -13.22 -26.11
N GLN B 370 -15.96 -13.09 -24.80
CA GLN B 370 -16.72 -11.97 -24.20
C GLN B 370 -15.73 -11.02 -23.57
N PRO B 371 -16.02 -9.71 -23.51
CA PRO B 371 -15.14 -8.74 -22.85
C PRO B 371 -14.80 -9.16 -21.43
N TYR B 372 -13.72 -8.57 -20.93
CA TYR B 372 -13.16 -9.00 -19.65
C TYR B 372 -14.22 -8.92 -18.55
N LEU B 373 -14.89 -7.78 -18.47
CA LEU B 373 -15.84 -7.54 -17.38
C LEU B 373 -17.09 -8.40 -17.50
N LEU B 374 -17.22 -9.20 -18.56
CA LEU B 374 -18.35 -10.11 -18.71
C LEU B 374 -17.89 -11.56 -18.83
N ARG B 375 -16.67 -11.88 -18.38
CA ARG B 375 -16.17 -13.26 -18.42
C ARG B 375 -16.35 -13.91 -17.06
N ASN B 376 -17.61 -14.16 -16.74
CA ASN B 376 -17.96 -14.91 -15.56
C ASN B 376 -19.06 -15.87 -15.95
N GLY B 377 -19.42 -16.73 -15.02
CA GLY B 377 -20.67 -17.44 -15.12
C GLY B 377 -21.83 -16.50 -14.89
N ALA B 378 -23.02 -17.00 -15.18
CA ALA B 378 -24.21 -16.16 -15.00
C ALA B 378 -24.38 -15.77 -13.54
N ASN B 379 -24.28 -16.78 -12.67
CA ASN B 379 -24.27 -16.53 -11.19
C ASN B 379 -23.28 -17.54 -10.60
N GLU B 380 -22.89 -17.37 -9.33
CA GLU B 380 -21.85 -18.27 -8.75
C GLU B 380 -22.29 -19.74 -8.93
N GLY B 381 -23.59 -20.02 -8.77
CA GLY B 381 -24.09 -21.40 -8.89
C GLY B 381 -23.94 -21.96 -10.30
N PHE B 382 -24.18 -21.15 -11.33
CA PHE B 382 -24.15 -21.69 -12.68
C PHE B 382 -22.84 -22.43 -12.94
N HIS B 383 -21.74 -21.92 -12.40
CA HIS B 383 -20.41 -22.52 -12.67
C HIS B 383 -20.37 -23.95 -12.13
N GLU B 384 -20.58 -24.10 -10.81
CA GLU B 384 -20.56 -25.45 -10.18
C GLU B 384 -21.55 -26.35 -10.94
N ALA B 385 -22.73 -25.82 -11.27
CA ALA B 385 -23.75 -26.62 -11.99
C ALA B 385 -23.09 -27.38 -13.15
N VAL B 386 -22.44 -26.67 -14.07
CA VAL B 386 -21.88 -27.36 -15.27
C VAL B 386 -21.04 -28.55 -14.83
N GLY B 387 -20.12 -28.34 -13.91
CA GLY B 387 -19.24 -29.44 -13.52
C GLY B 387 -20.04 -30.60 -13.01
N GLU B 388 -21.23 -30.35 -12.48
CA GLU B 388 -21.94 -31.53 -12.00
C GLU B 388 -22.97 -32.05 -13.00
N ILE B 389 -23.36 -31.21 -13.96
CA ILE B 389 -24.19 -31.65 -15.09
C ILE B 389 -23.58 -32.88 -15.71
N MET B 390 -22.26 -32.82 -15.96
CA MET B 390 -21.53 -33.95 -16.46
C MET B 390 -21.45 -35.06 -15.42
N SER B 391 -21.00 -34.72 -14.21
CA SER B 391 -20.83 -35.72 -13.17
C SER B 391 -22.07 -36.59 -13.01
N LEU B 392 -23.26 -36.02 -13.21
CA LEU B 392 -24.53 -36.78 -13.17
C LEU B 392 -24.60 -37.83 -14.27
N SER B 393 -24.14 -37.49 -15.47
CA SER B 393 -24.22 -38.37 -16.64
C SER B 393 -23.13 -39.42 -16.61
N ALA B 394 -21.96 -39.07 -16.09
CA ALA B 394 -20.82 -39.96 -16.09
C ALA B 394 -20.86 -40.96 -14.95
N SER B 395 -21.53 -40.65 -13.84
CA SER B 395 -21.58 -41.61 -12.74
C SER B 395 -22.66 -42.67 -12.94
N THR B 396 -23.47 -42.53 -13.99
CA THR B 396 -24.49 -43.53 -14.32
C THR B 396 -23.82 -44.88 -14.64
N PRO B 397 -24.46 -45.98 -14.26
CA PRO B 397 -23.85 -47.29 -14.51
C PRO B 397 -23.75 -47.63 -16.00
N LYS B 398 -24.65 -47.09 -16.82
CA LYS B 398 -24.52 -47.21 -18.27
C LYS B 398 -23.16 -46.64 -18.75
N HIS B 399 -22.85 -45.41 -18.34
CA HIS B 399 -21.58 -44.80 -18.71
C HIS B 399 -20.39 -45.53 -18.10
N LEU B 400 -20.55 -45.98 -16.84
CA LEU B 400 -19.44 -46.65 -16.12
C LEU B 400 -19.08 -47.95 -16.85
N LYS B 401 -20.09 -48.79 -17.10
CA LYS B 401 -19.84 -50.03 -17.89
C LYS B 401 -19.07 -49.63 -19.14
N SER B 402 -19.53 -48.61 -19.85
CA SER B 402 -18.90 -48.18 -21.13
C SER B 402 -17.42 -47.88 -20.90
N ILE B 403 -17.11 -47.08 -19.87
CA ILE B 403 -15.69 -46.73 -19.57
C ILE B 403 -14.89 -48.03 -19.46
N GLY B 404 -15.50 -49.08 -18.92
CA GLY B 404 -14.77 -50.35 -18.70
C GLY B 404 -14.54 -50.53 -17.21
N LEU B 405 -15.36 -49.87 -16.39
CA LEU B 405 -15.18 -49.94 -14.95
C LEU B 405 -16.23 -50.82 -14.27
N LEU B 406 -17.27 -51.20 -15.00
CA LEU B 406 -18.20 -52.24 -14.61
C LEU B 406 -18.06 -53.35 -15.64
N PRO B 407 -18.46 -54.57 -15.31
CA PRO B 407 -18.40 -55.65 -16.30
C PRO B 407 -19.59 -55.57 -17.24
N SER B 408 -19.58 -56.43 -18.25
CA SER B 408 -20.83 -56.76 -18.93
C SER B 408 -21.65 -57.75 -18.12
N ASP B 409 -21.05 -58.29 -17.05
CA ASP B 409 -21.66 -59.29 -16.17
C ASP B 409 -22.23 -58.66 -14.91
N PHE B 410 -22.86 -57.50 -15.09
CA PHE B 410 -23.54 -56.81 -13.97
C PHE B 410 -24.89 -56.37 -14.53
N ARG B 411 -25.98 -56.99 -14.09
CA ARG B 411 -27.29 -56.69 -14.73
C ARG B 411 -27.77 -55.29 -14.35
N GLU B 412 -28.63 -54.70 -15.19
CA GLU B 412 -29.24 -53.40 -14.87
C GLU B 412 -30.68 -53.66 -14.45
N ASP B 413 -30.97 -53.51 -13.16
CA ASP B 413 -32.31 -53.80 -12.66
C ASP B 413 -32.71 -52.75 -11.63
N ASN B 414 -33.97 -52.80 -11.20
CA ASN B 414 -34.47 -51.80 -10.27
C ASN B 414 -33.73 -51.87 -8.93
N GLU B 415 -33.21 -53.04 -8.54
CA GLU B 415 -32.37 -53.13 -7.35
C GLU B 415 -31.11 -52.29 -7.49
N THR B 416 -30.39 -52.44 -8.59
CA THR B 416 -29.14 -51.70 -8.73
C THR B 416 -29.40 -50.22 -8.89
N GLU B 417 -30.56 -49.85 -9.44
CA GLU B 417 -30.89 -48.43 -9.51
C GLU B 417 -31.22 -47.86 -8.14
N ILE B 418 -31.83 -48.66 -7.27
CA ILE B 418 -31.92 -48.24 -5.88
C ILE B 418 -30.53 -48.05 -5.28
N ASN B 419 -29.62 -48.99 -5.52
CA ASN B 419 -28.22 -48.84 -5.08
C ASN B 419 -27.62 -47.53 -5.57
N PHE B 420 -27.72 -47.30 -6.89
CA PHE B 420 -27.23 -46.09 -7.53
C PHE B 420 -27.79 -44.85 -6.86
N LEU B 421 -29.12 -44.75 -6.84
CA LEU B 421 -29.75 -43.55 -6.31
C LEU B 421 -29.44 -43.36 -4.84
N LEU B 422 -29.19 -44.43 -4.11
CA LEU B 422 -28.68 -44.22 -2.75
C LEU B 422 -27.36 -43.48 -2.81
N LYS B 423 -26.40 -43.98 -3.61
CA LYS B 423 -25.09 -43.33 -3.68
C LYS B 423 -25.24 -41.87 -4.11
N GLN B 424 -26.02 -41.63 -5.17
CA GLN B 424 -26.25 -40.28 -5.64
C GLN B 424 -26.82 -39.41 -4.52
N ALA B 425 -27.76 -39.93 -3.74
CA ALA B 425 -28.35 -39.11 -2.68
C ALA B 425 -27.33 -38.86 -1.59
N LEU B 426 -26.52 -39.87 -1.27
CA LEU B 426 -25.48 -39.72 -0.26
C LEU B 426 -24.53 -38.58 -0.61
N THR B 427 -24.25 -38.40 -1.92
CA THR B 427 -23.35 -37.29 -2.26
C THR B 427 -24.09 -35.99 -2.58
N ILE B 428 -25.40 -36.02 -2.94
CA ILE B 428 -26.12 -34.83 -3.45
C ILE B 428 -27.20 -34.35 -2.49
N VAL B 429 -28.16 -35.21 -2.16
CA VAL B 429 -29.24 -34.78 -1.28
C VAL B 429 -28.66 -34.37 0.08
N GLY B 430 -27.84 -35.25 0.67
CA GLY B 430 -27.25 -35.04 1.97
C GLY B 430 -26.27 -33.88 2.11
N THR B 431 -25.95 -33.17 1.01
CA THR B 431 -25.13 -31.96 1.06
C THR B 431 -25.99 -30.70 1.15
N LEU B 432 -27.31 -30.83 0.96
CA LEU B 432 -28.16 -29.64 0.95
C LEU B 432 -28.32 -29.02 2.34
N PRO B 433 -28.67 -29.78 3.39
CA PRO B 433 -28.84 -29.14 4.71
C PRO B 433 -27.54 -28.61 5.27
N PHE B 434 -26.41 -29.19 4.83
CA PHE B 434 -25.12 -28.75 5.34
C PHE B 434 -24.72 -27.42 4.71
N THR B 435 -24.75 -27.33 3.38
CA THR B 435 -24.57 -26.06 2.71
C THR B 435 -25.50 -24.98 3.29
N TYR B 436 -26.81 -25.27 3.32
CA TYR B 436 -27.73 -24.21 3.67
C TYR B 436 -27.60 -23.79 5.12
N MET B 437 -27.33 -24.73 6.04
CA MET B 437 -27.15 -24.36 7.44
C MET B 437 -25.86 -23.58 7.64
N LEU B 438 -24.79 -23.98 6.95
CA LEU B 438 -23.52 -23.26 7.05
C LEU B 438 -23.71 -21.81 6.60
N GLU B 439 -24.34 -21.61 5.43
CA GLU B 439 -24.54 -20.25 4.95
C GLU B 439 -25.49 -19.47 5.85
N LYS B 440 -26.54 -20.13 6.33
CA LYS B 440 -27.45 -19.42 7.22
C LYS B 440 -26.69 -18.95 8.45
N TRP B 441 -25.73 -19.74 8.92
CA TRP B 441 -24.89 -19.31 10.03
C TRP B 441 -24.02 -18.11 9.64
N ARG B 442 -23.33 -18.19 8.50
CA ARG B 442 -22.47 -17.08 8.10
C ARG B 442 -23.27 -15.80 7.86
N TRP B 443 -24.38 -15.89 7.14
CA TRP B 443 -25.24 -14.72 6.97
C TRP B 443 -25.65 -14.13 8.31
N MET B 444 -26.08 -14.96 9.26
CA MET B 444 -26.51 -14.44 10.56
C MET B 444 -25.36 -13.79 11.30
N VAL B 445 -24.15 -14.35 11.15
CA VAL B 445 -22.97 -13.79 11.78
C VAL B 445 -22.64 -12.43 11.20
N PHE B 446 -22.65 -12.35 9.87
CA PHE B 446 -22.39 -11.09 9.17
C PHE B 446 -23.43 -10.02 9.53
N LYS B 447 -24.72 -10.34 9.36
CA LYS B 447 -25.85 -9.46 9.69
C LYS B 447 -25.85 -8.98 11.15
N GLY B 448 -25.17 -9.67 12.05
CA GLY B 448 -25.17 -9.32 13.44
C GLY B 448 -26.04 -10.17 14.32
N GLU B 449 -26.87 -11.05 13.73
CA GLU B 449 -27.89 -11.74 14.52
C GLU B 449 -27.29 -12.76 15.48
N ILE B 450 -26.11 -13.29 15.18
CA ILE B 450 -25.38 -14.12 16.14
C ILE B 450 -24.22 -13.30 16.69
N PRO B 451 -24.26 -12.90 17.97
CA PRO B 451 -23.07 -12.30 18.58
C PRO B 451 -21.98 -13.34 18.79
N LYS B 452 -20.73 -12.87 18.84
CA LYS B 452 -19.60 -13.78 18.92
C LYS B 452 -19.68 -14.64 20.17
N ASP B 453 -20.17 -14.08 21.28
CA ASP B 453 -20.39 -14.80 22.53
C ASP B 453 -21.31 -16.01 22.34
N GLN B 454 -21.96 -16.12 21.18
CA GLN B 454 -22.92 -17.23 20.94
C GLN B 454 -22.73 -17.80 19.53
N TRP B 455 -21.52 -17.78 18.99
CA TRP B 455 -21.25 -18.28 17.63
C TRP B 455 -21.35 -19.80 17.62
N MET B 456 -20.43 -20.46 18.28
CA MET B 456 -20.43 -21.96 18.32
C MET B 456 -21.74 -22.43 18.94
N LYS B 457 -22.16 -21.87 20.06
CA LYS B 457 -23.48 -22.19 20.59
C LYS B 457 -24.51 -22.25 19.47
N LYS B 458 -24.72 -21.08 18.81
CA LYS B 458 -25.76 -20.99 17.79
C LYS B 458 -25.39 -21.78 16.55
N TRP B 459 -24.09 -21.97 16.30
CA TRP B 459 -23.75 -22.91 15.25
C TRP B 459 -24.34 -24.28 15.55
N TRP B 460 -23.98 -24.86 16.71
CA TRP B 460 -24.31 -26.26 16.92
C TRP B 460 -25.81 -26.46 17.05
N GLU B 461 -26.48 -25.55 17.75
CA GLU B 461 -27.93 -25.54 17.78
C GLU B 461 -28.49 -25.68 16.37
N MET B 462 -28.10 -24.81 15.45
CA MET B 462 -28.66 -24.85 14.08
C MET B 462 -28.35 -26.19 13.42
N LYS B 463 -27.13 -26.67 13.58
CA LYS B 463 -26.74 -27.98 13.00
C LYS B 463 -27.75 -29.00 13.48
N ARG B 464 -27.79 -29.22 14.79
CA ARG B 464 -28.72 -30.19 15.37
C ARG B 464 -30.12 -29.98 14.83
N GLU B 465 -30.59 -28.74 14.72
CA GLU B 465 -31.96 -28.59 14.26
C GLU B 465 -32.07 -28.91 12.78
N ILE B 466 -31.24 -28.26 11.95
CA ILE B 466 -31.48 -28.26 10.51
C ILE B 466 -30.90 -29.50 9.85
N VAL B 467 -29.68 -29.88 10.22
CA VAL B 467 -29.00 -31.02 9.63
C VAL B 467 -29.32 -32.31 10.35
N GLY B 468 -29.85 -32.24 11.57
CA GLY B 468 -30.01 -33.45 12.37
C GLY B 468 -28.68 -34.13 12.64
N VAL B 469 -27.64 -33.34 12.84
CA VAL B 469 -26.29 -33.80 13.13
C VAL B 469 -25.81 -33.05 14.35
N MET B 470 -25.46 -33.79 15.42
CA MET B 470 -25.02 -33.29 16.72
C MET B 470 -23.52 -33.57 16.90
N GLU B 471 -22.84 -32.70 17.82
CA GLU B 471 -21.42 -32.71 18.16
C GLU B 471 -21.12 -33.71 19.28
N PRO B 472 -19.95 -34.33 19.19
CA PRO B 472 -19.62 -35.44 20.10
C PRO B 472 -19.15 -34.95 21.46
N VAL B 473 -18.45 -33.83 21.46
CA VAL B 473 -17.94 -33.21 22.68
C VAL B 473 -18.48 -31.80 22.65
N PRO B 474 -18.72 -31.14 23.77
CA PRO B 474 -19.21 -29.76 23.73
C PRO B 474 -18.12 -28.83 23.22
N HIS B 475 -18.53 -27.69 22.64
CA HIS B 475 -17.55 -26.70 22.18
C HIS B 475 -17.94 -25.31 22.67
N ASP B 476 -17.15 -24.75 23.61
CA ASP B 476 -17.42 -23.41 24.15
C ASP B 476 -16.96 -22.35 23.14
N GLU B 477 -16.98 -21.07 23.52
CA GLU B 477 -16.75 -20.04 22.50
C GLU B 477 -15.30 -19.82 22.16
N THR B 478 -14.41 -20.76 22.48
CA THR B 478 -13.01 -20.68 22.10
C THR B 478 -12.71 -21.50 20.85
N TYR B 479 -13.70 -22.23 20.34
CA TYR B 479 -13.65 -22.86 19.03
C TYR B 479 -14.20 -21.92 17.96
N CYS B 480 -13.80 -22.18 16.72
CA CYS B 480 -14.41 -21.58 15.53
C CYS B 480 -14.61 -22.67 14.49
N ASP B 481 -15.41 -23.68 14.83
CA ASP B 481 -15.50 -24.88 14.00
C ASP B 481 -15.75 -24.64 12.51
N PRO B 482 -16.62 -23.71 12.10
CA PRO B 482 -16.80 -23.51 10.64
C PRO B 482 -15.54 -23.01 9.94
N ALA B 483 -14.71 -22.20 10.58
CA ALA B 483 -13.44 -21.83 9.98
C ALA B 483 -12.59 -23.05 9.62
N ALA B 484 -12.83 -24.18 10.27
CA ALA B 484 -12.11 -25.43 10.00
C ALA B 484 -12.48 -26.07 8.67
N LEU B 485 -13.42 -25.50 7.91
CA LEU B 485 -13.71 -25.94 6.55
C LEU B 485 -13.09 -24.98 5.54
N TYR B 486 -12.70 -25.50 4.37
CA TYR B 486 -11.86 -24.75 3.43
C TYR B 486 -12.51 -23.44 3.00
N HIS B 487 -13.76 -23.52 2.55
CA HIS B 487 -14.37 -22.34 1.97
C HIS B 487 -14.53 -21.21 2.99
N VAL B 488 -14.68 -21.54 4.28
CA VAL B 488 -14.91 -20.47 5.26
C VAL B 488 -13.60 -19.75 5.53
N SER B 489 -12.51 -20.48 5.69
CA SER B 489 -11.26 -19.81 5.99
C SER B 489 -10.59 -19.31 4.74
N ASN B 490 -11.06 -19.74 3.58
CA ASN B 490 -10.54 -19.26 2.31
C ASN B 490 -11.52 -18.32 1.58
N ASP B 491 -12.51 -17.79 2.30
CA ASP B 491 -13.29 -16.61 1.89
C ASP B 491 -14.06 -16.85 0.58
N PHE B 492 -14.80 -17.95 0.54
CA PHE B 492 -15.64 -18.29 -0.62
C PHE B 492 -17.08 -18.39 -0.19
N SER B 493 -17.96 -17.83 -1.02
CA SER B 493 -19.38 -18.04 -0.90
C SER B 493 -19.70 -19.53 -0.93
N PHE B 494 -20.67 -19.96 -0.11
CA PHE B 494 -21.00 -21.38 -0.05
C PHE B 494 -22.37 -21.71 -0.61
N ILE B 495 -23.30 -20.74 -0.62
CA ILE B 495 -24.64 -21.00 -1.13
C ILE B 495 -24.60 -21.49 -2.58
N ARG B 496 -23.46 -21.34 -3.26
CA ARG B 496 -23.31 -21.82 -4.63
C ARG B 496 -23.58 -23.31 -4.70
N TYR B 497 -22.97 -24.06 -3.78
CA TYR B 497 -23.20 -25.49 -3.72
C TYR B 497 -24.66 -25.85 -3.46
N TYR B 498 -25.44 -24.92 -2.93
CA TYR B 498 -26.87 -25.16 -2.82
C TYR B 498 -27.57 -24.83 -4.14
N THR B 499 -27.42 -23.59 -4.60
CA THR B 499 -28.12 -23.16 -5.83
C THR B 499 -27.84 -24.17 -6.94
N ARG B 500 -26.58 -24.44 -7.21
CA ARG B 500 -26.19 -25.40 -8.26
C ARG B 500 -26.96 -26.70 -8.14
N THR B 501 -27.09 -27.25 -6.93
CA THR B 501 -27.71 -28.59 -6.75
C THR B 501 -29.11 -28.61 -7.37
N ILE B 502 -29.86 -27.52 -7.28
CA ILE B 502 -31.13 -27.59 -7.99
C ILE B 502 -30.90 -27.46 -9.49
N TYR B 503 -30.06 -26.52 -9.92
CA TYR B 503 -29.89 -26.28 -11.37
C TYR B 503 -29.47 -27.55 -12.11
N GLN B 504 -28.58 -28.36 -11.55
CA GLN B 504 -28.07 -29.55 -12.26
C GLN B 504 -29.23 -30.33 -12.83
N PHE B 505 -30.33 -30.42 -12.10
CA PHE B 505 -31.44 -31.29 -12.55
C PHE B 505 -32.35 -30.49 -13.47
N GLN B 506 -32.40 -29.17 -13.30
CA GLN B 506 -33.13 -28.35 -14.27
C GLN B 506 -32.47 -28.45 -15.63
N PHE B 507 -31.14 -28.38 -15.65
CA PHE B 507 -30.39 -28.43 -16.92
C PHE B 507 -30.50 -29.84 -17.52
N GLN B 508 -30.01 -30.84 -16.80
CA GLN B 508 -30.06 -32.25 -17.29
C GLN B 508 -31.43 -32.57 -17.88
N GLU B 509 -32.51 -32.08 -17.26
CA GLU B 509 -33.88 -32.39 -17.76
C GLU B 509 -34.00 -31.89 -19.20
N ALA B 510 -33.77 -30.59 -19.40
CA ALA B 510 -33.86 -30.01 -20.76
C ALA B 510 -32.69 -30.52 -21.61
N LEU B 511 -31.54 -30.75 -20.99
CA LEU B 511 -30.35 -31.26 -21.73
C LEU B 511 -30.60 -32.71 -22.16
N CYS B 512 -31.37 -33.45 -21.36
CA CYS B 512 -31.67 -34.84 -21.74
C CYS B 512 -32.76 -34.87 -22.79
N GLN B 513 -33.77 -34.02 -22.61
CA GLN B 513 -34.75 -33.79 -23.65
C GLN B 513 -34.08 -33.29 -24.93
N ALA B 514 -33.00 -32.51 -24.82
CA ALA B 514 -32.33 -32.07 -26.05
C ALA B 514 -31.88 -33.26 -26.88
N ALA B 515 -31.62 -34.38 -26.20
CA ALA B 515 -31.24 -35.63 -26.89
C ALA B 515 -32.47 -36.52 -27.04
N LYS B 516 -33.61 -36.09 -26.50
CA LYS B 516 -34.89 -36.84 -26.60
C LYS B 516 -34.76 -38.20 -25.90
N HIS B 517 -34.08 -38.25 -24.74
CA HIS B 517 -34.02 -39.52 -23.96
C HIS B 517 -35.42 -39.80 -23.41
N GLU B 518 -35.86 -41.06 -23.42
CA GLU B 518 -37.18 -41.33 -22.85
C GLU B 518 -37.06 -42.30 -21.68
N GLY B 519 -37.86 -42.03 -20.66
CA GLY B 519 -37.85 -42.81 -19.44
C GLY B 519 -37.40 -41.97 -18.28
N PRO B 520 -36.96 -42.64 -17.22
CA PRO B 520 -36.45 -41.94 -16.04
C PRO B 520 -35.28 -41.02 -16.37
N LEU B 521 -35.24 -39.88 -15.68
CA LEU B 521 -34.18 -38.91 -15.87
C LEU B 521 -32.83 -39.44 -15.40
N HIS B 522 -32.85 -40.31 -14.38
CA HIS B 522 -31.65 -40.87 -13.78
C HIS B 522 -31.03 -42.01 -14.58
N LYS B 523 -31.58 -42.37 -15.72
CA LYS B 523 -30.90 -43.25 -16.67
C LYS B 523 -30.46 -42.52 -17.91
N CYS B 524 -30.61 -41.20 -17.95
CA CYS B 524 -30.16 -40.44 -19.08
C CYS B 524 -28.65 -40.32 -19.02
N ASP B 525 -28.01 -40.48 -20.17
CA ASP B 525 -26.59 -40.28 -20.37
C ASP B 525 -26.45 -39.36 -21.58
N ILE B 526 -25.72 -38.24 -21.48
CA ILE B 526 -25.66 -37.31 -22.62
C ILE B 526 -24.50 -37.57 -23.57
N SER B 527 -23.69 -38.63 -23.37
CA SER B 527 -22.50 -38.80 -24.20
C SER B 527 -22.88 -38.97 -25.66
N ASN B 528 -21.95 -38.57 -26.55
CA ASN B 528 -22.12 -38.79 -27.98
C ASN B 528 -23.31 -37.97 -28.50
N SER B 529 -23.99 -37.24 -27.61
CA SER B 529 -25.16 -36.43 -27.94
C SER B 529 -24.78 -34.97 -28.17
N THR B 530 -24.11 -34.71 -29.29
CA THR B 530 -23.61 -33.36 -29.57
C THR B 530 -24.72 -32.30 -29.55
N GLU B 531 -25.98 -32.71 -29.68
CA GLU B 531 -27.10 -31.77 -29.68
C GLU B 531 -27.25 -31.13 -28.31
N ALA B 532 -27.04 -31.92 -27.25
CA ALA B 532 -27.08 -31.36 -25.90
C ALA B 532 -25.86 -30.50 -25.64
N GLY B 533 -24.68 -30.98 -26.05
CA GLY B 533 -23.47 -30.18 -25.91
C GLY B 533 -23.59 -28.80 -26.52
N GLN B 534 -24.10 -28.73 -27.74
CA GLN B 534 -24.39 -27.43 -28.35
C GLN B 534 -25.41 -26.67 -27.51
N LYS B 535 -26.55 -27.29 -27.20
CA LYS B 535 -27.62 -26.66 -26.44
C LYS B 535 -27.06 -25.95 -25.20
N LEU B 536 -25.98 -26.49 -24.66
CA LEU B 536 -25.39 -25.99 -23.41
C LEU B 536 -24.27 -24.99 -23.67
N LEU B 537 -23.44 -25.28 -24.66
CA LEU B 537 -22.41 -24.34 -25.08
C LEU B 537 -23.00 -23.00 -25.44
N ASN B 538 -24.27 -22.98 -25.90
CA ASN B 538 -24.90 -21.73 -26.32
C ASN B 538 -25.27 -20.83 -25.16
N MET B 539 -25.44 -21.38 -23.96
CA MET B 539 -25.60 -20.55 -22.78
C MET B 539 -24.26 -20.34 -22.04
N LEU B 540 -23.31 -21.28 -22.17
CA LEU B 540 -21.99 -21.06 -21.60
C LEU B 540 -21.30 -19.88 -22.25
N ARG B 541 -21.33 -19.83 -23.57
CA ARG B 541 -20.71 -18.73 -24.33
C ARG B 541 -21.24 -17.36 -23.91
N LEU B 542 -22.41 -17.30 -23.26
CA LEU B 542 -22.99 -16.01 -22.88
C LEU B 542 -22.18 -15.34 -21.81
N GLY B 543 -21.46 -16.12 -21.00
CA GLY B 543 -20.84 -15.58 -19.79
C GLY B 543 -21.86 -14.87 -18.91
N LYS B 544 -21.48 -13.68 -18.44
CA LYS B 544 -22.34 -12.82 -17.64
C LYS B 544 -22.90 -11.67 -18.48
N SER B 545 -23.01 -11.87 -19.79
CA SER B 545 -23.46 -10.79 -20.66
C SER B 545 -24.97 -10.58 -20.57
N LYS B 546 -25.77 -11.65 -20.39
CA LYS B 546 -27.22 -11.61 -20.17
C LYS B 546 -27.53 -11.98 -18.71
N PRO B 547 -28.64 -11.49 -18.14
CA PRO B 547 -28.92 -11.81 -16.73
C PRO B 547 -29.29 -13.26 -16.58
N TRP B 548 -28.97 -13.83 -15.40
CA TRP B 548 -29.06 -15.28 -15.29
C TRP B 548 -30.47 -15.80 -15.46
N THR B 549 -31.49 -14.98 -15.18
CA THR B 549 -32.86 -15.37 -15.48
C THR B 549 -33.06 -15.70 -16.97
N LEU B 550 -32.39 -14.99 -17.87
CA LEU B 550 -32.48 -15.36 -19.31
C LEU B 550 -31.59 -16.59 -19.54
N ALA B 551 -30.37 -16.58 -19.00
CA ALA B 551 -29.48 -17.76 -19.12
C ALA B 551 -30.26 -19.04 -18.84
N LEU B 552 -31.20 -18.99 -17.88
CA LEU B 552 -32.00 -20.18 -17.49
C LEU B 552 -33.24 -20.30 -18.37
N GLU B 553 -33.97 -19.21 -18.65
CA GLU B 553 -35.14 -19.42 -19.50
C GLU B 553 -34.74 -20.13 -20.79
N ASN B 554 -33.58 -19.76 -21.31
CA ASN B 554 -33.08 -20.17 -22.62
C ASN B 554 -32.59 -21.60 -22.67
N VAL B 555 -32.61 -22.30 -21.56
CA VAL B 555 -32.15 -23.67 -21.62
C VAL B 555 -33.25 -24.51 -21.00
N VAL B 556 -33.69 -24.15 -19.80
CA VAL B 556 -34.58 -25.04 -19.06
C VAL B 556 -36.05 -24.61 -19.17
N GLY B 557 -36.30 -23.31 -19.28
CA GLY B 557 -37.66 -22.79 -19.41
C GLY B 557 -38.24 -22.14 -18.17
N ALA B 558 -37.48 -22.04 -17.08
CA ALA B 558 -37.88 -21.25 -15.92
C ALA B 558 -36.98 -20.03 -15.75
N ARG B 559 -37.41 -19.13 -14.89
CA ARG B 559 -36.58 -18.02 -14.44
C ARG B 559 -36.15 -18.14 -12.99
N ASN B 560 -36.12 -19.34 -12.43
CA ASN B 560 -35.84 -19.47 -11.00
C ASN B 560 -35.65 -20.95 -10.69
N MET B 561 -35.08 -21.24 -9.51
CA MET B 561 -34.90 -22.63 -9.09
C MET B 561 -36.23 -23.35 -9.06
N ASP B 562 -36.26 -24.56 -9.64
CA ASP B 562 -37.43 -25.43 -9.51
C ASP B 562 -36.95 -26.77 -8.97
N VAL B 563 -37.49 -27.18 -7.82
CA VAL B 563 -37.08 -28.45 -7.24
C VAL B 563 -37.56 -29.65 -8.07
N ARG B 564 -38.61 -29.45 -8.88
CA ARG B 564 -39.37 -30.55 -9.48
C ARG B 564 -38.52 -31.61 -10.17
N PRO B 565 -37.53 -31.29 -11.00
CA PRO B 565 -36.75 -32.36 -11.61
C PRO B 565 -35.76 -33.02 -10.66
N LEU B 566 -35.35 -32.36 -9.59
CA LEU B 566 -34.51 -33.02 -8.58
C LEU B 566 -35.33 -34.03 -7.81
N LEU B 567 -36.53 -33.64 -7.38
CA LEU B 567 -37.44 -34.59 -6.76
C LEU B 567 -37.71 -35.74 -7.72
N ASN B 568 -38.06 -35.42 -8.96
CA ASN B 568 -38.36 -36.44 -9.95
C ASN B 568 -37.18 -37.40 -10.19
N TYR B 569 -35.93 -36.94 -10.06
CA TYR B 569 -34.78 -37.82 -10.26
C TYR B 569 -34.73 -38.92 -9.19
N PHE B 570 -34.74 -38.53 -7.92
CA PHE B 570 -34.57 -39.49 -6.82
C PHE B 570 -35.85 -40.16 -6.38
N GLU B 571 -36.90 -40.09 -7.17
CA GLU B 571 -38.23 -40.49 -6.76
C GLU B 571 -38.30 -42.00 -6.48
N PRO B 572 -37.70 -42.85 -7.34
CA PRO B 572 -37.58 -44.27 -6.97
C PRO B 572 -36.92 -44.51 -5.61
N LEU B 573 -35.82 -43.82 -5.31
CA LEU B 573 -35.26 -43.93 -3.98
C LEU B 573 -36.21 -43.38 -2.92
N PHE B 574 -36.91 -42.28 -3.22
CA PHE B 574 -37.83 -41.72 -2.22
C PHE B 574 -38.83 -42.77 -1.77
N GLY B 575 -39.47 -43.45 -2.73
CA GLY B 575 -40.45 -44.47 -2.39
C GLY B 575 -39.87 -45.68 -1.70
N TRP B 576 -38.74 -46.19 -2.20
CA TRP B 576 -38.04 -47.28 -1.52
C TRP B 576 -37.71 -46.93 -0.06
N LEU B 577 -37.22 -45.71 0.20
CA LEU B 577 -36.83 -45.33 1.55
C LEU B 577 -38.04 -45.12 2.44
N LYS B 578 -39.12 -44.56 1.90
CA LYS B 578 -40.36 -44.48 2.68
C LYS B 578 -40.82 -45.88 3.09
N ASP B 579 -40.59 -46.89 2.23
CA ASP B 579 -40.80 -48.29 2.63
C ASP B 579 -39.91 -48.66 3.82
N GLN B 580 -38.60 -48.67 3.61
CA GLN B 580 -37.68 -49.14 4.65
C GLN B 580 -37.97 -48.54 6.01
N ASN B 581 -38.46 -47.31 6.04
CA ASN B 581 -38.66 -46.59 7.29
C ASN B 581 -40.12 -46.54 7.73
N ARG B 582 -40.95 -47.48 7.24
CA ARG B 582 -42.35 -47.49 7.64
C ARG B 582 -42.49 -47.36 9.16
N ASN B 583 -41.66 -48.08 9.91
CA ASN B 583 -41.67 -48.05 11.36
C ASN B 583 -40.32 -47.60 11.92
N SER B 584 -39.56 -46.84 11.13
CA SER B 584 -38.34 -46.21 11.60
C SER B 584 -38.67 -44.74 11.87
N PHE B 585 -38.59 -44.34 13.14
CA PHE B 585 -38.89 -42.95 13.50
C PHE B 585 -38.13 -41.99 12.61
N VAL B 586 -38.85 -41.27 11.77
CA VAL B 586 -38.23 -40.35 10.81
C VAL B 586 -38.21 -38.97 11.47
N GLY B 587 -37.03 -38.40 11.60
CA GLY B 587 -36.86 -37.14 12.28
C GLY B 587 -35.80 -37.27 13.34
N TRP B 588 -35.64 -36.21 14.12
CA TRP B 588 -34.61 -36.24 15.14
C TRP B 588 -35.00 -35.40 16.34
N ASN B 589 -34.70 -35.94 17.52
CA ASN B 589 -34.46 -35.24 18.77
C ASN B 589 -33.32 -34.22 18.63
N THR B 590 -33.32 -33.22 19.52
CA THR B 590 -32.26 -32.21 19.57
C THR B 590 -31.74 -32.06 21.01
N ASP B 591 -31.23 -33.15 21.58
CA ASP B 591 -30.67 -33.11 22.94
C ASP B 591 -29.15 -33.16 22.93
N PRO C 1 -2.56 60.88 -31.51
CA PRO C 1 -2.64 59.56 -30.83
C PRO C 1 -3.24 59.69 -29.43
N THR C 2 -4.56 59.51 -29.34
CA THR C 2 -5.33 59.89 -28.15
C THR C 2 -5.85 58.71 -27.36
N ASN C 3 -6.03 57.56 -27.99
CA ASN C 3 -6.42 56.35 -27.27
C ASN C 3 -5.31 55.88 -26.31
N LEU C 4 -5.73 55.31 -25.19
CA LEU C 4 -4.84 55.09 -24.05
C LEU C 4 -4.40 53.63 -23.98
N CYS C 5 -3.09 53.41 -23.85
CA CYS C 5 -2.49 52.09 -24.06
C CYS C 5 -3.08 51.06 -23.10
N PRO C 6 -3.40 49.85 -23.59
CA PRO C 6 -4.08 48.81 -22.79
C PRO C 6 -3.16 48.06 -21.84
N PHE C 7 -2.33 48.80 -21.10
CA PHE C 7 -1.41 48.16 -20.16
C PHE C 7 -2.18 47.42 -19.09
N HIS C 8 -3.39 47.89 -18.78
CA HIS C 8 -4.13 47.27 -17.68
C HIS C 8 -4.39 45.82 -17.93
N GLU C 9 -4.61 45.44 -19.18
CA GLU C 9 -5.22 44.16 -19.47
C GLU C 9 -4.23 43.05 -19.70
N VAL C 10 -2.95 43.38 -19.89
CA VAL C 10 -1.88 42.40 -19.68
C VAL C 10 -1.90 41.94 -18.23
N PHE C 11 -1.87 42.89 -17.29
CA PHE C 11 -1.88 42.60 -15.86
C PHE C 11 -3.20 41.98 -15.40
N ASN C 12 -4.32 42.65 -15.68
CA ASN C 12 -5.68 42.18 -15.47
C ASN C 12 -5.94 41.04 -16.43
N ALA C 13 -5.81 39.81 -15.94
CA ALA C 13 -5.96 38.65 -16.79
C ALA C 13 -6.12 37.47 -15.88
N THR C 14 -7.14 36.65 -16.13
CA THR C 14 -7.50 35.62 -15.17
C THR C 14 -6.37 34.64 -14.95
N ARG C 15 -5.70 34.22 -16.04
CA ARG C 15 -4.65 33.23 -15.93
C ARG C 15 -3.46 33.65 -16.77
N PHE C 16 -2.29 33.45 -16.21
CA PHE C 16 -1.02 33.80 -16.83
C PHE C 16 -0.41 32.61 -17.57
N ALA C 17 0.57 32.94 -18.39
CA ALA C 17 1.30 31.94 -19.14
C ALA C 17 2.28 31.23 -18.22
N SER C 18 2.58 29.98 -18.55
CA SER C 18 3.60 29.26 -17.77
C SER C 18 4.95 29.74 -18.25
N VAL C 19 5.81 30.11 -17.33
CA VAL C 19 7.10 30.73 -17.66
C VAL C 19 7.71 30.10 -18.91
N TYR C 20 7.72 28.78 -19.02
CA TYR C 20 8.38 28.12 -20.17
C TYR C 20 7.75 28.67 -21.44
N ALA C 21 6.43 28.73 -21.47
CA ALA C 21 5.69 29.25 -22.62
C ALA C 21 5.11 30.62 -22.28
N TRP C 22 6.03 31.57 -22.10
CA TRP C 22 5.67 32.92 -21.70
C TRP C 22 5.00 33.69 -22.84
N ASN C 23 4.04 34.53 -22.49
CA ASN C 23 3.34 35.33 -23.46
C ASN C 23 4.10 36.61 -23.81
N ARG C 24 3.54 37.31 -24.82
CA ARG C 24 4.00 38.59 -25.32
C ARG C 24 2.82 39.31 -25.94
N THR C 25 2.63 40.55 -25.57
CA THR C 25 1.64 41.37 -26.23
C THR C 25 2.36 42.66 -26.65
N ARG C 26 2.04 43.14 -27.86
CA ARG C 26 2.75 44.23 -28.48
C ARG C 26 1.90 45.49 -28.33
N ILE C 27 2.32 46.39 -27.44
CA ILE C 27 1.72 47.70 -27.32
C ILE C 27 2.27 48.56 -28.46
N SER C 28 1.38 49.09 -29.31
CA SER C 28 1.83 49.66 -30.58
C SER C 28 1.54 51.14 -30.73
N ASN C 29 0.29 51.58 -30.52
CA ASN C 29 -0.06 52.85 -31.18
C ASN C 29 -1.03 53.65 -30.28
N CYS C 30 -0.49 54.26 -29.22
CA CYS C 30 -1.35 54.78 -28.17
C CYS C 30 -0.54 55.62 -27.21
N VAL C 31 -1.25 56.28 -26.30
CA VAL C 31 -0.64 57.01 -25.21
C VAL C 31 -0.51 56.07 -24.02
N ALA C 32 0.61 56.18 -23.31
CA ALA C 32 1.09 55.15 -22.41
C ALA C 32 1.03 55.65 -20.97
N ASP C 33 -0.04 55.31 -20.26
CA ASP C 33 -0.12 55.54 -18.82
C ASP C 33 0.31 54.30 -18.06
N TYR C 34 1.46 54.42 -17.41
CA TYR C 34 1.90 53.38 -16.51
C TYR C 34 1.12 53.40 -15.20
N SER C 35 0.16 54.31 -15.09
CA SER C 35 -0.62 54.49 -13.84
C SER C 35 -1.38 53.21 -13.48
N VAL C 36 -2.19 52.69 -14.41
CA VAL C 36 -3.04 51.49 -14.10
C VAL C 36 -2.21 50.43 -13.37
N LEU C 37 -0.96 50.23 -13.76
CA LEU C 37 -0.11 49.17 -13.16
C LEU C 37 -0.27 49.12 -11.63
N TYR C 38 -0.53 50.26 -10.99
CA TYR C 38 -0.62 50.29 -9.51
C TYR C 38 -2.00 49.84 -9.05
N ASN C 39 -2.84 49.34 -9.95
CA ASN C 39 -4.14 48.74 -9.57
C ASN C 39 -3.79 47.29 -9.22
N PHE C 40 -2.49 46.99 -9.17
CA PHE C 40 -1.95 45.67 -8.77
C PHE C 40 -0.72 46.05 -7.97
N ALA C 41 -0.71 47.29 -7.45
CA ALA C 41 0.46 47.90 -6.77
C ALA C 41 1.29 47.02 -5.82
N PRO C 42 0.71 46.28 -4.84
CA PRO C 42 1.55 45.56 -3.88
C PRO C 42 2.64 44.84 -4.67
N PHE C 43 3.80 45.45 -4.88
CA PHE C 43 4.82 44.87 -5.80
C PHE C 43 6.06 44.34 -5.08
N PHE C 44 6.44 43.11 -5.41
CA PHE C 44 7.58 42.48 -4.76
C PHE C 44 8.87 42.82 -5.49
N ALA C 45 8.80 43.13 -6.79
CA ALA C 45 9.96 43.68 -7.48
C ALA C 45 9.47 44.68 -8.52
N PHE C 46 10.12 45.86 -8.58
CA PHE C 46 9.81 46.90 -9.58
C PHE C 46 11.14 47.51 -10.00
N LYS C 47 11.82 46.83 -10.91
CA LYS C 47 13.20 47.16 -11.24
C LYS C 47 13.25 47.59 -12.70
N CYS C 48 13.65 48.83 -12.94
CA CYS C 48 13.83 49.28 -14.32
C CYS C 48 15.30 49.31 -14.68
N TYR C 49 15.53 49.09 -15.97
CA TYR C 49 16.89 49.08 -16.50
C TYR C 49 16.84 49.95 -17.75
N GLY C 50 17.63 51.02 -17.83
CA GLY C 50 17.54 51.97 -18.96
C GLY C 50 16.66 53.19 -18.67
N VAL C 51 15.48 53.01 -18.05
CA VAL C 51 14.56 54.14 -17.74
C VAL C 51 14.24 54.02 -16.25
N SER C 52 13.34 54.89 -15.73
CA SER C 52 13.06 54.93 -14.26
C SER C 52 11.55 54.82 -13.91
N PRO C 53 11.10 53.91 -12.98
CA PRO C 53 9.69 53.82 -12.61
C PRO C 53 9.14 55.24 -12.41
N THR C 54 10.00 56.17 -12.00
CA THR C 54 9.56 57.56 -11.72
C THR C 54 9.63 58.42 -12.98
N LYS C 55 9.86 57.81 -14.16
CA LYS C 55 9.92 58.59 -15.38
C LYS C 55 9.10 57.97 -16.49
N LEU C 56 8.42 56.88 -16.16
CA LEU C 56 7.42 56.36 -17.11
C LEU C 56 6.37 57.47 -17.16
N ASN C 57 5.47 57.44 -18.14
CA ASN C 57 4.49 58.55 -18.29
C ASN C 57 5.26 59.72 -18.92
N ASP C 58 6.44 59.44 -19.48
CA ASP C 58 7.25 60.47 -20.17
C ASP C 58 8.05 59.74 -21.25
N LEU C 59 7.92 58.42 -21.30
CA LEU C 59 8.66 57.61 -22.26
C LEU C 59 8.01 57.65 -23.63
N CYS C 60 8.72 58.22 -24.60
CA CYS C 60 8.38 58.11 -26.01
C CYS C 60 9.18 57.00 -26.68
N PHE C 61 8.51 55.93 -27.08
CA PHE C 61 9.17 54.82 -27.73
C PHE C 61 8.41 54.42 -28.99
N THR C 62 9.13 53.85 -29.95
CA THR C 62 8.45 53.24 -31.07
C THR C 62 7.49 52.17 -30.57
N ASN C 63 7.99 51.14 -29.88
CA ASN C 63 7.12 50.04 -29.48
C ASN C 63 7.33 49.68 -28.01
N VAL C 64 6.32 49.05 -27.42
CA VAL C 64 6.46 48.45 -26.09
C VAL C 64 6.03 47.00 -26.17
N TYR C 65 6.79 46.11 -25.51
CA TYR C 65 6.44 44.70 -25.45
C TYR C 65 6.21 44.31 -23.99
N ALA C 66 5.13 43.56 -23.74
CA ALA C 66 4.72 43.17 -22.40
C ALA C 66 4.71 41.64 -22.30
N ASP C 67 5.76 41.06 -21.71
CA ASP C 67 5.83 39.61 -21.54
C ASP C 67 5.39 39.24 -20.14
N SER C 68 4.51 38.22 -20.02
CA SER C 68 3.88 37.88 -18.76
C SER C 68 4.02 36.38 -18.49
N PHE C 69 4.19 36.02 -17.21
CA PHE C 69 4.21 34.61 -16.79
C PHE C 69 4.11 34.54 -15.26
N VAL C 70 4.10 33.30 -14.74
CA VAL C 70 4.05 33.02 -13.31
C VAL C 70 5.30 32.24 -12.90
N ILE C 71 5.87 32.61 -11.75
CA ILE C 71 7.20 32.15 -11.33
C ILE C 71 7.17 31.88 -9.80
N LYS C 72 8.20 31.20 -9.27
CA LYS C 72 8.34 31.18 -7.79
C LYS C 72 8.89 32.50 -7.25
N GLY C 73 8.57 32.77 -5.99
CA GLY C 73 9.13 33.92 -5.31
C GLY C 73 10.62 33.93 -5.47
N ASN C 74 11.28 32.85 -5.03
CA ASN C 74 12.73 32.69 -5.20
C ASN C 74 13.22 33.16 -6.55
N GLU C 75 12.53 32.73 -7.61
CA GLU C 75 13.04 32.84 -8.95
C GLU C 75 12.90 34.23 -9.57
N VAL C 76 12.19 35.17 -8.92
CA VAL C 76 12.08 36.54 -9.48
C VAL C 76 13.44 37.20 -9.63
N SER C 77 14.40 36.87 -8.74
CA SER C 77 15.75 37.43 -8.88
C SER C 77 16.38 37.06 -10.21
N GLN C 78 15.83 36.08 -10.90
CA GLN C 78 16.42 35.61 -12.14
C GLN C 78 15.96 36.40 -13.36
N ILE C 79 14.83 37.08 -13.29
CA ILE C 79 14.40 37.93 -14.40
C ILE C 79 15.15 39.25 -14.29
N ALA C 80 16.43 39.21 -14.63
CA ALA C 80 17.32 40.36 -14.65
C ALA C 80 18.36 40.12 -15.73
N PRO C 81 18.97 41.17 -16.24
CA PRO C 81 20.09 40.97 -17.16
C PRO C 81 21.23 40.20 -16.49
N GLY C 82 21.78 39.24 -17.24
CA GLY C 82 23.01 38.60 -16.82
C GLY C 82 22.87 37.58 -15.71
N GLN C 83 21.67 37.10 -15.47
CA GLN C 83 21.37 36.24 -14.35
C GLN C 83 21.41 34.78 -14.81
N THR C 84 21.60 33.88 -13.82
CA THR C 84 21.80 32.46 -14.09
C THR C 84 20.98 31.61 -13.13
N GLY C 85 20.41 30.54 -13.68
CA GLY C 85 19.45 29.70 -12.99
C GLY C 85 18.52 29.04 -13.98
N ASN C 86 17.71 28.08 -13.47
CA ASN C 86 16.81 27.37 -14.38
C ASN C 86 15.92 28.32 -15.18
N ILE C 87 15.33 29.33 -14.53
CA ILE C 87 14.35 30.15 -15.24
C ILE C 87 14.99 30.99 -16.34
N ALA C 88 16.17 31.55 -16.10
CA ALA C 88 16.87 32.26 -17.17
C ALA C 88 17.61 31.32 -18.11
N ASP C 89 17.92 30.10 -17.68
CA ASP C 89 18.72 29.27 -18.56
C ASP C 89 17.87 28.52 -19.57
N TYR C 90 16.62 28.19 -19.23
CA TYR C 90 15.80 27.28 -20.03
C TYR C 90 14.41 27.83 -20.32
N ASN C 91 14.01 28.95 -19.69
CA ASN C 91 12.66 29.47 -19.81
C ASN C 91 12.59 30.88 -20.39
N TYR C 92 13.29 31.86 -19.79
CA TYR C 92 13.13 33.27 -20.11
C TYR C 92 14.42 33.99 -19.77
N LYS C 93 15.23 34.31 -20.78
CA LYS C 93 16.51 35.01 -20.64
C LYS C 93 16.34 36.40 -21.24
N LEU C 94 16.95 37.44 -20.60
CA LEU C 94 16.90 38.82 -21.11
C LEU C 94 18.25 39.28 -21.64
N PRO C 95 18.27 40.20 -22.59
CA PRO C 95 19.53 40.73 -23.10
C PRO C 95 20.32 41.45 -22.02
N ASP C 96 21.64 41.50 -22.19
CA ASP C 96 22.43 42.33 -21.28
C ASP C 96 22.12 43.81 -21.49
N ASP C 97 21.82 44.21 -22.72
CA ASP C 97 21.52 45.59 -23.09
C ASP C 97 20.08 45.96 -22.81
N PHE C 98 19.37 45.13 -22.05
CA PHE C 98 17.96 45.31 -21.73
C PHE C 98 17.66 46.74 -21.33
N THR C 99 16.79 47.42 -22.08
CA THR C 99 16.06 48.58 -21.58
C THR C 99 14.60 48.19 -21.38
N GLY C 100 14.10 48.35 -20.16
CA GLY C 100 12.77 47.88 -19.82
C GLY C 100 12.58 47.90 -18.31
N CYS C 101 11.62 47.09 -17.85
CA CYS C 101 11.24 47.07 -16.44
C CYS C 101 10.65 45.71 -16.13
N VAL C 102 11.16 45.07 -15.08
CA VAL C 102 10.57 43.85 -14.53
C VAL C 102 9.66 44.22 -13.36
N ILE C 103 8.45 43.68 -13.37
CA ILE C 103 7.39 44.01 -12.42
C ILE C 103 6.85 42.69 -11.88
N ALA C 104 6.77 42.55 -10.57
CA ALA C 104 6.47 41.24 -9.98
C ALA C 104 5.68 41.44 -8.71
N TRP C 105 4.50 40.83 -8.66
CA TRP C 105 3.60 40.94 -7.51
C TRP C 105 3.07 39.57 -7.10
N ASN C 106 2.87 39.39 -5.80
CA ASN C 106 2.41 38.11 -5.26
C ASN C 106 0.98 37.81 -5.71
N SER C 107 0.71 36.53 -5.95
CA SER C 107 -0.53 36.06 -6.57
C SER C 107 -1.06 34.78 -5.91
N ASN C 108 -0.91 34.66 -4.58
CA ASN C 108 -1.33 33.46 -3.88
C ASN C 108 -2.83 33.27 -3.95
N LYS C 109 -3.61 34.28 -3.57
CA LYS C 109 -5.05 34.02 -3.44
C LYS C 109 -5.73 33.64 -4.73
N LEU C 110 -5.00 33.62 -5.83
CA LEU C 110 -5.46 33.37 -7.19
C LEU C 110 -4.87 32.10 -7.78
N ASP C 111 -3.55 31.97 -7.72
CA ASP C 111 -2.83 30.91 -8.40
C ASP C 111 -2.46 29.72 -7.52
N SER C 112 -2.85 29.70 -6.25
CA SER C 112 -2.49 28.58 -5.38
C SER C 112 -3.76 27.94 -4.87
N LYS C 113 -3.86 26.61 -5.02
CA LYS C 113 -5.04 25.89 -4.49
C LYS C 113 -4.57 24.93 -3.39
N HIS C 114 -5.47 24.52 -2.50
CA HIS C 114 -5.08 23.66 -1.36
C HIS C 114 -4.58 22.31 -1.86
N SER C 115 -4.82 21.99 -3.12
CA SER C 115 -4.43 20.69 -3.69
C SER C 115 -3.38 20.84 -4.78
N GLY C 116 -2.64 21.95 -4.78
CA GLY C 116 -1.56 22.08 -5.78
C GLY C 116 -2.07 22.55 -7.13
N ASN C 117 -1.59 23.74 -7.54
CA ASN C 117 -1.89 24.25 -8.88
C ASN C 117 -0.82 23.67 -9.79
N TYR C 118 -1.15 22.57 -10.43
CA TYR C 118 -0.16 21.86 -11.26
C TYR C 118 -0.42 22.26 -12.71
N ASP C 119 -1.09 23.40 -12.91
CA ASP C 119 -1.34 23.94 -14.27
C ASP C 119 -0.29 25.00 -14.51
N TYR C 120 0.73 25.05 -13.64
CA TYR C 120 1.89 25.96 -13.83
C TYR C 120 3.09 25.05 -14.06
N TRP C 121 4.06 25.48 -14.87
CA TRP C 121 5.11 24.59 -15.36
C TRP C 121 6.35 25.44 -15.64
N TYR C 122 7.50 24.79 -15.64
CA TYR C 122 8.74 25.41 -16.08
C TYR C 122 9.66 24.34 -16.67
N ARG C 123 10.59 24.75 -17.50
CA ARG C 123 11.50 23.81 -18.14
C ARG C 123 12.72 23.65 -17.26
N SER C 124 12.89 22.45 -16.69
CA SER C 124 14.04 22.17 -15.83
C SER C 124 15.21 21.50 -16.57
N PHE C 125 15.03 21.02 -17.80
CA PHE C 125 16.13 20.39 -18.53
C PHE C 125 16.20 20.89 -19.97
N ARG C 126 17.43 21.20 -20.42
CA ARG C 126 17.69 21.62 -21.77
C ARG C 126 19.15 21.38 -22.14
N LYS C 127 19.35 20.88 -23.37
CA LYS C 127 20.70 20.61 -23.88
C LYS C 127 21.61 21.82 -23.76
N SER C 128 21.08 23.03 -23.96
CA SER C 128 21.87 24.24 -23.73
C SER C 128 20.96 25.43 -23.47
N LYS C 129 21.60 26.59 -23.26
CA LYS C 129 20.94 27.75 -22.69
C LYS C 129 20.20 28.54 -23.75
N LEU C 130 19.03 29.03 -23.39
CA LEU C 130 18.27 29.87 -24.29
C LEU C 130 19.04 31.17 -24.45
N LYS C 131 18.95 31.77 -25.63
CA LYS C 131 19.50 33.11 -25.84
C LYS C 131 18.44 34.14 -25.50
N PRO C 132 18.80 35.42 -25.41
CA PRO C 132 17.84 36.43 -24.92
C PRO C 132 16.58 36.57 -25.77
N PHE C 133 15.44 36.52 -25.08
CA PHE C 133 14.10 36.51 -25.64
C PHE C 133 13.82 35.24 -26.43
N GLU C 134 14.67 34.24 -26.32
CA GLU C 134 14.32 32.97 -26.92
C GLU C 134 13.16 32.35 -26.15
N ARG C 135 12.45 31.47 -26.84
CA ARG C 135 11.27 30.79 -26.33
C ARG C 135 11.16 29.41 -26.96
N ASP C 136 10.81 28.42 -26.12
CA ASP C 136 10.98 26.98 -26.36
C ASP C 136 9.88 26.23 -25.62
N ILE C 137 8.98 25.63 -26.39
CA ILE C 137 7.87 24.85 -25.82
C ILE C 137 7.86 23.36 -26.19
N SER C 138 9.06 22.79 -26.34
CA SER C 138 9.25 21.36 -26.54
C SER C 138 8.79 20.56 -25.33
N THR C 139 8.26 19.37 -25.61
CA THR C 139 8.02 18.35 -24.61
C THR C 139 8.81 17.06 -24.90
N GLU C 140 9.94 17.17 -25.58
CA GLU C 140 10.74 15.96 -25.82
C GLU C 140 11.44 15.50 -24.55
N ILE C 141 11.47 14.18 -24.35
CA ILE C 141 12.21 13.60 -23.23
C ILE C 141 13.68 14.01 -23.30
N TYR C 142 14.17 14.63 -22.23
CA TYR C 142 15.60 14.93 -22.13
C TYR C 142 16.38 13.63 -22.01
N GLN C 143 17.50 13.53 -22.73
CA GLN C 143 18.40 12.36 -22.67
C GLN C 143 19.69 12.70 -21.91
N ALA C 144 19.78 12.27 -20.66
CA ALA C 144 20.96 12.60 -19.87
C ALA C 144 22.18 11.78 -20.28
N GLY C 145 21.99 10.50 -20.57
CA GLY C 145 23.11 9.62 -20.84
C GLY C 145 23.50 9.57 -22.30
N ASN C 146 24.70 9.01 -22.54
CA ASN C 146 25.10 8.66 -23.90
C ASN C 146 24.08 7.75 -24.54
N LYS C 147 23.39 6.91 -23.73
CA LYS C 147 22.43 5.88 -24.22
C LYS C 147 21.18 6.43 -24.93
N PRO C 148 20.36 5.58 -25.60
CA PRO C 148 19.08 6.00 -26.19
C PRO C 148 17.99 6.31 -25.14
N CYS C 149 16.82 6.78 -25.59
CA CYS C 149 15.81 7.21 -24.58
C CYS C 149 14.45 6.53 -24.70
N LYS C 150 13.58 6.84 -23.75
CA LYS C 150 12.20 6.28 -23.78
C LYS C 150 11.40 7.28 -22.94
N GLY C 151 10.10 7.01 -22.74
CA GLY C 151 9.23 7.99 -22.07
C GLY C 151 9.47 8.11 -20.58
N LYS C 152 10.00 9.26 -20.13
CA LYS C 152 10.17 9.49 -18.68
C LYS C 152 10.84 8.28 -18.02
N GLY C 153 11.65 7.52 -18.77
CA GLY C 153 12.38 6.38 -18.19
C GLY C 153 13.58 6.84 -17.40
N PRO C 154 14.72 6.11 -17.43
CA PRO C 154 15.94 6.52 -16.73
C PRO C 154 16.95 7.24 -17.65
N ASN C 155 17.90 7.98 -17.07
CA ASN C 155 18.81 8.79 -17.88
C ASN C 155 18.03 9.55 -18.95
N CYS C 156 16.72 9.69 -18.71
CA CYS C 156 15.73 10.03 -19.74
C CYS C 156 14.49 10.63 -19.07
N TYR C 157 14.47 11.94 -18.93
CA TYR C 157 13.59 12.61 -17.99
C TYR C 157 12.56 13.42 -18.75
N PHE C 158 11.34 13.52 -18.23
CA PHE C 158 10.41 14.48 -18.81
C PHE C 158 10.93 15.90 -18.59
N PRO C 159 10.88 16.77 -19.61
CA PRO C 159 11.66 18.00 -19.57
C PRO C 159 11.08 19.11 -18.70
N LEU C 160 9.77 19.11 -18.44
CA LEU C 160 9.12 20.20 -17.72
C LEU C 160 8.80 19.81 -16.30
N GLN C 161 8.26 20.76 -15.56
CA GLN C 161 7.91 20.53 -14.17
C GLN C 161 6.83 21.51 -13.75
N SER C 162 6.23 21.19 -12.63
CA SER C 162 5.06 21.89 -12.12
C SER C 162 5.25 22.23 -10.64
N TYR C 163 4.89 23.49 -10.38
CA TYR C 163 5.07 24.01 -9.02
C TYR C 163 3.84 23.61 -8.23
N GLY C 164 4.01 23.00 -7.07
CA GLY C 164 2.80 22.76 -6.28
C GLY C 164 2.48 24.13 -5.75
N PHE C 165 1.30 24.64 -6.04
CA PHE C 165 1.03 25.99 -5.46
C PHE C 165 -0.08 25.78 -4.45
N ARG C 166 0.22 26.04 -3.19
CA ARG C 166 -0.71 25.82 -2.07
C ARG C 166 -0.56 26.95 -1.08
N PRO C 167 -1.63 27.40 -0.42
CA PRO C 167 -1.54 28.64 0.38
C PRO C 167 -0.54 28.60 1.53
N THR C 168 -0.30 27.47 2.18
CA THR C 168 0.61 27.48 3.33
C THR C 168 2.08 27.47 2.94
N TYR C 169 2.44 27.45 1.65
CA TYR C 169 3.86 27.52 1.33
C TYR C 169 4.44 28.84 1.85
N GLY C 170 5.69 28.79 2.28
CA GLY C 170 6.40 30.01 2.59
C GLY C 170 6.54 30.90 1.37
N VAL C 171 6.93 32.16 1.60
CA VAL C 171 6.77 33.14 0.53
C VAL C 171 7.66 32.83 -0.67
N GLY C 172 8.80 32.18 -0.45
CA GLY C 172 9.68 31.93 -1.57
C GLY C 172 9.19 30.88 -2.54
N HIS C 173 8.10 30.19 -2.24
CA HIS C 173 7.56 29.20 -3.17
C HIS C 173 6.15 29.56 -3.59
N GLN C 174 5.61 30.68 -3.13
CA GLN C 174 4.30 31.11 -3.56
C GLN C 174 4.34 31.54 -5.02
N PRO C 175 3.20 31.63 -5.69
CA PRO C 175 3.22 32.06 -7.09
C PRO C 175 3.31 33.57 -7.16
N TYR C 176 4.18 34.05 -8.05
CA TYR C 176 4.30 35.47 -8.31
C TYR C 176 4.02 35.72 -9.77
N ARG C 177 3.29 36.79 -10.07
CA ARG C 177 3.01 37.18 -11.44
C ARG C 177 4.01 38.22 -11.91
N VAL C 178 4.60 37.97 -13.08
CA VAL C 178 5.69 38.77 -13.62
C VAL C 178 5.29 39.38 -14.96
N VAL C 179 5.68 40.63 -15.16
CA VAL C 179 5.47 41.43 -16.36
C VAL C 179 6.77 42.14 -16.69
N VAL C 180 7.40 41.78 -17.80
CA VAL C 180 8.57 42.47 -18.30
C VAL C 180 8.09 43.40 -19.40
N LEU C 181 8.33 44.69 -19.23
CA LEU C 181 8.11 45.71 -20.25
C LEU C 181 9.41 45.99 -20.96
N SER C 182 9.40 45.90 -22.29
CA SER C 182 10.56 46.14 -23.13
C SER C 182 10.28 47.38 -23.97
N PHE C 183 11.16 48.39 -23.89
CA PHE C 183 10.96 49.66 -24.58
C PHE C 183 11.85 49.71 -25.82
N GLU C 184 11.25 49.85 -27.01
CA GLU C 184 11.92 49.65 -28.28
C GLU C 184 12.01 50.99 -29.00
N LEU C 185 13.24 51.55 -29.03
CA LEU C 185 13.65 52.56 -30.00
C LEU C 185 14.13 51.91 -31.30
N LEU C 186 13.25 52.01 -32.28
CA LEU C 186 13.47 51.69 -33.68
C LEU C 186 13.69 52.99 -34.42
N HIS C 187 14.00 52.90 -35.70
CA HIS C 187 14.11 54.13 -36.48
C HIS C 187 12.86 54.26 -37.33
N ALA C 188 11.93 54.99 -36.80
CA ALA C 188 10.54 55.15 -37.19
C ALA C 188 9.88 56.13 -36.20
N PRO C 189 8.66 56.60 -36.48
CA PRO C 189 7.99 57.54 -35.57
C PRO C 189 7.57 56.88 -34.27
N ALA C 190 7.80 57.58 -33.16
CA ALA C 190 7.56 57.04 -31.82
C ALA C 190 6.09 57.17 -31.44
N THR C 191 5.38 56.04 -31.41
CA THR C 191 3.93 56.05 -31.27
C THR C 191 3.43 55.30 -30.03
N VAL C 192 4.31 55.06 -29.06
CA VAL C 192 3.90 54.76 -27.69
C VAL C 192 4.53 55.84 -26.85
N CYS C 193 3.76 56.88 -26.53
CA CYS C 193 4.26 58.08 -25.89
C CYS C 193 3.42 58.41 -24.67
N GLY C 194 4.04 59.05 -23.68
CA GLY C 194 3.44 59.15 -22.36
C GLY C 194 2.63 60.41 -22.13
N PRO C 195 1.89 60.53 -21.00
CA PRO C 195 1.07 61.70 -20.77
C PRO C 195 1.87 62.99 -20.65
N HIS C 196 3.09 62.93 -20.12
CA HIS C 196 3.85 64.18 -19.84
C HIS C 196 5.00 64.39 -20.82
N HIS C 197 5.38 63.38 -21.58
CA HIS C 197 6.43 63.59 -22.59
C HIS C 197 7.53 64.46 -21.97
N PRO D 1 18.96 -13.49 -63.23
CA PRO D 1 18.68 -14.24 -61.99
C PRO D 1 19.63 -15.42 -61.74
N THR D 2 20.86 -15.11 -61.32
CA THR D 2 21.78 -16.13 -60.81
C THR D 2 21.88 -16.11 -59.29
N ASN D 3 21.96 -14.94 -58.68
CA ASN D 3 21.93 -14.84 -57.24
C ASN D 3 20.60 -15.36 -56.69
N LEU D 4 20.66 -15.99 -55.52
CA LEU D 4 19.49 -16.54 -54.84
C LEU D 4 18.83 -15.45 -53.99
N CYS D 5 17.50 -15.49 -53.95
CA CYS D 5 16.76 -14.45 -53.23
C CYS D 5 16.91 -14.60 -51.73
N PRO D 6 17.19 -13.51 -50.99
CA PRO D 6 17.59 -13.62 -49.58
C PRO D 6 16.45 -13.84 -48.59
N PHE D 7 15.38 -14.53 -49.03
CA PHE D 7 14.27 -14.89 -48.14
C PHE D 7 14.73 -15.37 -46.78
N HIS D 8 15.85 -16.07 -46.76
CA HIS D 8 16.29 -16.72 -45.54
C HIS D 8 16.55 -15.69 -44.44
N GLU D 9 17.23 -14.59 -44.77
CA GLU D 9 17.50 -13.58 -43.77
C GLU D 9 16.21 -12.99 -43.21
N VAL D 10 15.17 -12.90 -44.04
CA VAL D 10 13.89 -12.37 -43.59
C VAL D 10 13.25 -13.30 -42.56
N PHE D 11 13.33 -14.61 -42.79
CA PHE D 11 12.51 -15.55 -42.03
C PHE D 11 13.20 -16.03 -40.77
N ASN D 12 14.53 -16.19 -40.80
CA ASN D 12 15.29 -16.55 -39.63
C ASN D 12 16.06 -15.34 -39.10
N ALA D 13 15.34 -14.25 -38.85
CA ALA D 13 15.89 -13.08 -38.15
C ALA D 13 15.70 -13.27 -36.65
N THR D 14 16.80 -13.15 -35.89
CA THR D 14 16.70 -13.07 -34.44
C THR D 14 15.73 -11.99 -34.02
N ARG D 15 15.70 -10.90 -34.78
CA ARG D 15 15.16 -9.62 -34.34
C ARG D 15 13.97 -9.26 -35.23
N PHE D 16 12.77 -9.62 -34.79
CA PHE D 16 11.56 -9.28 -35.53
C PHE D 16 11.00 -7.92 -35.08
N ALA D 17 10.19 -7.32 -35.94
CA ALA D 17 9.70 -5.96 -35.75
C ALA D 17 8.27 -5.96 -35.21
N SER D 18 7.96 -4.90 -34.49
CA SER D 18 6.65 -4.76 -33.90
C SER D 18 5.62 -4.52 -34.99
N VAL D 19 4.39 -4.99 -34.79
CA VAL D 19 3.42 -5.00 -35.88
C VAL D 19 3.03 -3.57 -36.32
N TYR D 20 3.18 -2.58 -35.45
CA TYR D 20 2.90 -1.18 -35.87
C TYR D 20 4.04 -0.70 -36.79
N ALA D 21 5.26 -1.16 -36.53
CA ALA D 21 6.43 -0.78 -37.35
C ALA D 21 6.77 -1.94 -38.28
N TRP D 22 5.75 -2.55 -38.89
CA TRP D 22 5.99 -3.63 -39.86
C TRP D 22 7.19 -3.20 -40.69
N ASN D 23 8.07 -4.15 -41.03
CA ASN D 23 9.32 -3.84 -41.76
C ASN D 23 9.26 -4.37 -43.19
N ARG D 24 9.60 -3.54 -44.17
CA ARG D 24 9.52 -3.96 -45.58
C ARG D 24 10.90 -4.28 -46.14
N THR D 25 11.00 -5.33 -46.93
CA THR D 25 12.27 -5.69 -47.61
C THR D 25 11.87 -5.91 -49.06
N ARG D 26 12.61 -5.35 -49.99
CA ARG D 26 12.30 -5.43 -51.41
C ARG D 26 13.17 -6.50 -52.06
N ILE D 27 12.52 -7.50 -52.66
CA ILE D 27 13.19 -8.57 -53.41
C ILE D 27 13.01 -8.23 -54.87
N SER D 28 14.12 -8.03 -55.57
CA SER D 28 14.03 -7.32 -56.84
C SER D 28 14.79 -8.02 -57.94
N ASN D 29 15.91 -8.65 -57.60
CA ASN D 29 16.81 -9.14 -58.64
C ASN D 29 17.54 -10.39 -58.16
N CYS D 30 16.90 -11.54 -58.31
CA CYS D 30 17.44 -12.80 -57.81
C CYS D 30 16.54 -13.95 -58.26
N VAL D 31 16.88 -15.15 -57.83
CA VAL D 31 16.07 -16.34 -58.08
C VAL D 31 15.60 -16.87 -56.73
N ALA D 32 14.31 -17.12 -56.61
CA ALA D 32 13.68 -17.61 -55.39
C ALA D 32 13.49 -19.12 -55.46
N ASP D 33 13.53 -19.77 -54.31
CA ASP D 33 13.14 -21.17 -54.20
C ASP D 33 12.00 -21.26 -53.20
N TYR D 34 10.82 -20.77 -53.62
CA TYR D 34 9.64 -20.74 -52.75
C TYR D 34 9.38 -22.11 -52.12
N SER D 35 9.81 -23.18 -52.83
CA SER D 35 9.54 -24.57 -52.38
C SER D 35 10.04 -24.71 -50.95
N VAL D 36 11.12 -24.00 -50.63
CA VAL D 36 11.59 -23.99 -49.21
C VAL D 36 10.47 -23.52 -48.28
N LEU D 37 9.50 -22.74 -48.77
CA LEU D 37 8.50 -22.20 -47.79
C LEU D 37 7.33 -23.17 -47.62
N TYR D 38 6.66 -23.50 -48.70
CA TYR D 38 5.42 -24.29 -48.62
C TYR D 38 5.68 -25.77 -48.42
N ASN D 39 6.88 -26.24 -48.74
CA ASN D 39 7.21 -27.67 -48.45
C ASN D 39 7.57 -27.78 -46.97
N PHE D 40 7.81 -26.64 -46.31
CA PHE D 40 8.10 -26.65 -44.86
C PHE D 40 6.79 -26.37 -44.11
N ALA D 41 6.69 -26.77 -42.85
CA ALA D 41 5.47 -26.43 -42.08
C ALA D 41 5.75 -25.97 -40.63
N PRO D 42 6.80 -25.18 -40.30
CA PRO D 42 6.95 -24.66 -38.94
C PRO D 42 5.87 -23.58 -38.89
N PHE D 43 5.29 -23.25 -40.04
CA PHE D 43 4.28 -22.22 -40.15
C PHE D 43 2.90 -22.75 -39.78
N PHE D 44 1.94 -21.82 -39.67
CA PHE D 44 0.58 -22.24 -39.22
C PHE D 44 -0.44 -21.73 -40.24
N ALA D 45 -0.29 -20.48 -40.66
CA ALA D 45 -1.21 -19.91 -41.66
C ALA D 45 -0.46 -19.67 -42.97
N PHE D 46 -0.42 -20.69 -43.85
CA PHE D 46 0.20 -20.50 -45.19
C PHE D 46 -0.94 -20.30 -46.19
N LYS D 47 -1.28 -19.05 -46.50
CA LYS D 47 -2.43 -18.77 -47.37
C LYS D 47 -2.05 -17.84 -48.51
N CYS D 48 -2.50 -18.18 -49.72
CA CYS D 48 -2.17 -17.44 -50.93
C CYS D 48 -3.44 -16.98 -51.63
N TYR D 49 -3.43 -15.72 -52.03
CA TYR D 49 -4.66 -15.14 -52.62
C TYR D 49 -4.39 -14.89 -54.11
N GLY D 50 -4.98 -15.70 -54.99
CA GLY D 50 -4.80 -15.53 -56.44
C GLY D 50 -3.46 -16.05 -56.91
N VAL D 51 -2.70 -16.72 -56.04
CA VAL D 51 -1.38 -17.31 -56.40
C VAL D 51 -1.39 -18.79 -55.98
N SER D 52 -0.29 -19.51 -56.20
CA SER D 52 -0.29 -20.97 -55.90
C SER D 52 1.12 -21.50 -55.68
N PRO D 53 1.45 -22.03 -54.49
CA PRO D 53 2.75 -22.68 -54.27
C PRO D 53 2.86 -23.84 -55.26
N THR D 54 4.08 -24.29 -55.53
CA THR D 54 4.33 -25.37 -56.54
C THR D 54 4.19 -24.78 -57.94
N LYS D 55 3.57 -23.60 -58.06
CA LYS D 55 3.44 -22.93 -59.39
C LYS D 55 4.27 -21.64 -59.39
N LEU D 56 4.35 -20.96 -58.24
CA LEU D 56 5.08 -19.67 -58.13
C LEU D 56 6.55 -19.86 -58.51
N ASN D 57 7.06 -21.07 -58.36
CA ASN D 57 8.48 -21.34 -58.70
C ASN D 57 8.55 -21.49 -60.22
N ASP D 58 7.45 -21.25 -60.92
CA ASP D 58 7.46 -21.30 -62.40
C ASP D 58 6.98 -19.95 -62.92
N LEU D 59 6.98 -18.94 -62.06
CA LEU D 59 6.60 -17.60 -62.45
C LEU D 59 7.73 -16.59 -62.24
N CYS D 60 7.72 -15.56 -63.06
CA CYS D 60 8.61 -14.43 -62.91
C CYS D 60 7.83 -13.21 -62.45
N PHE D 61 8.37 -12.52 -61.46
CA PHE D 61 7.74 -11.36 -60.87
C PHE D 61 8.69 -10.18 -60.93
N THR D 62 8.13 -8.98 -61.09
CA THR D 62 8.99 -7.81 -61.25
C THR D 62 9.53 -7.38 -59.91
N ASN D 63 8.69 -7.41 -58.87
CA ASN D 63 9.18 -7.31 -57.50
C ASN D 63 8.40 -8.22 -56.55
N VAL D 64 9.04 -8.52 -55.42
CA VAL D 64 8.39 -9.10 -54.27
C VAL D 64 8.61 -8.17 -53.09
N TYR D 65 7.57 -7.88 -52.33
CA TYR D 65 7.73 -7.20 -51.06
C TYR D 65 7.46 -8.16 -49.90
N ALA D 66 8.48 -8.32 -49.02
CA ALA D 66 8.35 -9.11 -47.79
C ALA D 66 8.18 -8.16 -46.60
N ASP D 67 7.03 -8.22 -45.95
CA ASP D 67 6.83 -7.50 -44.71
C ASP D 67 6.76 -8.49 -43.54
N SER D 68 7.42 -8.17 -42.42
CA SER D 68 7.48 -9.14 -41.34
C SER D 68 7.31 -8.46 -39.97
N PHE D 69 6.43 -9.01 -39.15
CA PHE D 69 6.09 -8.45 -37.84
C PHE D 69 5.64 -9.60 -36.91
N VAL D 70 5.16 -9.25 -35.71
CA VAL D 70 4.75 -10.23 -34.71
C VAL D 70 3.41 -9.82 -34.11
N ILE D 71 2.55 -10.82 -33.90
CA ILE D 71 1.14 -10.61 -33.54
C ILE D 71 0.70 -11.74 -32.60
N LYS D 72 -0.52 -11.64 -32.05
CA LYS D 72 -1.10 -12.73 -31.28
C LYS D 72 -1.66 -13.81 -32.19
N GLY D 73 -1.87 -15.01 -31.62
CA GLY D 73 -2.61 -16.03 -32.31
C GLY D 73 -3.91 -15.51 -32.91
N ASN D 74 -4.80 -15.00 -32.05
CA ASN D 74 -6.09 -14.45 -32.51
C ASN D 74 -5.96 -13.64 -33.78
N GLU D 75 -4.97 -12.76 -33.82
CA GLU D 75 -4.96 -11.72 -34.82
C GLU D 75 -4.48 -12.21 -36.18
N VAL D 76 -3.96 -13.45 -36.28
CA VAL D 76 -3.44 -13.89 -37.58
C VAL D 76 -4.54 -13.95 -38.64
N SER D 77 -5.79 -14.13 -38.21
CA SER D 77 -6.85 -14.19 -39.20
C SER D 77 -7.15 -12.82 -39.77
N GLN D 78 -6.61 -11.76 -39.15
CA GLN D 78 -6.80 -10.38 -39.62
C GLN D 78 -5.84 -10.01 -40.76
N ILE D 79 -4.73 -10.72 -40.88
CA ILE D 79 -3.77 -10.45 -41.96
C ILE D 79 -4.25 -11.26 -43.16
N ALA D 80 -5.32 -10.73 -43.74
CA ALA D 80 -5.91 -11.36 -44.93
C ALA D 80 -6.77 -10.29 -45.59
N PRO D 81 -6.93 -10.30 -46.92
CA PRO D 81 -7.68 -9.27 -47.61
C PRO D 81 -9.11 -9.15 -47.04
N GLY D 82 -9.65 -7.95 -47.03
CA GLY D 82 -11.03 -7.77 -46.57
C GLY D 82 -11.28 -8.25 -45.16
N GLN D 83 -10.56 -7.68 -44.19
CA GLN D 83 -10.70 -8.14 -42.79
C GLN D 83 -10.99 -6.94 -41.89
N THR D 84 -11.08 -7.18 -40.58
CA THR D 84 -11.48 -6.12 -39.69
C THR D 84 -11.11 -6.46 -38.26
N GLY D 85 -10.81 -5.41 -37.49
CA GLY D 85 -10.21 -5.50 -36.17
C GLY D 85 -8.99 -4.60 -36.07
N ASN D 86 -8.46 -4.51 -34.84
CA ASN D 86 -7.42 -3.48 -34.57
C ASN D 86 -6.18 -3.65 -35.44
N ILE D 87 -5.79 -4.88 -35.75
CA ILE D 87 -4.59 -5.05 -36.56
C ILE D 87 -4.84 -4.55 -37.99
N ALA D 88 -5.96 -4.93 -38.60
CA ALA D 88 -6.25 -4.47 -39.95
C ALA D 88 -6.70 -3.00 -39.97
N ASP D 89 -7.30 -2.52 -38.90
CA ASP D 89 -7.80 -1.16 -38.90
C ASP D 89 -6.71 -0.15 -38.60
N TYR D 90 -5.74 -0.48 -37.74
CA TYR D 90 -4.85 0.54 -37.22
C TYR D 90 -3.37 0.19 -37.37
N ASN D 91 -3.03 -0.98 -37.91
CA ASN D 91 -1.63 -1.42 -37.94
C ASN D 91 -1.17 -1.94 -39.30
N TYR D 92 -1.94 -2.85 -39.91
CA TYR D 92 -1.51 -3.48 -41.17
C TYR D 92 -2.73 -3.88 -41.98
N LYS D 93 -2.94 -3.22 -43.11
CA LYS D 93 -4.09 -3.43 -43.96
C LYS D 93 -3.65 -3.92 -45.32
N LEU D 94 -4.35 -4.92 -45.85
CA LEU D 94 -4.04 -5.49 -47.15
C LEU D 94 -5.12 -5.17 -48.18
N PRO D 95 -4.71 -4.81 -49.39
CA PRO D 95 -5.70 -4.42 -50.40
C PRO D 95 -6.57 -5.61 -50.72
N ASP D 96 -7.85 -5.34 -50.95
CA ASP D 96 -8.80 -6.43 -51.21
C ASP D 96 -8.26 -7.28 -52.38
N ASP D 97 -7.59 -6.64 -53.33
CA ASP D 97 -7.01 -7.38 -54.49
C ASP D 97 -5.66 -7.94 -54.10
N PHE D 98 -5.55 -8.55 -52.93
CA PHE D 98 -4.21 -9.01 -52.49
C PHE D 98 -3.77 -10.17 -53.36
N THR D 99 -2.60 -10.03 -53.97
CA THR D 99 -2.02 -11.09 -54.78
C THR D 99 -0.71 -11.51 -54.10
N GLY D 100 -0.75 -12.59 -53.35
CA GLY D 100 0.43 -12.99 -52.60
C GLY D 100 0.09 -13.84 -51.40
N CYS D 101 1.12 -14.10 -50.59
CA CYS D 101 1.04 -15.15 -49.58
C CYS D 101 1.37 -14.64 -48.19
N VAL D 102 0.44 -14.88 -47.25
CA VAL D 102 0.67 -14.65 -45.81
C VAL D 102 1.20 -15.94 -45.16
N ILE D 103 2.27 -15.79 -44.36
CA ILE D 103 3.04 -16.90 -43.81
C ILE D 103 3.24 -16.66 -42.32
N ALA D 104 2.50 -17.40 -41.49
CA ALA D 104 2.50 -17.19 -40.05
C ALA D 104 2.96 -18.45 -39.33
N TRP D 105 3.89 -18.28 -38.39
CA TRP D 105 4.33 -19.39 -37.54
C TRP D 105 4.49 -18.98 -36.09
N ASN D 106 4.30 -19.97 -35.21
CA ASN D 106 4.29 -19.77 -33.77
C ASN D 106 5.71 -19.62 -33.22
N SER D 107 5.85 -18.75 -32.21
CA SER D 107 7.15 -18.26 -31.79
C SER D 107 7.17 -18.01 -30.28
N ASN D 108 6.53 -18.90 -29.52
CA ASN D 108 6.47 -18.75 -28.07
C ASN D 108 7.83 -18.96 -27.42
N LYS D 109 8.58 -19.95 -27.89
CA LYS D 109 9.89 -20.18 -27.33
C LYS D 109 10.80 -18.97 -27.46
N LEU D 110 10.61 -18.19 -28.53
CA LEU D 110 11.52 -17.14 -28.95
C LEU D 110 11.09 -15.75 -28.50
N ASP D 111 9.82 -15.43 -28.65
CA ASP D 111 9.36 -14.07 -28.42
C ASP D 111 8.78 -13.86 -27.03
N SER D 112 8.33 -14.95 -26.40
CA SER D 112 7.75 -14.91 -25.04
C SER D 112 8.85 -15.00 -23.99
N LYS D 113 8.64 -14.36 -22.84
CA LYS D 113 9.60 -14.46 -21.71
C LYS D 113 8.93 -14.69 -20.34
N HIS D 114 9.67 -15.25 -19.38
CA HIS D 114 9.05 -15.55 -18.06
C HIS D 114 8.22 -14.35 -17.54
N SER D 115 8.87 -13.18 -17.47
CA SER D 115 8.18 -11.96 -16.96
C SER D 115 7.09 -11.30 -17.82
N GLY D 116 7.10 -11.55 -19.13
CA GLY D 116 6.13 -10.88 -20.01
C GLY D 116 6.85 -10.09 -21.08
N ASN D 117 6.87 -10.62 -22.31
CA ASN D 117 7.55 -9.94 -23.43
C ASN D 117 6.76 -8.64 -23.66
N TYR D 118 7.41 -7.50 -23.60
CA TYR D 118 6.68 -6.21 -23.67
C TYR D 118 7.38 -5.34 -24.73
N ASP D 119 8.26 -5.95 -25.53
CA ASP D 119 8.99 -5.24 -26.60
C ASP D 119 8.18 -5.34 -27.89
N TYR D 120 6.96 -5.85 -27.82
CA TYR D 120 6.07 -5.90 -28.96
C TYR D 120 4.86 -5.04 -28.66
N TRP D 121 4.41 -4.30 -29.68
CA TRP D 121 3.43 -3.23 -29.47
C TRP D 121 2.45 -3.23 -30.64
N TYR D 122 1.29 -2.63 -30.42
CA TYR D 122 0.30 -2.51 -31.46
C TYR D 122 -0.55 -1.28 -31.21
N ARG D 123 -0.98 -0.63 -32.29
CA ARG D 123 -1.84 0.54 -32.15
C ARG D 123 -3.25 0.08 -31.80
N SER D 124 -3.80 0.59 -30.70
CA SER D 124 -5.16 0.24 -30.36
C SER D 124 -6.17 1.32 -30.72
N PHE D 125 -5.70 2.54 -30.96
CA PHE D 125 -6.56 3.68 -31.24
C PHE D 125 -6.00 4.47 -32.41
N ARG D 126 -6.86 4.81 -33.36
CA ARG D 126 -6.46 5.67 -34.45
C ARG D 126 -7.64 6.56 -34.83
N LYS D 127 -7.33 7.82 -35.20
CA LYS D 127 -8.38 8.71 -35.66
C LYS D 127 -9.10 8.13 -36.88
N SER D 128 -8.41 7.32 -37.67
CA SER D 128 -8.98 6.84 -38.92
C SER D 128 -8.26 5.57 -39.34
N LYS D 129 -8.93 4.77 -40.17
CA LYS D 129 -8.42 3.46 -40.53
C LYS D 129 -7.30 3.57 -41.56
N LEU D 130 -6.43 2.57 -41.62
CA LEU D 130 -5.28 2.64 -42.49
C LEU D 130 -5.60 2.29 -43.93
N LYS D 131 -4.97 3.02 -44.86
CA LYS D 131 -4.98 2.65 -46.26
C LYS D 131 -4.21 1.34 -46.41
N PRO D 132 -4.50 0.57 -47.45
CA PRO D 132 -3.70 -0.63 -47.73
C PRO D 132 -2.23 -0.29 -47.92
N PHE D 133 -1.38 -1.01 -47.20
CA PHE D 133 0.08 -0.82 -47.15
C PHE D 133 0.48 0.52 -46.59
N GLU D 134 -0.39 1.17 -45.81
CA GLU D 134 0.00 2.36 -45.07
C GLU D 134 0.62 2.00 -43.71
N ARG D 135 1.52 2.87 -43.25
CA ARG D 135 2.26 2.66 -42.01
C ARG D 135 2.25 3.94 -41.18
N ASP D 136 1.94 3.78 -39.89
CA ASP D 136 1.79 4.87 -38.93
C ASP D 136 2.59 4.50 -37.67
N ILE D 137 3.47 5.39 -37.24
CA ILE D 137 4.20 5.19 -35.99
C ILE D 137 4.10 6.39 -35.06
N SER D 138 3.13 7.27 -35.32
CA SER D 138 2.80 8.34 -34.39
C SER D 138 2.63 7.79 -32.98
N THR D 139 3.19 8.51 -32.03
CA THR D 139 2.94 8.22 -30.62
C THR D 139 2.13 9.36 -29.99
N GLU D 140 1.28 9.96 -30.79
CA GLU D 140 0.50 11.09 -30.34
C GLU D 140 -0.70 10.61 -29.55
N ILE D 141 -0.97 11.31 -28.44
CA ILE D 141 -2.03 10.98 -27.52
C ILE D 141 -3.36 11.01 -28.24
N TYR D 142 -4.03 9.86 -28.33
CA TYR D 142 -5.36 9.81 -28.94
C TYR D 142 -6.37 10.54 -28.05
N GLN D 143 -7.04 11.54 -28.61
CA GLN D 143 -8.10 12.26 -27.94
C GLN D 143 -9.43 11.66 -28.37
N ALA D 144 -10.22 11.21 -27.40
CA ALA D 144 -11.49 10.55 -27.69
C ALA D 144 -12.68 11.47 -27.51
N GLY D 145 -12.68 12.29 -26.48
CA GLY D 145 -13.72 13.29 -26.33
C GLY D 145 -13.40 14.55 -27.08
N ASN D 146 -13.35 15.67 -26.38
CA ASN D 146 -13.10 16.96 -27.02
C ASN D 146 -12.16 17.87 -26.26
N LYS D 147 -11.78 17.47 -25.05
CA LYS D 147 -10.84 18.27 -24.22
C LYS D 147 -9.41 18.09 -24.73
N PRO D 148 -8.74 19.17 -25.17
CA PRO D 148 -7.39 19.04 -25.71
C PRO D 148 -6.62 18.14 -24.75
N CYS D 149 -6.02 17.07 -25.27
CA CYS D 149 -5.28 16.10 -24.44
C CYS D 149 -4.09 16.78 -23.75
N LYS D 150 -3.72 16.31 -22.56
CA LYS D 150 -2.51 16.84 -21.88
C LYS D 150 -1.75 15.67 -21.26
N GLY D 151 -0.77 15.15 -22.02
CA GLY D 151 -0.11 13.90 -21.60
C GLY D 151 -1.16 12.82 -21.78
N LYS D 152 -1.31 11.92 -20.82
CA LYS D 152 -2.41 10.94 -20.91
C LYS D 152 -3.52 11.50 -20.02
N GLY D 153 -4.46 10.67 -19.59
CA GLY D 153 -5.48 11.17 -18.65
C GLY D 153 -6.89 10.76 -18.99
N PRO D 154 -7.91 11.42 -18.41
CA PRO D 154 -9.32 11.09 -18.64
C PRO D 154 -9.80 11.38 -20.06
N ASN D 155 -10.43 10.39 -20.72
CA ASN D 155 -10.98 10.57 -22.08
C ASN D 155 -9.82 10.85 -23.06
N CYS D 156 -8.57 10.63 -22.64
CA CYS D 156 -7.38 10.75 -23.53
C CYS D 156 -6.46 9.54 -23.25
N TYR D 157 -6.09 8.78 -24.27
CA TYR D 157 -5.32 7.54 -24.12
C TYR D 157 -4.03 7.59 -24.92
N PHE D 158 -3.06 6.83 -24.48
CA PHE D 158 -1.84 6.73 -25.25
C PHE D 158 -2.02 5.66 -26.33
N PRO D 159 -1.61 5.92 -27.57
CA PRO D 159 -2.16 5.17 -28.70
C PRO D 159 -1.57 3.80 -28.90
N LEU D 160 -0.48 3.46 -28.22
CA LEU D 160 0.07 2.12 -28.38
C LEU D 160 -0.15 1.30 -27.10
N GLN D 161 -0.23 -0.02 -27.26
CA GLN D 161 -0.48 -0.96 -26.18
C GLN D 161 0.39 -2.18 -26.43
N SER D 162 0.97 -2.73 -25.41
CA SER D 162 1.87 -3.83 -25.69
C SER D 162 1.26 -5.16 -25.34
N TYR D 163 1.75 -6.20 -26.03
CA TYR D 163 1.30 -7.56 -25.69
C TYR D 163 2.35 -8.14 -24.76
N GLY D 164 2.04 -8.37 -23.49
CA GLY D 164 2.99 -9.08 -22.62
C GLY D 164 3.00 -10.49 -23.13
N PHE D 165 4.17 -11.13 -23.17
CA PHE D 165 4.26 -12.46 -23.79
C PHE D 165 4.96 -13.41 -22.84
N ARG D 166 4.19 -14.34 -22.28
CA ARG D 166 4.73 -15.36 -21.37
C ARG D 166 4.47 -16.73 -21.97
N PRO D 167 5.21 -17.76 -21.55
CA PRO D 167 4.98 -19.10 -22.10
C PRO D 167 3.67 -19.73 -21.63
N THR D 168 3.12 -19.31 -20.51
CA THR D 168 1.88 -19.94 -20.06
C THR D 168 0.66 -19.48 -20.86
N TYR D 169 0.75 -18.34 -21.56
CA TYR D 169 -0.36 -17.87 -22.40
C TYR D 169 -0.91 -18.93 -23.32
N GLY D 170 -2.24 -19.01 -23.36
CA GLY D 170 -2.92 -19.86 -24.31
C GLY D 170 -2.53 -19.52 -25.72
N VAL D 171 -2.77 -20.46 -26.64
CA VAL D 171 -2.21 -20.33 -27.98
C VAL D 171 -2.74 -19.07 -28.67
N GLY D 172 -3.96 -18.67 -28.34
CA GLY D 172 -4.58 -17.55 -29.02
C GLY D 172 -4.01 -16.21 -28.65
N HIS D 173 -3.15 -16.16 -27.62
CA HIS D 173 -2.47 -14.94 -27.19
C HIS D 173 -0.96 -15.07 -27.26
N GLN D 174 -0.42 -16.16 -27.81
CA GLN D 174 1.02 -16.31 -28.00
C GLN D 174 1.51 -15.51 -29.21
N PRO D 175 2.82 -15.27 -29.29
CA PRO D 175 3.36 -14.55 -30.45
C PRO D 175 3.46 -15.45 -31.68
N TYR D 176 2.95 -14.93 -32.80
CA TYR D 176 3.13 -15.48 -34.12
C TYR D 176 3.96 -14.48 -34.93
N ARG D 177 5.01 -14.96 -35.57
CA ARG D 177 5.70 -14.17 -36.57
C ARG D 177 4.96 -14.29 -37.90
N VAL D 178 4.62 -13.15 -38.49
CA VAL D 178 4.05 -13.08 -39.83
C VAL D 178 5.10 -12.56 -40.81
N VAL D 179 5.08 -13.11 -42.01
CA VAL D 179 5.78 -12.59 -43.16
C VAL D 179 4.77 -12.64 -44.30
N VAL D 180 4.36 -11.46 -44.79
CA VAL D 180 3.46 -11.33 -45.95
C VAL D 180 4.33 -11.11 -47.17
N LEU D 181 3.93 -11.70 -48.30
CA LEU D 181 4.63 -11.57 -49.57
C LEU D 181 3.67 -10.99 -50.62
N SER D 182 4.03 -9.83 -51.17
CA SER D 182 3.29 -9.19 -52.25
C SER D 182 4.05 -9.46 -53.53
N PHE D 183 3.41 -10.17 -54.45
CA PHE D 183 3.96 -10.38 -55.77
C PHE D 183 3.45 -9.29 -56.70
N GLU D 184 4.39 -8.60 -57.35
CA GLU D 184 4.11 -7.34 -58.00
C GLU D 184 4.61 -7.43 -59.43
N LEU D 185 3.74 -7.05 -60.36
CA LEU D 185 3.83 -7.37 -61.78
C LEU D 185 3.43 -6.12 -62.55
N LEU D 186 4.42 -5.32 -62.94
CA LEU D 186 4.22 -3.99 -63.49
C LEU D 186 4.84 -3.89 -64.88
N HIS D 187 4.86 -2.67 -65.41
CA HIS D 187 5.66 -2.42 -66.61
C HIS D 187 7.13 -2.75 -66.39
N ALA D 188 7.53 -2.98 -65.14
CA ALA D 188 8.92 -3.30 -64.83
C ALA D 188 9.28 -4.69 -65.36
N PRO D 189 10.42 -4.83 -66.02
CA PRO D 189 10.98 -6.15 -66.34
C PRO D 189 11.09 -7.10 -65.15
N ALA D 190 10.46 -8.27 -65.23
CA ALA D 190 10.49 -9.23 -64.12
C ALA D 190 11.88 -9.82 -63.96
N THR D 191 12.37 -9.84 -62.71
CA THR D 191 13.72 -10.31 -62.40
C THR D 191 13.80 -11.14 -61.12
N VAL D 192 12.67 -11.65 -60.62
CA VAL D 192 12.62 -12.55 -59.48
C VAL D 192 11.83 -13.77 -59.91
N CYS D 193 12.50 -14.91 -60.12
CA CYS D 193 11.94 -15.98 -60.93
C CYS D 193 12.13 -17.33 -60.24
N GLY D 194 11.51 -18.35 -60.81
CA GLY D 194 11.68 -19.68 -60.27
C GLY D 194 13.05 -20.27 -60.50
C1 NAG E . 8.83 -22.06 -4.56
C2 NAG E . 9.31 -21.98 -6.02
C3 NAG E . 10.79 -21.61 -6.13
C4 NAG E . 11.01 -20.31 -5.36
C5 NAG E . 10.59 -20.56 -3.91
C6 NAG E . 10.80 -19.37 -3.03
C7 NAG E . 9.29 -24.43 -6.66
C8 NAG E . 10.20 -24.77 -5.51
N2 NAG E . 8.96 -23.14 -6.84
O3 NAG E . 11.16 -21.45 -7.48
O4 NAG E . 12.36 -19.86 -5.44
O5 NAG E . 9.19 -20.86 -3.86
O6 NAG E . 9.59 -19.09 -2.35
O7 NAG E . 8.88 -25.29 -7.43
C1 NAG E . 12.46 -18.53 -5.98
C2 NAG E . 13.79 -17.97 -5.53
C3 NAG E . 14.02 -16.59 -6.13
C4 NAG E . 13.87 -16.61 -7.65
C5 NAG E . 12.55 -17.26 -8.05
C6 NAG E . 12.47 -17.53 -9.54
C7 NAG E . 14.91 -18.36 -3.36
C8 NAG E . 15.99 -19.03 -4.15
N2 NAG E . 13.87 -17.89 -4.08
O3 NAG E . 15.34 -16.19 -5.77
O4 NAG E . 13.90 -15.29 -8.20
O5 NAG E . 12.39 -18.54 -7.40
O6 NAG E . 11.40 -18.42 -9.84
O7 NAG E . 14.96 -18.27 -2.15
C1 BMA E . 15.13 -14.99 -8.88
C2 BMA E . 14.78 -14.30 -10.18
C3 BMA E . 16.08 -13.92 -10.95
C4 BMA E . 17.04 -13.11 -10.06
C5 BMA E . 17.24 -13.83 -8.71
C6 BMA E . 18.09 -13.05 -7.69
O2 BMA E . 14.12 -13.07 -9.91
O3 BMA E . 15.81 -13.24 -12.18
O4 BMA E . 18.30 -12.94 -10.73
O5 BMA E . 15.93 -14.12 -8.12
O6 BMA E . 17.61 -11.69 -7.57
C1 MAN E . 18.02 -11.04 -6.34
C2 MAN E . 16.73 -10.47 -5.69
C3 MAN E . 16.10 -9.48 -6.62
C4 MAN E . 17.11 -8.34 -6.99
C5 MAN E . 18.52 -8.92 -7.43
C6 MAN E . 19.63 -7.87 -7.47
O2 MAN E . 17.05 -9.68 -4.57
O3 MAN E . 14.91 -8.91 -6.05
O4 MAN E . 16.56 -7.50 -8.01
O5 MAN E . 18.99 -10.02 -6.55
O6 MAN E . 19.18 -6.75 -8.24
C1 NAG F . -10.84 17.97 12.16
C2 NAG F . -11.24 19.13 11.25
C3 NAG F . -12.52 18.83 10.48
C4 NAG F . -12.54 17.42 9.94
C5 NAG F . -12.37 16.47 11.13
C6 NAG F . -12.51 15.02 10.76
C7 NAG F . -10.57 21.37 11.97
C8 NAG F . -9.87 21.57 10.67
N2 NAG F . -11.42 20.34 12.03
O3 NAG F . -12.65 19.78 9.42
O4 NAG F . -13.77 17.15 9.29
O5 NAG F . -11.04 16.67 11.63
O6 NAG F . -11.24 14.39 10.67
O7 NAG F . -10.39 22.10 12.94
C1 NAG G . 29.40 19.94 -6.88
C2 NAG G . 30.32 21.07 -7.33
C3 NAG G . 29.62 22.42 -7.14
C4 NAG G . 28.24 22.40 -7.77
C5 NAG G . 27.45 21.21 -7.22
C6 NAG G . 26.07 21.09 -7.83
C7 NAG G . 32.72 20.61 -7.14
C8 NAG G . 32.70 20.36 -8.62
N2 NAG G . 31.58 21.07 -6.62
O3 NAG G . 30.42 23.44 -7.71
O4 NAG G . 27.55 23.60 -7.44
O5 NAG G . 28.15 20.00 -7.54
O6 NAG G . 25.42 19.93 -7.33
O7 NAG G . 33.71 20.41 -6.45
C1 NAG H . 20.12 44.54 24.41
C2 NAG H . 20.25 44.47 25.95
C3 NAG H . 18.93 44.88 26.62
C4 NAG H . 18.40 46.19 26.04
C5 NAG H . 18.35 46.12 24.52
C6 NAG H . 17.89 47.41 23.87
C7 NAG H . 21.46 42.85 27.37
C8 NAG H . 22.06 44.03 28.08
N2 NAG H . 20.62 43.13 26.36
O3 NAG H . 19.12 45.01 28.03
O4 NAG H . 17.08 46.42 26.55
O5 NAG H . 19.66 45.84 24.02
O6 NAG H . 18.29 48.55 24.62
O7 NAG H . 21.72 41.70 27.69
ZN ZN I . 13.88 20.04 20.36
ZN ZN J . -16.31 -26.11 -8.18
C1 NAG K . -1.71 35.23 -23.51
C2 NAG K . -2.53 35.91 -22.40
C3 NAG K . -4.02 35.82 -22.67
C4 NAG K . -4.34 36.21 -24.11
C5 NAG K . -3.52 35.34 -25.04
C6 NAG K . -3.78 35.62 -26.51
C7 NAG K . -1.35 35.89 -20.24
C8 NAG K . -1.80 37.13 -19.54
N2 NAG K . -2.22 35.35 -21.10
O3 NAG K . -4.72 36.66 -21.76
O4 NAG K . -5.72 36.01 -24.37
O5 NAG K . -2.12 35.61 -24.81
O6 NAG K . -5.17 35.47 -26.81
O7 NAG K . -0.24 35.41 -20.07
C1 NAG L . -10.33 43.39 -17.00
C2 NAG L . -11.38 43.16 -15.90
C3 NAG L . -12.68 42.63 -16.52
C4 NAG L . -13.20 43.63 -17.55
C5 NAG L . -12.12 43.93 -18.61
C6 NAG L . -12.54 45.03 -19.55
C7 NAG L . -11.36 42.30 -13.61
C8 NAG L . -10.76 41.30 -12.65
N2 NAG L . -10.91 42.25 -14.86
O3 NAG L . -13.68 42.39 -15.53
O4 NAG L . -14.37 43.11 -18.17
O5 NAG L . -10.89 44.33 -18.01
O6 NAG L . -13.82 44.78 -20.13
O7 NAG L . -12.20 43.11 -13.25
C1 NAG M . 14.10 -4.41 -41.86
C2 NAG M . 15.23 -5.33 -41.33
C3 NAG M . 16.59 -4.75 -41.68
C4 NAG M . 16.71 -4.57 -43.19
C5 NAG M . 15.65 -3.55 -43.62
C6 NAG M . 15.66 -3.26 -45.11
C7 NAG M . 14.70 -6.65 -39.31
C8 NAG M . 14.43 -7.81 -40.24
N2 NAG M . 15.08 -5.50 -39.89
O3 NAG M . 17.63 -5.59 -41.17
O4 NAG M . 18.02 -4.17 -43.60
O5 NAG M . 14.35 -4.07 -43.29
O6 NAG M . 16.66 -2.32 -45.49
O7 NAG M . 14.56 -6.75 -38.10
#